data_2HH6
# 
_entry.id   2HH6 
# 
_audit_conform.dict_name       mmcif_pdbx.dic 
_audit_conform.dict_version    5.399 
_audit_conform.dict_location   http://mmcif.pdb.org/dictionaries/ascii/mmcif_pdbx.dic 
# 
loop_
_database_2.database_id 
_database_2.database_code 
_database_2.pdbx_database_accession 
_database_2.pdbx_DOI 
PDB   2HH6         pdb_00002hh6 10.2210/pdb2hh6/pdb 
RCSB  RCSB038343   ?            ?                   
WWPDB D_1000038343 ?            ?                   
# 
loop_
_pdbx_audit_revision_history.ordinal 
_pdbx_audit_revision_history.data_content_type 
_pdbx_audit_revision_history.major_revision 
_pdbx_audit_revision_history.minor_revision 
_pdbx_audit_revision_history.revision_date 
1 'Structure model' 1 0 2006-08-22 
2 'Structure model' 1 1 2008-05-01 
3 'Structure model' 1 2 2011-07-13 
4 'Structure model' 1 3 2017-10-18 
5 'Structure model' 1 4 2023-01-25 
6 'Structure model' 1 5 2024-11-20 
# 
_pdbx_audit_revision_details.ordinal             1 
_pdbx_audit_revision_details.revision_ordinal    1 
_pdbx_audit_revision_details.data_content_type   'Structure model' 
_pdbx_audit_revision_details.provider            repository 
_pdbx_audit_revision_details.type                'Initial release' 
_pdbx_audit_revision_details.description         ? 
_pdbx_audit_revision_details.details             ? 
# 
loop_
_pdbx_audit_revision_group.ordinal 
_pdbx_audit_revision_group.revision_ordinal 
_pdbx_audit_revision_group.data_content_type 
_pdbx_audit_revision_group.group 
1 2 'Structure model' 'Version format compliance' 
2 3 'Structure model' Advisory                    
3 3 'Structure model' 'Derived calculations'      
4 3 'Structure model' 'Version format compliance' 
5 4 'Structure model' 'Refinement description'    
6 5 'Structure model' 'Database references'       
7 5 'Structure model' 'Derived calculations'      
8 6 'Structure model' 'Data collection'           
9 6 'Structure model' 'Structure summary'         
# 
loop_
_pdbx_audit_revision_category.ordinal 
_pdbx_audit_revision_category.revision_ordinal 
_pdbx_audit_revision_category.data_content_type 
_pdbx_audit_revision_category.category 
1 4 'Structure model' software                  
2 5 'Structure model' database_2                
3 5 'Structure model' struct_conn               
4 5 'Structure model' struct_ref_seq_dif        
5 6 'Structure model' chem_comp_atom            
6 6 'Structure model' chem_comp_bond            
7 6 'Structure model' pdbx_entry_details        
8 6 'Structure model' pdbx_modification_feature 
# 
loop_
_pdbx_audit_revision_item.ordinal 
_pdbx_audit_revision_item.revision_ordinal 
_pdbx_audit_revision_item.data_content_type 
_pdbx_audit_revision_item.item 
1 4 'Structure model' '_software.classification'            
2 4 'Structure model' '_software.name'                      
3 5 'Structure model' '_database_2.pdbx_DOI'                
4 5 'Structure model' '_database_2.pdbx_database_accession' 
5 5 'Structure model' '_struct_conn.pdbx_leaving_atom_flag' 
6 5 'Structure model' '_struct_ref_seq_dif.details'         
# 
_pdbx_database_status.SG_entry                        Y 
_pdbx_database_status.entry_id                        2HH6 
_pdbx_database_status.deposit_site                    RCSB 
_pdbx_database_status.process_site                    RCSB 
_pdbx_database_status.recvd_initial_deposition_date   2006-06-27 
_pdbx_database_status.status_code                     REL 
_pdbx_database_status.status_code_sf                  REL 
_pdbx_database_status.status_code_mr                  ? 
_pdbx_database_status.pdb_format_compatible           Y 
_pdbx_database_status.status_code_cs                  ? 
_pdbx_database_status.methods_development_category    ? 
_pdbx_database_status.status_code_nmr_data            ? 
# 
_pdbx_database_related.db_name        TargetDB 
_pdbx_database_related.db_id          361188 
_pdbx_database_related.details        . 
_pdbx_database_related.content_type   unspecified 
# 
_audit_author.name           'Joint Center for Structural Genomics (JCSG)' 
_audit_author.pdbx_ordinal   1 
# 
_citation.id                        primary 
_citation.title                     'Crystal structure of BH3980 (10176605) from BACILLUS HALODURANS at 2.04 A resolution' 
_citation.journal_abbrev            'To be published' 
_citation.journal_volume            ? 
_citation.page_first                ? 
_citation.page_last                 ? 
_citation.year                      ? 
_citation.journal_id_ASTM           ? 
_citation.country                   ? 
_citation.journal_id_ISSN           ? 
_citation.journal_id_CSD            0353 
_citation.book_publisher            ? 
_citation.pdbx_database_id_PubMed   ? 
_citation.pdbx_database_id_DOI      ? 
# 
_citation_author.citation_id        primary 
_citation_author.name               'Joint Center for Structural Genomics (JCSG)' 
_citation_author.ordinal            1 
_citation_author.identifier_ORCID   ? 
# 
loop_
_entity.id 
_entity.type 
_entity.src_method 
_entity.pdbx_description 
_entity.formula_weight 
_entity.pdbx_number_of_molecules 
_entity.pdbx_ec 
_entity.pdbx_mutation 
_entity.pdbx_fragment 
_entity.details 
1 polymer man 'BH3980 protein' 13261.146 1  ? ? ? ? 
2 water   nat water            18.015    78 ? ? ? ? 
# 
_entity_poly.entity_id                      1 
_entity_poly.type                           'polypeptide(L)' 
_entity_poly.nstd_linkage                   no 
_entity_poly.nstd_monomer                   yes 
_entity_poly.pdbx_seq_one_letter_code       
;G(MSE)SFIEK(MSE)IGSLNDKREWKA(MSE)EARAKALPKEYHHAYKAIQKY(MSE)WTSGGPTDWQDTKRIFGGILD
LFEEGAAEGKKVTDLTGEDVAAFCDEL(MSE)KDTKTW(MSE)DKYRTKLNDSIGRD
;
_entity_poly.pdbx_seq_one_letter_code_can   
;GMSFIEKMIGSLNDKREWKAMEARAKALPKEYHHAYKAIQKYMWTSGGPTDWQDTKRIFGGILDLFEEGAAEGKKVTDLT
GEDVAAFCDELMKDTKTWMDKYRTKLNDSIGRD
;
_entity_poly.pdbx_strand_id                 A 
_entity_poly.pdbx_target_identifier         361188 
# 
_pdbx_entity_nonpoly.entity_id   2 
_pdbx_entity_nonpoly.name        water 
_pdbx_entity_nonpoly.comp_id     HOH 
# 
loop_
_entity_poly_seq.entity_id 
_entity_poly_seq.num 
_entity_poly_seq.mon_id 
_entity_poly_seq.hetero 
1 1   GLY n 
1 2   MSE n 
1 3   SER n 
1 4   PHE n 
1 5   ILE n 
1 6   GLU n 
1 7   LYS n 
1 8   MSE n 
1 9   ILE n 
1 10  GLY n 
1 11  SER n 
1 12  LEU n 
1 13  ASN n 
1 14  ASP n 
1 15  LYS n 
1 16  ARG n 
1 17  GLU n 
1 18  TRP n 
1 19  LYS n 
1 20  ALA n 
1 21  MSE n 
1 22  GLU n 
1 23  ALA n 
1 24  ARG n 
1 25  ALA n 
1 26  LYS n 
1 27  ALA n 
1 28  LEU n 
1 29  PRO n 
1 30  LYS n 
1 31  GLU n 
1 32  TYR n 
1 33  HIS n 
1 34  HIS n 
1 35  ALA n 
1 36  TYR n 
1 37  LYS n 
1 38  ALA n 
1 39  ILE n 
1 40  GLN n 
1 41  LYS n 
1 42  TYR n 
1 43  MSE n 
1 44  TRP n 
1 45  THR n 
1 46  SER n 
1 47  GLY n 
1 48  GLY n 
1 49  PRO n 
1 50  THR n 
1 51  ASP n 
1 52  TRP n 
1 53  GLN n 
1 54  ASP n 
1 55  THR n 
1 56  LYS n 
1 57  ARG n 
1 58  ILE n 
1 59  PHE n 
1 60  GLY n 
1 61  GLY n 
1 62  ILE n 
1 63  LEU n 
1 64  ASP n 
1 65  LEU n 
1 66  PHE n 
1 67  GLU n 
1 68  GLU n 
1 69  GLY n 
1 70  ALA n 
1 71  ALA n 
1 72  GLU n 
1 73  GLY n 
1 74  LYS n 
1 75  LYS n 
1 76  VAL n 
1 77  THR n 
1 78  ASP n 
1 79  LEU n 
1 80  THR n 
1 81  GLY n 
1 82  GLU n 
1 83  ASP n 
1 84  VAL n 
1 85  ALA n 
1 86  ALA n 
1 87  PHE n 
1 88  CYS n 
1 89  ASP n 
1 90  GLU n 
1 91  LEU n 
1 92  MSE n 
1 93  LYS n 
1 94  ASP n 
1 95  THR n 
1 96  LYS n 
1 97  THR n 
1 98  TRP n 
1 99  MSE n 
1 100 ASP n 
1 101 LYS n 
1 102 TYR n 
1 103 ARG n 
1 104 THR n 
1 105 LYS n 
1 106 LEU n 
1 107 ASN n 
1 108 ASP n 
1 109 SER n 
1 110 ILE n 
1 111 GLY n 
1 112 ARG n 
1 113 ASP n 
# 
_entity_src_gen.entity_id                          1 
_entity_src_gen.pdbx_src_id                        1 
_entity_src_gen.pdbx_alt_source_flag               sample 
_entity_src_gen.pdbx_seq_type                      ? 
_entity_src_gen.pdbx_beg_seq_num                   ? 
_entity_src_gen.pdbx_end_seq_num                   ? 
_entity_src_gen.gene_src_common_name               ? 
_entity_src_gen.gene_src_genus                     Bacillus 
_entity_src_gen.pdbx_gene_src_gene                 10176605 
_entity_src_gen.gene_src_species                   ? 
_entity_src_gen.gene_src_strain                    ? 
_entity_src_gen.gene_src_tissue                    ? 
_entity_src_gen.gene_src_tissue_fraction           ? 
_entity_src_gen.gene_src_details                   ? 
_entity_src_gen.pdbx_gene_src_fragment             ? 
_entity_src_gen.pdbx_gene_src_scientific_name      'Bacillus halodurans' 
_entity_src_gen.pdbx_gene_src_ncbi_taxonomy_id     86665 
_entity_src_gen.pdbx_gene_src_variant              ? 
_entity_src_gen.pdbx_gene_src_cell_line            ? 
_entity_src_gen.pdbx_gene_src_atcc                 ? 
_entity_src_gen.pdbx_gene_src_organ                ? 
_entity_src_gen.pdbx_gene_src_organelle            ? 
_entity_src_gen.pdbx_gene_src_cell                 ? 
_entity_src_gen.pdbx_gene_src_cellular_location    ? 
_entity_src_gen.host_org_common_name               ? 
_entity_src_gen.pdbx_host_org_scientific_name      'Escherichia coli' 
_entity_src_gen.pdbx_host_org_ncbi_taxonomy_id     562 
_entity_src_gen.host_org_genus                     Escherichia 
_entity_src_gen.pdbx_host_org_gene                 ? 
_entity_src_gen.pdbx_host_org_organ                ? 
_entity_src_gen.host_org_species                   ? 
_entity_src_gen.pdbx_host_org_tissue               ? 
_entity_src_gen.pdbx_host_org_tissue_fraction      ? 
_entity_src_gen.pdbx_host_org_strain               ? 
_entity_src_gen.pdbx_host_org_variant              ? 
_entity_src_gen.pdbx_host_org_cell_line            ? 
_entity_src_gen.pdbx_host_org_atcc                 ? 
_entity_src_gen.pdbx_host_org_culture_collection   ? 
_entity_src_gen.pdbx_host_org_cell                 ? 
_entity_src_gen.pdbx_host_org_organelle            ? 
_entity_src_gen.pdbx_host_org_cellular_location    ? 
_entity_src_gen.pdbx_host_org_vector_type          Plasmid 
_entity_src_gen.pdbx_host_org_vector               ? 
_entity_src_gen.host_org_details                   ? 
_entity_src_gen.expression_system_id               ? 
_entity_src_gen.plasmid_name                       ? 
_entity_src_gen.plasmid_details                    ? 
_entity_src_gen.pdbx_description                   ? 
# 
loop_
_chem_comp.id 
_chem_comp.type 
_chem_comp.mon_nstd_flag 
_chem_comp.name 
_chem_comp.pdbx_synonyms 
_chem_comp.formula 
_chem_comp.formula_weight 
ALA 'L-peptide linking' y ALANINE          ? 'C3 H7 N O2'     89.093  
ARG 'L-peptide linking' y ARGININE         ? 'C6 H15 N4 O2 1' 175.209 
ASN 'L-peptide linking' y ASPARAGINE       ? 'C4 H8 N2 O3'    132.118 
ASP 'L-peptide linking' y 'ASPARTIC ACID'  ? 'C4 H7 N O4'     133.103 
CYS 'L-peptide linking' y CYSTEINE         ? 'C3 H7 N O2 S'   121.158 
GLN 'L-peptide linking' y GLUTAMINE        ? 'C5 H10 N2 O3'   146.144 
GLU 'L-peptide linking' y 'GLUTAMIC ACID'  ? 'C5 H9 N O4'     147.129 
GLY 'peptide linking'   y GLYCINE          ? 'C2 H5 N O2'     75.067  
HIS 'L-peptide linking' y HISTIDINE        ? 'C6 H10 N3 O2 1' 156.162 
HOH non-polymer         . WATER            ? 'H2 O'           18.015  
ILE 'L-peptide linking' y ISOLEUCINE       ? 'C6 H13 N O2'    131.173 
LEU 'L-peptide linking' y LEUCINE          ? 'C6 H13 N O2'    131.173 
LYS 'L-peptide linking' y LYSINE           ? 'C6 H15 N2 O2 1' 147.195 
MET 'L-peptide linking' y METHIONINE       ? 'C5 H11 N O2 S'  149.211 
MSE 'L-peptide linking' n SELENOMETHIONINE ? 'C5 H11 N O2 Se' 196.106 
PHE 'L-peptide linking' y PHENYLALANINE    ? 'C9 H11 N O2'    165.189 
PRO 'L-peptide linking' y PROLINE          ? 'C5 H9 N O2'     115.130 
SER 'L-peptide linking' y SERINE           ? 'C3 H7 N O3'     105.093 
THR 'L-peptide linking' y THREONINE        ? 'C4 H9 N O3'     119.119 
TRP 'L-peptide linking' y TRYPTOPHAN       ? 'C11 H12 N2 O2'  204.225 
TYR 'L-peptide linking' y TYROSINE         ? 'C9 H11 N O3'    181.189 
VAL 'L-peptide linking' y VALINE           ? 'C5 H11 N O2'    117.146 
# 
loop_
_pdbx_poly_seq_scheme.asym_id 
_pdbx_poly_seq_scheme.entity_id 
_pdbx_poly_seq_scheme.seq_id 
_pdbx_poly_seq_scheme.mon_id 
_pdbx_poly_seq_scheme.ndb_seq_num 
_pdbx_poly_seq_scheme.pdb_seq_num 
_pdbx_poly_seq_scheme.auth_seq_num 
_pdbx_poly_seq_scheme.pdb_mon_id 
_pdbx_poly_seq_scheme.auth_mon_id 
_pdbx_poly_seq_scheme.pdb_strand_id 
_pdbx_poly_seq_scheme.pdb_ins_code 
_pdbx_poly_seq_scheme.hetero 
A 1 1   GLY 1   0   ?   ?   ?   A . n 
A 1 2   MSE 2   1   1   MSE MSE A . n 
A 1 3   SER 3   2   2   SER SER A . n 
A 1 4   PHE 4   3   3   PHE PHE A . n 
A 1 5   ILE 5   4   4   ILE ILE A . n 
A 1 6   GLU 6   5   5   GLU GLU A . n 
A 1 7   LYS 7   6   6   LYS LYS A . n 
A 1 8   MSE 8   7   7   MSE MSE A . n 
A 1 9   ILE 9   8   8   ILE ILE A . n 
A 1 10  GLY 10  9   9   GLY GLY A . n 
A 1 11  SER 11  10  10  SER SER A . n 
A 1 12  LEU 12  11  11  LEU LEU A . n 
A 1 13  ASN 13  12  12  ASN ASN A . n 
A 1 14  ASP 14  13  13  ASP ASP A . n 
A 1 15  LYS 15  14  14  LYS LYS A . n 
A 1 16  ARG 16  15  15  ARG ARG A . n 
A 1 17  GLU 17  16  16  GLU GLU A . n 
A 1 18  TRP 18  17  17  TRP TRP A . n 
A 1 19  LYS 19  18  18  LYS LYS A . n 
A 1 20  ALA 20  19  19  ALA ALA A . n 
A 1 21  MSE 21  20  20  MSE MSE A . n 
A 1 22  GLU 22  21  21  GLU GLU A . n 
A 1 23  ALA 23  22  22  ALA ALA A . n 
A 1 24  ARG 24  23  23  ARG ARG A . n 
A 1 25  ALA 25  24  24  ALA ALA A . n 
A 1 26  LYS 26  25  25  LYS LYS A . n 
A 1 27  ALA 27  26  26  ALA ALA A . n 
A 1 28  LEU 28  27  27  LEU LEU A . n 
A 1 29  PRO 29  28  28  PRO PRO A . n 
A 1 30  LYS 30  29  29  LYS LYS A . n 
A 1 31  GLU 31  30  30  GLU GLU A . n 
A 1 32  TYR 32  31  31  TYR TYR A . n 
A 1 33  HIS 33  32  32  HIS HIS A . n 
A 1 34  HIS 34  33  33  HIS HIS A . n 
A 1 35  ALA 35  34  34  ALA ALA A . n 
A 1 36  TYR 36  35  35  TYR TYR A . n 
A 1 37  LYS 37  36  36  LYS LYS A . n 
A 1 38  ALA 38  37  37  ALA ALA A . n 
A 1 39  ILE 39  38  38  ILE ILE A . n 
A 1 40  GLN 40  39  39  GLN GLN A . n 
A 1 41  LYS 41  40  40  LYS LYS A . n 
A 1 42  TYR 42  41  41  TYR TYR A . n 
A 1 43  MSE 43  42  42  MSE MSE A . n 
A 1 44  TRP 44  43  43  TRP TRP A . n 
A 1 45  THR 45  44  44  THR THR A . n 
A 1 46  SER 46  45  45  SER SER A . n 
A 1 47  GLY 47  46  46  GLY GLY A . n 
A 1 48  GLY 48  47  47  GLY GLY A . n 
A 1 49  PRO 49  48  48  PRO PRO A . n 
A 1 50  THR 50  49  49  THR THR A . n 
A 1 51  ASP 51  50  50  ASP ASP A . n 
A 1 52  TRP 52  51  51  TRP TRP A . n 
A 1 53  GLN 53  52  52  GLN GLN A . n 
A 1 54  ASP 54  53  53  ASP ASP A . n 
A 1 55  THR 55  54  54  THR THR A . n 
A 1 56  LYS 56  55  55  LYS LYS A . n 
A 1 57  ARG 57  56  56  ARG ARG A . n 
A 1 58  ILE 58  57  57  ILE ILE A . n 
A 1 59  PHE 59  58  58  PHE PHE A . n 
A 1 60  GLY 60  59  59  GLY GLY A . n 
A 1 61  GLY 61  60  60  GLY GLY A . n 
A 1 62  ILE 62  61  61  ILE ILE A . n 
A 1 63  LEU 63  62  62  LEU LEU A . n 
A 1 64  ASP 64  63  63  ASP ASP A . n 
A 1 65  LEU 65  64  64  LEU LEU A . n 
A 1 66  PHE 66  65  65  PHE PHE A . n 
A 1 67  GLU 67  66  66  GLU GLU A . n 
A 1 68  GLU 68  67  67  GLU GLU A . n 
A 1 69  GLY 69  68  68  GLY GLY A . n 
A 1 70  ALA 70  69  69  ALA ALA A . n 
A 1 71  ALA 71  70  70  ALA ALA A . n 
A 1 72  GLU 72  71  71  GLU GLU A . n 
A 1 73  GLY 73  72  72  GLY GLY A . n 
A 1 74  LYS 74  73  73  LYS LYS A . n 
A 1 75  LYS 75  74  74  LYS LYS A . n 
A 1 76  VAL 76  75  75  VAL VAL A . n 
A 1 77  THR 77  76  76  THR THR A . n 
A 1 78  ASP 78  77  77  ASP ASP A . n 
A 1 79  LEU 79  78  78  LEU LEU A . n 
A 1 80  THR 80  79  79  THR THR A . n 
A 1 81  GLY 81  80  80  GLY GLY A . n 
A 1 82  GLU 82  81  81  GLU GLU A . n 
A 1 83  ASP 83  82  82  ASP ASP A . n 
A 1 84  VAL 84  83  83  VAL VAL A . n 
A 1 85  ALA 85  84  84  ALA ALA A . n 
A 1 86  ALA 86  85  85  ALA ALA A . n 
A 1 87  PHE 87  86  86  PHE PHE A . n 
A 1 88  CYS 88  87  87  CYS CYS A . n 
A 1 89  ASP 89  88  88  ASP ASP A . n 
A 1 90  GLU 90  89  89  GLU GLU A . n 
A 1 91  LEU 91  90  90  LEU LEU A . n 
A 1 92  MSE 92  91  91  MSE MSE A . n 
A 1 93  LYS 93  92  92  LYS LYS A . n 
A 1 94  ASP 94  93  93  ASP ASP A . n 
A 1 95  THR 95  94  94  THR THR A . n 
A 1 96  LYS 96  95  95  LYS LYS A . n 
A 1 97  THR 97  96  96  THR THR A . n 
A 1 98  TRP 98  97  97  TRP TRP A . n 
A 1 99  MSE 99  98  98  MSE MSE A . n 
A 1 100 ASP 100 99  99  ASP ASP A . n 
A 1 101 LYS 101 100 100 LYS LYS A . n 
A 1 102 TYR 102 101 101 TYR TYR A . n 
A 1 103 ARG 103 102 102 ARG ARG A . n 
A 1 104 THR 104 103 103 THR THR A . n 
A 1 105 LYS 105 104 104 LYS LYS A . n 
A 1 106 LEU 106 105 105 LEU LEU A . n 
A 1 107 ASN 107 106 106 ASN ASN A . n 
A 1 108 ASP 108 107 107 ASP ASP A . n 
A 1 109 SER 109 108 108 SER SER A . n 
A 1 110 ILE 110 109 109 ILE ILE A . n 
A 1 111 GLY 111 110 110 GLY GLY A . n 
A 1 112 ARG 112 111 111 ARG ARG A . n 
A 1 113 ASP 113 112 112 ASP ASP A . n 
# 
loop_
_pdbx_nonpoly_scheme.asym_id 
_pdbx_nonpoly_scheme.entity_id 
_pdbx_nonpoly_scheme.mon_id 
_pdbx_nonpoly_scheme.ndb_seq_num 
_pdbx_nonpoly_scheme.pdb_seq_num 
_pdbx_nonpoly_scheme.auth_seq_num 
_pdbx_nonpoly_scheme.pdb_mon_id 
_pdbx_nonpoly_scheme.auth_mon_id 
_pdbx_nonpoly_scheme.pdb_strand_id 
_pdbx_nonpoly_scheme.pdb_ins_code 
B 2 HOH 1  113 1  HOH HOH A . 
B 2 HOH 2  114 2  HOH HOH A . 
B 2 HOH 3  115 3  HOH HOH A . 
B 2 HOH 4  116 4  HOH HOH A . 
B 2 HOH 5  117 5  HOH HOH A . 
B 2 HOH 6  118 6  HOH HOH A . 
B 2 HOH 7  119 7  HOH HOH A . 
B 2 HOH 8  120 8  HOH HOH A . 
B 2 HOH 9  121 9  HOH HOH A . 
B 2 HOH 10 122 10 HOH HOH A . 
B 2 HOH 11 123 11 HOH HOH A . 
B 2 HOH 12 124 12 HOH HOH A . 
B 2 HOH 13 125 13 HOH HOH A . 
B 2 HOH 14 126 14 HOH HOH A . 
B 2 HOH 15 127 15 HOH HOH A . 
B 2 HOH 16 128 16 HOH HOH A . 
B 2 HOH 17 129 17 HOH HOH A . 
B 2 HOH 18 130 18 HOH HOH A . 
B 2 HOH 19 131 19 HOH HOH A . 
B 2 HOH 20 132 20 HOH HOH A . 
B 2 HOH 21 133 21 HOH HOH A . 
B 2 HOH 22 134 22 HOH HOH A . 
B 2 HOH 23 135 23 HOH HOH A . 
B 2 HOH 24 136 24 HOH HOH A . 
B 2 HOH 25 137 25 HOH HOH A . 
B 2 HOH 26 138 26 HOH HOH A . 
B 2 HOH 27 139 27 HOH HOH A . 
B 2 HOH 28 140 28 HOH HOH A . 
B 2 HOH 29 141 29 HOH HOH A . 
B 2 HOH 30 142 30 HOH HOH A . 
B 2 HOH 31 143 31 HOH HOH A . 
B 2 HOH 32 144 32 HOH HOH A . 
B 2 HOH 33 145 33 HOH HOH A . 
B 2 HOH 34 146 34 HOH HOH A . 
B 2 HOH 35 147 35 HOH HOH A . 
B 2 HOH 36 148 36 HOH HOH A . 
B 2 HOH 37 149 37 HOH HOH A . 
B 2 HOH 38 150 38 HOH HOH A . 
B 2 HOH 39 151 39 HOH HOH A . 
B 2 HOH 40 152 40 HOH HOH A . 
B 2 HOH 41 153 41 HOH HOH A . 
B 2 HOH 42 154 42 HOH HOH A . 
B 2 HOH 43 155 43 HOH HOH A . 
B 2 HOH 44 156 45 HOH HOH A . 
B 2 HOH 45 157 46 HOH HOH A . 
B 2 HOH 46 158 47 HOH HOH A . 
B 2 HOH 47 159 48 HOH HOH A . 
B 2 HOH 48 160 49 HOH HOH A . 
B 2 HOH 49 161 50 HOH HOH A . 
B 2 HOH 50 162 51 HOH HOH A . 
B 2 HOH 51 163 52 HOH HOH A . 
B 2 HOH 52 164 53 HOH HOH A . 
B 2 HOH 53 165 54 HOH HOH A . 
B 2 HOH 54 166 55 HOH HOH A . 
B 2 HOH 55 167 56 HOH HOH A . 
B 2 HOH 56 168 57 HOH HOH A . 
B 2 HOH 57 169 58 HOH HOH A . 
B 2 HOH 58 170 59 HOH HOH A . 
B 2 HOH 59 171 60 HOH HOH A . 
B 2 HOH 60 172 61 HOH HOH A . 
B 2 HOH 61 173 62 HOH HOH A . 
B 2 HOH 62 174 63 HOH HOH A . 
B 2 HOH 63 175 64 HOH HOH A . 
B 2 HOH 64 176 65 HOH HOH A . 
B 2 HOH 65 177 66 HOH HOH A . 
B 2 HOH 66 178 67 HOH HOH A . 
B 2 HOH 67 179 68 HOH HOH A . 
B 2 HOH 68 180 69 HOH HOH A . 
B 2 HOH 69 181 70 HOH HOH A . 
B 2 HOH 70 182 71 HOH HOH A . 
B 2 HOH 71 183 72 HOH HOH A . 
B 2 HOH 72 184 73 HOH HOH A . 
B 2 HOH 73 185 74 HOH HOH A . 
B 2 HOH 74 186 75 HOH HOH A . 
B 2 HOH 75 187 76 HOH HOH A . 
B 2 HOH 76 188 77 HOH HOH A . 
B 2 HOH 77 189 78 HOH HOH A . 
B 2 HOH 78 190 79 HOH HOH A . 
# 
loop_
_pdbx_unobs_or_zero_occ_atoms.id 
_pdbx_unobs_or_zero_occ_atoms.PDB_model_num 
_pdbx_unobs_or_zero_occ_atoms.polymer_flag 
_pdbx_unobs_or_zero_occ_atoms.occupancy_flag 
_pdbx_unobs_or_zero_occ_atoms.auth_asym_id 
_pdbx_unobs_or_zero_occ_atoms.auth_comp_id 
_pdbx_unobs_or_zero_occ_atoms.auth_seq_id 
_pdbx_unobs_or_zero_occ_atoms.PDB_ins_code 
_pdbx_unobs_or_zero_occ_atoms.auth_atom_id 
_pdbx_unobs_or_zero_occ_atoms.label_alt_id 
_pdbx_unobs_or_zero_occ_atoms.label_asym_id 
_pdbx_unobs_or_zero_occ_atoms.label_comp_id 
_pdbx_unobs_or_zero_occ_atoms.label_seq_id 
_pdbx_unobs_or_zero_occ_atoms.label_atom_id 
1  1 Y 1 A LYS 6   ? CE  ? A LYS 7   CE  
2  1 Y 1 A LYS 6   ? NZ  ? A LYS 7   NZ  
3  1 Y 1 A LYS 14  ? NZ  ? A LYS 15  NZ  
4  1 Y 1 A LYS 29  ? CE  ? A LYS 30  CE  
5  1 Y 1 A LYS 29  ? NZ  ? A LYS 30  NZ  
6  1 Y 1 A LYS 36  ? CE  ? A LYS 37  CE  
7  1 Y 1 A LYS 36  ? NZ  ? A LYS 37  NZ  
8  1 Y 1 A LYS 40  ? NZ  ? A LYS 41  NZ  
9  1 Y 1 A LYS 92  ? CE  ? A LYS 93  CE  
10 1 Y 1 A LYS 92  ? NZ  ? A LYS 93  NZ  
11 1 Y 1 A LYS 95  ? NZ  ? A LYS 96  NZ  
12 1 Y 1 A LYS 104 ? CE  ? A LYS 105 CE  
13 1 Y 1 A LYS 104 ? NZ  ? A LYS 105 NZ  
14 1 Y 1 A ARG 111 ? NE  ? A ARG 112 NE  
15 1 Y 1 A ARG 111 ? CZ  ? A ARG 112 CZ  
16 1 Y 1 A ARG 111 ? NH1 ? A ARG 112 NH1 
17 1 Y 1 A ARG 111 ? NH2 ? A ARG 112 NH2 
# 
loop_
_software.name 
_software.version 
_software.date 
_software.type 
_software.contact_author 
_software.contact_author_email 
_software.classification 
_software.location 
_software.language 
_software.citation_id 
_software.pdbx_ordinal 
MolProbity  3beta29  ?                package 'D.C. & J.S. Richardson lab' molprobity@kinemage.biochem.duke.edu 'model building'  
http://kinemage.biochem.duke.edu/molprobity/                       ?          ? 1 
REFMAC      5.2.0005 ?                program 'Murshudov, G.N.'            ccp4@dl.ac.uk                        refinement        
http://www.ccp4.ac.uk/main.html                                    Fortran_77 ? 2 
XSCALE      .        ?                package 'Wolfgang Kabsch'            ?                                    'data scaling'    
http://www.mpimf-heidelberg.mpg.de/~kabsch/xds/xscale_program.html ?          ? 3 
PDB_EXTRACT 2.000    'April. 3, 2006' package PDB                          sw-help@rcsb.rutgers.edu             'data extraction' 
http://pdb.rutgers.edu/software/                                   C++        ? 4 
# 
_cell.entry_id           2HH6 
_cell.length_a           93.540 
_cell.length_b           93.540 
_cell.length_c           115.320 
_cell.angle_alpha        90.000 
_cell.angle_beta         90.000 
_cell.angle_gamma        120.000 
_cell.pdbx_unique_axis   ? 
_cell.Z_PDB              12 
_cell.length_a_esd       ? 
_cell.length_b_esd       ? 
_cell.length_c_esd       ? 
_cell.angle_alpha_esd    ? 
_cell.angle_beta_esd     ? 
_cell.angle_gamma_esd    ? 
# 
_symmetry.entry_id                         2HH6 
_symmetry.Int_Tables_number                179 
_symmetry.space_group_name_H-M             'P 65 2 2' 
_symmetry.pdbx_full_space_group_name_H-M   ? 
_symmetry.cell_setting                     ? 
_symmetry.space_group_name_Hall            ? 
# 
_exptl.crystals_number   1 
_exptl.method            'X-RAY DIFFRACTION' 
_exptl.entry_id          2HH6 
# 
_exptl_crystal.id                    1 
_exptl_crystal.density_percent_sol   76.43 
_exptl_crystal.density_Matthews      5.26 
_exptl_crystal.description           
;THE STRUCTURE WAS INITIALLY PHASED USING PEAK
DATA COLLECTED ON SSRL BEAMLINE 11-1. A LOW RESOLUTION
PASS TO FILL IN OVERLOADED REFLECTIONS WAS COLLECTED
LATER ON SSRL BEAMLINE 1-5. THE TWO SWEEPS WERE MERGED
FOR REFINEMENT. ALL DATA WAS COLLECTED AT THE PEAK
WAVELENGTH FROM A SELENIUM SAD EXPERIMENT. THE PEAK
WAVELENGTH ON EACH BEAMLINE WAS SELECTED USING CHOOCH
FROM AN X-RAY FLUORESCENCE SCAN COLLECTED ON THAT
BEAMLINE. THE STATISTICS DESCRIBED ABOVE ARE FOR THE
MERGED DATA.
;
_exptl_crystal.density_meas          ? 
_exptl_crystal.F_000                 ? 
_exptl_crystal.preparation           ? 
# 
_exptl_crystal_grow.crystal_id      1 
_exptl_crystal_grow.method          'VAPOR DIFFUSION,SITTING DROP,NANODROP' 
_exptl_crystal_grow.pH              8.5 
_exptl_crystal_grow.temp            277 
_exptl_crystal_grow.pdbx_details    '2.0M (NH4)2SO4, 0.1M TRIS pH 8.5, VAPOR DIFFUSION,SITTING DROP,NANODROP, temperature 277K' 
_exptl_crystal_grow.temp_details    ? 
_exptl_crystal_grow.pdbx_pH_range   . 
# 
loop_
_diffrn.id 
_diffrn.ambient_temp 
_diffrn.ambient_temp_details 
_diffrn.crystal_id 
1 100 ? 1 
2 100 ? 1 
# 
loop_
_diffrn_detector.diffrn_id 
_diffrn_detector.detector 
_diffrn_detector.type 
_diffrn_detector.details 
_diffrn_detector.pdbx_collection_date 
1 CCD 'ADSC QUANTUM 315' '1m long Rh coated bent cylindrical mirror forhorizontal and vertical focussing' 2006-05-26 
2 CCD 'ADSC Q315'        'Flat mirror (vertical focusing)'                                                2006-04-09 
# 
loop_
_diffrn_radiation.diffrn_id 
_diffrn_radiation.pdbx_monochromatic_or_laue_m_l 
_diffrn_radiation.monochromator 
_diffrn_radiation.pdbx_diffrn_protocol 
_diffrn_radiation.wavelength_id 
_diffrn_radiation.pdbx_scattering_type 
1 M 'Double-crystal monochromator'                                    'SINGLE WAVELENGTH' 1 x-ray 
2 M 'Single crystal Si(111) bent monochromator (horizontal focusing)' 'SINGLE WAVELENGTH' 1 x-ray 
# 
_diffrn_radiation_wavelength.id           1 
_diffrn_radiation_wavelength.wavelength   0.979075 
_diffrn_radiation_wavelength.wt           1.0 
# 
loop_
_diffrn_source.diffrn_id 
_diffrn_source.source 
_diffrn_source.pdbx_synchrotron_beamline 
_diffrn_source.type 
_diffrn_source.pdbx_wavelength 
_diffrn_source.pdbx_wavelength_list 
_diffrn_source.pdbx_synchrotron_site 
1 SYNCHROTRON BL1-5  'SSRL BEAMLINE BL1-5'  ? 0.979075 SSRL 
2 SYNCHROTRON BL11-1 'SSRL BEAMLINE BL11-1' ? 0.979075 SSRL 
# 
_reflns.entry_id                     2HH6 
_reflns.d_resolution_high            2.040 
_reflns.d_resolution_low             46.984 
_reflns.number_obs                   19622 
_reflns.pdbx_Rmerge_I_obs            0.098 
_reflns.pdbx_netI_over_sigmaI        12.240 
_reflns.percent_possible_obs         98.100 
_reflns.B_iso_Wilson_estimate        40.266 
_reflns.observed_criterion_sigma_F   ? 
_reflns.observed_criterion_sigma_I   ? 
_reflns.number_all                   ? 
_reflns.pdbx_Rsym_value              ? 
_reflns.pdbx_redundancy              ? 
_reflns.R_free_details               ? 
_reflns.limit_h_max                  ? 
_reflns.limit_h_min                  ? 
_reflns.limit_k_max                  ? 
_reflns.limit_k_min                  ? 
_reflns.limit_l_max                  ? 
_reflns.limit_l_min                  ? 
_reflns.observed_criterion_F_max     ? 
_reflns.observed_criterion_F_min     ? 
_reflns.pdbx_chi_squared             ? 
_reflns.pdbx_scaling_rejects         ? 
_reflns.pdbx_ordinal                 1 
_reflns.pdbx_diffrn_id               1,2 
# 
loop_
_reflns_shell.d_res_high 
_reflns_shell.d_res_low 
_reflns_shell.number_measured_obs 
_reflns_shell.number_measured_all 
_reflns_shell.number_unique_obs 
_reflns_shell.Rmerge_I_obs 
_reflns_shell.meanI_over_sigI_obs 
_reflns_shell.pdbx_Rsym_value 
_reflns_shell.pdbx_chi_squared 
_reflns_shell.pdbx_redundancy 
_reflns_shell.percent_possible_obs 
_reflns_shell.number_unique_all 
_reflns_shell.percent_possible_all 
_reflns_shell.pdbx_ordinal 
_reflns_shell.pdbx_diffrn_id 
2.04 2.11  24091 ? ? 0.893 2.2  ? ? ? ? 3296 95.30 1 1,2 
2.11 2.20  28381 ? ? 0.673 3.0  ? ? ? ? 3728 97.50 2 1,2 
2.20 2.30  26555 ? ? 0.589 3.4  ? ? ? ? 3494 97.90 3 1,2 
2.30 2.42  26710 ? ? 0.463 4.3  ? ? ? ? 3499 98.10 4 1,2 
2.42 2.57  26514 ? ? 0.364 5.4  ? ? ? ? 3465 97.70 5 1,2 
2.57 2.77  27193 ? ? 0.239 7.7  ? ? ? ? 3566 98.40 6 1,2 
2.77 3.04  26511 ? ? 0.156 11.0 ? ? ? ? 3465 98.60 7 1,2 
3.04 3.48  27470 ? ? 0.078 19.8 ? ? ? ? 3607 99.70 8 1,2 
3.48 46.98 27153 ? ? 0.05  29.0 ? ? ? ? 3607 99.80 9 1,2 
# 
_refine.entry_id                                 2HH6 
_refine.ls_d_res_high                            2.040 
_refine.ls_d_res_low                             46.984 
_refine.pdbx_ls_sigma_F                          0.00 
_refine.ls_percent_reflns_obs                    99.980 
_refine.ls_number_reflns_obs                     19577 
_refine.pdbx_ls_cross_valid_method               THROUGHOUT 
_refine.pdbx_R_Free_selection_details            RANDOM 
_refine.details                                  
;HYDROGENS HAVE BEEN ADDED IN THE RIDING POSITIONS. 
1) ATOM RECORD CONTAINS RESIDUAL B FACTORS ONLY. 
2) HYDROGENS HAVE BEEN ADDED IN THE RIDING POSITIONS.  
3) A MET-INHIBITION PROTOCOL WAS USED FOR SELENOMETHIONINE 
INCORPORATION DURING PROTEIN EXPRESSION. THE OCCUPANCY OF  
THE SE ATOMS IN THE MSE RESIDUES WAS REDUCED TO         
0.75 TO ACCOUNT FOR THE REDUCED SCATTERING POWER DUE TO              
PARTIAL S-MET INCORPORATION. 
4) ELECTRON DENSITY MAPS INDICATE THAT SEVERAL SIDECHAINS 
INCLUDING TRP 17 AND TRP 43 ARE DISORDERED. 
5) UNEXPLAINED DIFFERENCE ELECTRON DENSITIES WERE OBSERVED 
AT SEVERAL LOCATIONS AND COULD NOT BE RELIABLY MODELED.
;
_refine.ls_R_factor_all                          0.225 
_refine.ls_R_factor_R_work                       0.224 
_refine.ls_R_factor_R_free                       0.238 
_refine.ls_percent_reflns_R_free                 5.100 
_refine.ls_number_reflns_R_free                  999 
_refine.B_iso_mean                               30.351 
_refine.aniso_B[1][1]                            0.000 
_refine.aniso_B[2][2]                            0.000 
_refine.aniso_B[3][3]                            0.000 
_refine.aniso_B[1][2]                            0.000 
_refine.aniso_B[1][3]                            0.000 
_refine.aniso_B[2][3]                            0.000 
_refine.correlation_coeff_Fo_to_Fc               0.946 
_refine.correlation_coeff_Fo_to_Fc_free          0.938 
_refine.pdbx_overall_ESU_R                       0.121 
_refine.pdbx_overall_ESU_R_Free                  0.114 
_refine.overall_SU_ML                            0.102 
_refine.overall_SU_B                             7.403 
_refine.solvent_model_details                    MASK 
_refine.pdbx_solvent_vdw_probe_radii             1.200 
_refine.pdbx_solvent_ion_probe_radii             0.800 
_refine.pdbx_solvent_shrinkage_radii             0.800 
_refine.pdbx_method_to_determine_struct          SAD 
_refine.pdbx_stereochemistry_target_values       'MAXIMUM LIKELIHOOD WITH PHASES' 
_refine.pdbx_ls_sigma_I                          ? 
_refine.ls_number_reflns_all                     ? 
_refine.ls_R_factor_obs                          0.22491 
_refine.ls_redundancy_reflns_obs                 ? 
_refine.pdbx_data_cutoff_high_absF               ? 
_refine.pdbx_data_cutoff_low_absF                ? 
_refine.ls_number_parameters                     ? 
_refine.ls_number_restraints                     ? 
_refine.ls_R_factor_R_free_error                 ? 
_refine.ls_R_factor_R_free_error_details         ? 
_refine.pdbx_starting_model                      ? 
_refine.pdbx_stereochem_target_val_spec_case     ? 
_refine.solvent_model_param_bsol                 ? 
_refine.solvent_model_param_ksol                 ? 
_refine.occupancy_max                            ? 
_refine.occupancy_min                            ? 
_refine.pdbx_isotropic_thermal_model             ? 
_refine.B_iso_min                                ? 
_refine.B_iso_max                                ? 
_refine.overall_SU_R_Cruickshank_DPI             ? 
_refine.overall_SU_R_free                        ? 
_refine.pdbx_data_cutoff_high_rms_absF           ? 
_refine.ls_wR_factor_R_free                      ? 
_refine.ls_wR_factor_R_work                      ? 
_refine.overall_FOM_free_R_set                   ? 
_refine.overall_FOM_work_R_set                   ? 
_refine.pdbx_refine_id                           'X-RAY DIFFRACTION' 
_refine.pdbx_TLS_residual_ADP_flag               'LIKELY RESIDUAL' 
_refine.pdbx_diffrn_id                           1 
_refine.pdbx_overall_phase_error                 ? 
_refine.pdbx_overall_SU_R_free_Cruickshank_DPI   ? 
_refine.pdbx_overall_SU_R_Blow_DPI               ? 
_refine.pdbx_overall_SU_R_free_Blow_DPI          ? 
# 
_refine_hist.pdbx_refine_id                   'X-RAY DIFFRACTION' 
_refine_hist.cycle_id                         LAST 
_refine_hist.pdbx_number_atoms_protein        888 
_refine_hist.pdbx_number_atoms_nucleic_acid   0 
_refine_hist.pdbx_number_atoms_ligand         0 
_refine_hist.number_atoms_solvent             78 
_refine_hist.number_atoms_total               966 
_refine_hist.d_res_high                       2.040 
_refine_hist.d_res_low                        46.984 
# 
loop_
_refine_ls_restr.type 
_refine_ls_restr.number 
_refine_ls_restr.dev_ideal 
_refine_ls_restr.dev_ideal_target 
_refine_ls_restr.weight 
_refine_ls_restr.pdbx_refine_id 
_refine_ls_restr.pdbx_restraint_function 
r_bond_refined_d         936  0.016  0.022  ? 'X-RAY DIFFRACTION' ? 
r_bond_other_d           826  0.001  0.020  ? 'X-RAY DIFFRACTION' ? 
r_angle_refined_deg      1267 1.053  1.932  ? 'X-RAY DIFFRACTION' ? 
r_angle_other_deg        1924 0.720  3.000  ? 'X-RAY DIFFRACTION' ? 
r_dihedral_angle_1_deg   119  4.790  5.000  ? 'X-RAY DIFFRACTION' ? 
r_dihedral_angle_2_deg   44   31.297 24.773 ? 'X-RAY DIFFRACTION' ? 
r_dihedral_angle_3_deg   170  14.017 15.000 ? 'X-RAY DIFFRACTION' ? 
r_dihedral_angle_4_deg   4    20.700 15.000 ? 'X-RAY DIFFRACTION' ? 
r_chiral_restr           130  0.063  0.200  ? 'X-RAY DIFFRACTION' ? 
r_gen_planes_refined     1053 0.003  0.020  ? 'X-RAY DIFFRACTION' ? 
r_gen_planes_other       194  0.001  0.020  ? 'X-RAY DIFFRACTION' ? 
r_nbd_refined            229  0.210  0.200  ? 'X-RAY DIFFRACTION' ? 
r_nbd_other              794  0.170  0.200  ? 'X-RAY DIFFRACTION' ? 
r_nbtor_refined          477  0.189  0.200  ? 'X-RAY DIFFRACTION' ? 
r_nbtor_other            523  0.087  0.200  ? 'X-RAY DIFFRACTION' ? 
r_xyhbond_nbd_refined    60   0.209  0.200  ? 'X-RAY DIFFRACTION' ? 
r_symmetry_vdw_refined   6    0.350  0.200  ? 'X-RAY DIFFRACTION' ? 
r_symmetry_vdw_other     56   0.200  0.200  ? 'X-RAY DIFFRACTION' ? 
r_symmetry_hbond_refined 7    0.070  0.200  ? 'X-RAY DIFFRACTION' ? 
r_mcbond_it              605  2.126  3.000  ? 'X-RAY DIFFRACTION' ? 
r_mcbond_other           237  0.416  3.000  ? 'X-RAY DIFFRACTION' ? 
r_mcangle_it             904  2.763  5.000  ? 'X-RAY DIFFRACTION' ? 
r_scbond_it              425  5.071  8.000  ? 'X-RAY DIFFRACTION' ? 
r_scangle_it             359  6.446  11.000 ? 'X-RAY DIFFRACTION' ? 
# 
_refine_ls_shell.d_res_high                       2.040 
_refine_ls_shell.d_res_low                        2.093 
_refine_ls_shell.pdbx_total_number_of_bins_used   20 
_refine_ls_shell.percent_reflns_obs               100.000 
_refine_ls_shell.number_reflns_R_work             1343 
_refine_ls_shell.R_factor_all                     ? 
_refine_ls_shell.R_factor_R_work                  0.34 
_refine_ls_shell.R_factor_R_free                  0.35 
_refine_ls_shell.percent_reflns_R_free            ? 
_refine_ls_shell.number_reflns_R_free             78 
_refine_ls_shell.R_factor_R_free_error            ? 
_refine_ls_shell.number_reflns_all                ? 
_refine_ls_shell.number_reflns_obs                1421 
_refine_ls_shell.redundancy_reflns_obs            ? 
_refine_ls_shell.pdbx_refine_id                   'X-RAY DIFFRACTION' 
# 
_struct.entry_id                  2HH6 
_struct.title                     'Crystal structure of BH3980 (10176605) from BACILLUS HALODURANS at 2.04 A resolution' 
_struct.pdbx_model_details        ? 
_struct.pdbx_CASP_flag            ? 
_struct.pdbx_model_type_details   ? 
# 
_struct_keywords.text            
;10176605, BH3980, Structural Genomics, Joint Center for Structural Genomics, JCSG, Protein Structure Initiative, PSI, unknown function
;
_struct_keywords.pdbx_keywords   'STRUCTURAL GENOMICS, unknown function' 
_struct_keywords.entry_id        2HH6 
# 
loop_
_struct_asym.id 
_struct_asym.pdbx_blank_PDB_chainid_flag 
_struct_asym.pdbx_modified 
_struct_asym.entity_id 
_struct_asym.details 
A N N 1 ? 
B N N 2 ? 
# 
_struct_ref.id                         1 
_struct_ref.db_name                    UNP 
_struct_ref.db_code                    Q9K5V7_BACHD 
_struct_ref.pdbx_db_accession          Q9K5V7 
_struct_ref.entity_id                  1 
_struct_ref.pdbx_align_begin           1 
_struct_ref.pdbx_db_isoform            ? 
_struct_ref.pdbx_seq_one_letter_code   ? 
# 
_struct_ref_seq.align_id                      1 
_struct_ref_seq.ref_id                        1 
_struct_ref_seq.pdbx_PDB_id_code              2HH6 
_struct_ref_seq.pdbx_strand_id                A 
_struct_ref_seq.seq_align_beg                 2 
_struct_ref_seq.pdbx_seq_align_beg_ins_code   ? 
_struct_ref_seq.seq_align_end                 113 
_struct_ref_seq.pdbx_seq_align_end_ins_code   ? 
_struct_ref_seq.pdbx_db_accession             Q9K5V7 
_struct_ref_seq.db_align_beg                  1 
_struct_ref_seq.pdbx_db_align_beg_ins_code    ? 
_struct_ref_seq.db_align_end                  112 
_struct_ref_seq.pdbx_db_align_end_ins_code    ? 
_struct_ref_seq.pdbx_auth_seq_align_beg       1 
_struct_ref_seq.pdbx_auth_seq_align_end       112 
# 
loop_
_struct_ref_seq_dif.align_id 
_struct_ref_seq_dif.pdbx_pdb_id_code 
_struct_ref_seq_dif.mon_id 
_struct_ref_seq_dif.pdbx_pdb_strand_id 
_struct_ref_seq_dif.seq_num 
_struct_ref_seq_dif.pdbx_pdb_ins_code 
_struct_ref_seq_dif.pdbx_seq_db_name 
_struct_ref_seq_dif.pdbx_seq_db_accession_code 
_struct_ref_seq_dif.db_mon_id 
_struct_ref_seq_dif.pdbx_seq_db_seq_num 
_struct_ref_seq_dif.details 
_struct_ref_seq_dif.pdbx_auth_seq_num 
_struct_ref_seq_dif.pdbx_ordinal 
1 2HH6 GLY A 1  ? UNP Q9K5V7 ?   ?  'expression tag'   0  1 
1 2HH6 MSE A 2  ? UNP Q9K5V7 MET 1  'modified residue' 1  2 
1 2HH6 MSE A 8  ? UNP Q9K5V7 MET 7  'modified residue' 7  3 
1 2HH6 MSE A 21 ? UNP Q9K5V7 MET 20 'modified residue' 20 4 
1 2HH6 MSE A 43 ? UNP Q9K5V7 MET 42 'modified residue' 42 5 
1 2HH6 MSE A 92 ? UNP Q9K5V7 MET 91 'modified residue' 91 6 
1 2HH6 MSE A 99 ? UNP Q9K5V7 MET 98 'modified residue' 98 7 
# 
_pdbx_struct_assembly.id                   1 
_pdbx_struct_assembly.details              author_and_software_defined_assembly 
_pdbx_struct_assembly.method_details       PISA,PQS 
_pdbx_struct_assembly.oligomeric_details   dimeric 
_pdbx_struct_assembly.oligomeric_count     2 
# 
loop_
_pdbx_struct_assembly_prop.biol_id 
_pdbx_struct_assembly_prop.type 
_pdbx_struct_assembly_prop.value 
_pdbx_struct_assembly_prop.details 
1 'ABSA (A^2)' 2540  ? 
1 MORE         -14   ? 
1 'SSA (A^2)'  13040 ? 
# 
_pdbx_struct_assembly_gen.assembly_id       1 
_pdbx_struct_assembly_gen.oper_expression   1,2 
_pdbx_struct_assembly_gen.asym_id_list      A,B 
# 
loop_
_pdbx_struct_oper_list.id 
_pdbx_struct_oper_list.type 
_pdbx_struct_oper_list.name 
_pdbx_struct_oper_list.symmetry_operation 
_pdbx_struct_oper_list.matrix[1][1] 
_pdbx_struct_oper_list.matrix[1][2] 
_pdbx_struct_oper_list.matrix[1][3] 
_pdbx_struct_oper_list.vector[1] 
_pdbx_struct_oper_list.matrix[2][1] 
_pdbx_struct_oper_list.matrix[2][2] 
_pdbx_struct_oper_list.matrix[2][3] 
_pdbx_struct_oper_list.vector[2] 
_pdbx_struct_oper_list.matrix[3][1] 
_pdbx_struct_oper_list.matrix[3][2] 
_pdbx_struct_oper_list.matrix[3][3] 
_pdbx_struct_oper_list.vector[3] 
1 'identity operation'         1_555  x,y,z            1.0000000000 0.0000000000  0.0000000000  0.0000000000  0.0000000000  1.0000000000  0.0000000000 0.0000000000   0.0000000000  0.0000000000 1.0000000000  0.0000000000  
2 'crystal symmetry operation' 10_665 -y+1,-x+1,-z+1/6 0.3622284513 -0.7405455037 -0.5660237681 -4.8316315152 -0.7405455037 -0.5974187425 0.3077063587 -22.0142748391 -0.5660237681 0.3077063587 -0.7648097088 17.1738129712 
# 
_struct_biol.id   1 
# 
loop_
_struct_conf.conf_type_id 
_struct_conf.id 
_struct_conf.pdbx_PDB_helix_id 
_struct_conf.beg_label_comp_id 
_struct_conf.beg_label_asym_id 
_struct_conf.beg_label_seq_id 
_struct_conf.pdbx_beg_PDB_ins_code 
_struct_conf.end_label_comp_id 
_struct_conf.end_label_asym_id 
_struct_conf.end_label_seq_id 
_struct_conf.pdbx_end_PDB_ins_code 
_struct_conf.beg_auth_comp_id 
_struct_conf.beg_auth_asym_id 
_struct_conf.beg_auth_seq_id 
_struct_conf.end_auth_comp_id 
_struct_conf.end_auth_asym_id 
_struct_conf.end_auth_seq_id 
_struct_conf.pdbx_PDB_helix_class 
_struct_conf.details 
_struct_conf.pdbx_PDB_helix_length 
HELX_P HELX_P1 1 MSE A 2  ? LEU A 28  ? MSE A 1  LEU A 27  1 ? 27 
HELX_P HELX_P2 2 PRO A 29 ? TRP A 44  ? PRO A 28 TRP A 43  1 ? 16 
HELX_P HELX_P3 3 ASP A 51 ? GLU A 72  ? ASP A 50 GLU A 71  1 ? 22 
HELX_P HELX_P4 4 LYS A 75 ? GLY A 81  ? LYS A 74 GLY A 80  1 ? 7  
HELX_P HELX_P5 5 ASP A 83 ? LYS A 93  ? ASP A 82 LYS A 92  1 ? 11 
HELX_P HELX_P6 6 THR A 97 ? GLY A 111 ? THR A 96 GLY A 110 1 ? 15 
# 
_struct_conf_type.id          HELX_P 
_struct_conf_type.criteria    ? 
_struct_conf_type.reference   ? 
# 
loop_
_struct_conn.id 
_struct_conn.conn_type_id 
_struct_conn.pdbx_leaving_atom_flag 
_struct_conn.pdbx_PDB_id 
_struct_conn.ptnr1_label_asym_id 
_struct_conn.ptnr1_label_comp_id 
_struct_conn.ptnr1_label_seq_id 
_struct_conn.ptnr1_label_atom_id 
_struct_conn.pdbx_ptnr1_label_alt_id 
_struct_conn.pdbx_ptnr1_PDB_ins_code 
_struct_conn.pdbx_ptnr1_standard_comp_id 
_struct_conn.ptnr1_symmetry 
_struct_conn.ptnr2_label_asym_id 
_struct_conn.ptnr2_label_comp_id 
_struct_conn.ptnr2_label_seq_id 
_struct_conn.ptnr2_label_atom_id 
_struct_conn.pdbx_ptnr2_label_alt_id 
_struct_conn.pdbx_ptnr2_PDB_ins_code 
_struct_conn.ptnr1_auth_asym_id 
_struct_conn.ptnr1_auth_comp_id 
_struct_conn.ptnr1_auth_seq_id 
_struct_conn.ptnr2_auth_asym_id 
_struct_conn.ptnr2_auth_comp_id 
_struct_conn.ptnr2_auth_seq_id 
_struct_conn.ptnr2_symmetry 
_struct_conn.pdbx_ptnr3_label_atom_id 
_struct_conn.pdbx_ptnr3_label_seq_id 
_struct_conn.pdbx_ptnr3_label_comp_id 
_struct_conn.pdbx_ptnr3_label_asym_id 
_struct_conn.pdbx_ptnr3_label_alt_id 
_struct_conn.pdbx_ptnr3_PDB_ins_code 
_struct_conn.details 
_struct_conn.pdbx_dist_value 
_struct_conn.pdbx_value_order 
_struct_conn.pdbx_role 
covale1  covale both ? A MSE 2  C ? ? ? 1_555 A SER 3   N ? ? A MSE 1  A SER 2  1_555 ? ? ? ? ? ? ? 1.332 ? ? 
covale2  covale both ? A LYS 7  C ? ? ? 1_555 A MSE 8   N ? ? A LYS 6  A MSE 7  1_555 ? ? ? ? ? ? ? 1.326 ? ? 
covale3  covale both ? A MSE 8  C ? ? ? 1_555 A ILE 9   N ? ? A MSE 7  A ILE 8  1_555 ? ? ? ? ? ? ? 1.332 ? ? 
covale4  covale both ? A ALA 20 C ? ? ? 1_555 A MSE 21  N ? ? A ALA 19 A MSE 20 1_555 ? ? ? ? ? ? ? 1.329 ? ? 
covale5  covale both ? A MSE 21 C ? ? ? 1_555 A GLU 22  N ? ? A MSE 20 A GLU 21 1_555 ? ? ? ? ? ? ? 1.330 ? ? 
covale6  covale both ? A TYR 42 C ? ? ? 1_555 A MSE 43  N ? ? A TYR 41 A MSE 42 1_555 ? ? ? ? ? ? ? 1.324 ? ? 
covale7  covale both ? A MSE 43 C ? ? ? 1_555 A TRP 44  N ? ? A MSE 42 A TRP 43 1_555 ? ? ? ? ? ? ? 1.333 ? ? 
covale8  covale both ? A LEU 91 C ? ? ? 1_555 A MSE 92  N ? ? A LEU 90 A MSE 91 1_555 ? ? ? ? ? ? ? 1.325 ? ? 
covale9  covale both ? A MSE 92 C ? ? ? 1_555 A LYS 93  N ? ? A MSE 91 A LYS 92 1_555 ? ? ? ? ? ? ? 1.332 ? ? 
covale10 covale both ? A TRP 98 C ? ? ? 1_555 A MSE 99  N ? ? A TRP 97 A MSE 98 1_555 ? ? ? ? ? ? ? 1.330 ? ? 
covale11 covale both ? A MSE 99 C ? ? ? 1_555 A ASP 100 N ? ? A MSE 98 A ASP 99 1_555 ? ? ? ? ? ? ? 1.329 ? ? 
# 
_struct_conn_type.id          covale 
_struct_conn_type.criteria    ? 
_struct_conn_type.reference   ? 
# 
loop_
_pdbx_modification_feature.ordinal 
_pdbx_modification_feature.label_comp_id 
_pdbx_modification_feature.label_asym_id 
_pdbx_modification_feature.label_seq_id 
_pdbx_modification_feature.label_alt_id 
_pdbx_modification_feature.modified_residue_label_comp_id 
_pdbx_modification_feature.modified_residue_label_asym_id 
_pdbx_modification_feature.modified_residue_label_seq_id 
_pdbx_modification_feature.modified_residue_label_alt_id 
_pdbx_modification_feature.auth_comp_id 
_pdbx_modification_feature.auth_asym_id 
_pdbx_modification_feature.auth_seq_id 
_pdbx_modification_feature.PDB_ins_code 
_pdbx_modification_feature.symmetry 
_pdbx_modification_feature.modified_residue_auth_comp_id 
_pdbx_modification_feature.modified_residue_auth_asym_id 
_pdbx_modification_feature.modified_residue_auth_seq_id 
_pdbx_modification_feature.modified_residue_PDB_ins_code 
_pdbx_modification_feature.modified_residue_symmetry 
_pdbx_modification_feature.comp_id_linking_atom 
_pdbx_modification_feature.modified_residue_id_linking_atom 
_pdbx_modification_feature.modified_residue_id 
_pdbx_modification_feature.ref_pcm_id 
_pdbx_modification_feature.ref_comp_id 
_pdbx_modification_feature.type 
_pdbx_modification_feature.category 
1 MSE A 2  ? . . . . MSE A 1  ? 1_555 . . . . . . . MET 1 MSE Selenomethionine 'Named protein modification' 
2 MSE A 8  ? . . . . MSE A 7  ? 1_555 . . . . . . . MET 1 MSE Selenomethionine 'Named protein modification' 
3 MSE A 21 ? . . . . MSE A 20 ? 1_555 . . . . . . . MET 1 MSE Selenomethionine 'Named protein modification' 
4 MSE A 43 ? . . . . MSE A 42 ? 1_555 . . . . . . . MET 1 MSE Selenomethionine 'Named protein modification' 
5 MSE A 92 ? . . . . MSE A 91 ? 1_555 . . . . . . . MET 1 MSE Selenomethionine 'Named protein modification' 
6 MSE A 99 ? . . . . MSE A 98 ? 1_555 . . . . . . . MET 1 MSE Selenomethionine 'Named protein modification' 
# 
_pdbx_entry_details.entry_id                   2HH6 
_pdbx_entry_details.compound_details           ? 
_pdbx_entry_details.source_details             ? 
_pdbx_entry_details.nonpolymer_details         ? 
_pdbx_entry_details.sequence_details           ? 
_pdbx_entry_details.has_ligand_of_interest     ? 
_pdbx_entry_details.has_protein_modification   Y 
# 
loop_
_pdbx_validate_torsion.id 
_pdbx_validate_torsion.PDB_model_num 
_pdbx_validate_torsion.auth_comp_id 
_pdbx_validate_torsion.auth_asym_id 
_pdbx_validate_torsion.auth_seq_id 
_pdbx_validate_torsion.PDB_ins_code 
_pdbx_validate_torsion.label_alt_id 
_pdbx_validate_torsion.phi 
_pdbx_validate_torsion.psi 
1 1 TRP A 43 ? ? -81.51  34.93   
2 1 THR A 44 ? ? -124.01 -164.31 
# 
_pdbx_SG_project.project_name          'PSI, Protein Structure Initiative' 
_pdbx_SG_project.full_name_of_center   'Joint Center for Structural Genomics' 
_pdbx_SG_project.id                    1 
_pdbx_SG_project.initial_of_center     JCSG 
# 
loop_
_pdbx_struct_mod_residue.id 
_pdbx_struct_mod_residue.label_asym_id 
_pdbx_struct_mod_residue.label_comp_id 
_pdbx_struct_mod_residue.label_seq_id 
_pdbx_struct_mod_residue.auth_asym_id 
_pdbx_struct_mod_residue.auth_comp_id 
_pdbx_struct_mod_residue.auth_seq_id 
_pdbx_struct_mod_residue.PDB_ins_code 
_pdbx_struct_mod_residue.parent_comp_id 
_pdbx_struct_mod_residue.details 
1 A MSE 2  A MSE 1  ? MET SELENOMETHIONINE 
2 A MSE 8  A MSE 7  ? MET SELENOMETHIONINE 
3 A MSE 21 A MSE 20 ? MET SELENOMETHIONINE 
4 A MSE 43 A MSE 42 ? MET SELENOMETHIONINE 
5 A MSE 92 A MSE 91 ? MET SELENOMETHIONINE 
6 A MSE 99 A MSE 98 ? MET SELENOMETHIONINE 
# 
_pdbx_struct_special_symmetry.id              1 
_pdbx_struct_special_symmetry.PDB_model_num   1 
_pdbx_struct_special_symmetry.auth_asym_id    A 
_pdbx_struct_special_symmetry.auth_comp_id    HOH 
_pdbx_struct_special_symmetry.auth_seq_id     137 
_pdbx_struct_special_symmetry.PDB_ins_code    ? 
_pdbx_struct_special_symmetry.label_asym_id   B 
_pdbx_struct_special_symmetry.label_comp_id   HOH 
_pdbx_struct_special_symmetry.label_seq_id    . 
# 
loop_
_pdbx_refine_tls.id 
_pdbx_refine_tls.details 
_pdbx_refine_tls.method 
_pdbx_refine_tls.origin_x 
_pdbx_refine_tls.origin_y 
_pdbx_refine_tls.origin_z 
_pdbx_refine_tls.T[1][1] 
_pdbx_refine_tls.T[2][2] 
_pdbx_refine_tls.T[3][3] 
_pdbx_refine_tls.T[1][2] 
_pdbx_refine_tls.T[1][3] 
_pdbx_refine_tls.T[2][3] 
_pdbx_refine_tls.L[1][1] 
_pdbx_refine_tls.L[2][2] 
_pdbx_refine_tls.L[3][3] 
_pdbx_refine_tls.L[1][2] 
_pdbx_refine_tls.L[1][3] 
_pdbx_refine_tls.L[2][3] 
_pdbx_refine_tls.S[1][1] 
_pdbx_refine_tls.S[2][2] 
_pdbx_refine_tls.S[3][3] 
_pdbx_refine_tls.S[1][2] 
_pdbx_refine_tls.S[1][3] 
_pdbx_refine_tls.S[2][3] 
_pdbx_refine_tls.S[2][1] 
_pdbx_refine_tls.S[3][1] 
_pdbx_refine_tls.S[3][2] 
_pdbx_refine_tls.pdbx_refine_id 
1 ? refined -5.0423 7.4162  -0.6972 0.1315 0.1720 -0.1115 0.0686 -0.1505 -0.0320 0.7651 4.0014 1.6077 -0.5666 -1.0887 1.2649  -0.0032 0.0266  -0.0235 -0.0663 0.0997  -0.1832 0.3219 -0.0045 -0.2634 'X-RAY DIFFRACTION' 
2 ? refined 3.1815  -4.4521 0.8205  0.1375 0.1393 -0.1109 0.0046 -0.1263 0.0170  0.5876 1.5787 7.1141 -0.0889 0.7181  -2.6297 0.1528  -0.1337 -0.0192 -0.0273 -0.1671 -0.2245 0.1012 0.3645  0.0138  'X-RAY DIFFRACTION' 
# 
loop_
_pdbx_refine_tls_group.id 
_pdbx_refine_tls_group.refine_tls_id 
_pdbx_refine_tls_group.beg_label_asym_id 
_pdbx_refine_tls_group.beg_label_seq_id 
_pdbx_refine_tls_group.end_label_asym_id 
_pdbx_refine_tls_group.end_label_seq_id 
_pdbx_refine_tls_group.selection 
_pdbx_refine_tls_group.beg_auth_asym_id 
_pdbx_refine_tls_group.beg_auth_seq_id 
_pdbx_refine_tls_group.end_auth_asym_id 
_pdbx_refine_tls_group.end_auth_seq_id 
_pdbx_refine_tls_group.pdbx_refine_id 
_pdbx_refine_tls_group.selection_details 
1 1 A 2  A 43  ALL A 1  A 42  'X-RAY DIFFRACTION' ? 
2 2 A 44 A 113 ALL A 43 A 112 'X-RAY DIFFRACTION' ? 
# 
_phasing.method   SAD 
# 
_pdbx_database_remark.id     999 
_pdbx_database_remark.text   
;SEQUENCE 
THE CONSTRUCT WAS EXPRESSED WITH A PURIFICATION TAG: 
MGSDKIHHHHHHENLYFQG. THE TAG WAS REMOVED WITH TEV 
PROTEASE LEAVING ONLY GLYCINE (0) FOLLOWED BY THE 
TARGET SEQUENCE
;
# 
_pdbx_unobs_or_zero_occ_residues.id               1 
_pdbx_unobs_or_zero_occ_residues.PDB_model_num    1 
_pdbx_unobs_or_zero_occ_residues.polymer_flag     Y 
_pdbx_unobs_or_zero_occ_residues.occupancy_flag   1 
_pdbx_unobs_or_zero_occ_residues.auth_asym_id     A 
_pdbx_unobs_or_zero_occ_residues.auth_comp_id     GLY 
_pdbx_unobs_or_zero_occ_residues.auth_seq_id      0 
_pdbx_unobs_or_zero_occ_residues.PDB_ins_code     ? 
_pdbx_unobs_or_zero_occ_residues.label_asym_id    A 
_pdbx_unobs_or_zero_occ_residues.label_comp_id    GLY 
_pdbx_unobs_or_zero_occ_residues.label_seq_id     1 
# 
loop_
_chem_comp_atom.comp_id 
_chem_comp_atom.atom_id 
_chem_comp_atom.type_symbol 
_chem_comp_atom.pdbx_aromatic_flag 
_chem_comp_atom.pdbx_stereo_config 
_chem_comp_atom.pdbx_ordinal 
ALA N    N  N N 1   
ALA CA   C  N S 2   
ALA C    C  N N 3   
ALA O    O  N N 4   
ALA CB   C  N N 5   
ALA OXT  O  N N 6   
ALA H    H  N N 7   
ALA H2   H  N N 8   
ALA HA   H  N N 9   
ALA HB1  H  N N 10  
ALA HB2  H  N N 11  
ALA HB3  H  N N 12  
ALA HXT  H  N N 13  
ARG N    N  N N 14  
ARG CA   C  N S 15  
ARG C    C  N N 16  
ARG O    O  N N 17  
ARG CB   C  N N 18  
ARG CG   C  N N 19  
ARG CD   C  N N 20  
ARG NE   N  N N 21  
ARG CZ   C  N N 22  
ARG NH1  N  N N 23  
ARG NH2  N  N N 24  
ARG OXT  O  N N 25  
ARG H    H  N N 26  
ARG H2   H  N N 27  
ARG HA   H  N N 28  
ARG HB2  H  N N 29  
ARG HB3  H  N N 30  
ARG HG2  H  N N 31  
ARG HG3  H  N N 32  
ARG HD2  H  N N 33  
ARG HD3  H  N N 34  
ARG HE   H  N N 35  
ARG HH11 H  N N 36  
ARG HH12 H  N N 37  
ARG HH21 H  N N 38  
ARG HH22 H  N N 39  
ARG HXT  H  N N 40  
ASN N    N  N N 41  
ASN CA   C  N S 42  
ASN C    C  N N 43  
ASN O    O  N N 44  
ASN CB   C  N N 45  
ASN CG   C  N N 46  
ASN OD1  O  N N 47  
ASN ND2  N  N N 48  
ASN OXT  O  N N 49  
ASN H    H  N N 50  
ASN H2   H  N N 51  
ASN HA   H  N N 52  
ASN HB2  H  N N 53  
ASN HB3  H  N N 54  
ASN HD21 H  N N 55  
ASN HD22 H  N N 56  
ASN HXT  H  N N 57  
ASP N    N  N N 58  
ASP CA   C  N S 59  
ASP C    C  N N 60  
ASP O    O  N N 61  
ASP CB   C  N N 62  
ASP CG   C  N N 63  
ASP OD1  O  N N 64  
ASP OD2  O  N N 65  
ASP OXT  O  N N 66  
ASP H    H  N N 67  
ASP H2   H  N N 68  
ASP HA   H  N N 69  
ASP HB2  H  N N 70  
ASP HB3  H  N N 71  
ASP HD2  H  N N 72  
ASP HXT  H  N N 73  
CYS N    N  N N 74  
CYS CA   C  N R 75  
CYS C    C  N N 76  
CYS O    O  N N 77  
CYS CB   C  N N 78  
CYS SG   S  N N 79  
CYS OXT  O  N N 80  
CYS H    H  N N 81  
CYS H2   H  N N 82  
CYS HA   H  N N 83  
CYS HB2  H  N N 84  
CYS HB3  H  N N 85  
CYS HG   H  N N 86  
CYS HXT  H  N N 87  
GLN N    N  N N 88  
GLN CA   C  N S 89  
GLN C    C  N N 90  
GLN O    O  N N 91  
GLN CB   C  N N 92  
GLN CG   C  N N 93  
GLN CD   C  N N 94  
GLN OE1  O  N N 95  
GLN NE2  N  N N 96  
GLN OXT  O  N N 97  
GLN H    H  N N 98  
GLN H2   H  N N 99  
GLN HA   H  N N 100 
GLN HB2  H  N N 101 
GLN HB3  H  N N 102 
GLN HG2  H  N N 103 
GLN HG3  H  N N 104 
GLN HE21 H  N N 105 
GLN HE22 H  N N 106 
GLN HXT  H  N N 107 
GLU N    N  N N 108 
GLU CA   C  N S 109 
GLU C    C  N N 110 
GLU O    O  N N 111 
GLU CB   C  N N 112 
GLU CG   C  N N 113 
GLU CD   C  N N 114 
GLU OE1  O  N N 115 
GLU OE2  O  N N 116 
GLU OXT  O  N N 117 
GLU H    H  N N 118 
GLU H2   H  N N 119 
GLU HA   H  N N 120 
GLU HB2  H  N N 121 
GLU HB3  H  N N 122 
GLU HG2  H  N N 123 
GLU HG3  H  N N 124 
GLU HE2  H  N N 125 
GLU HXT  H  N N 126 
GLY N    N  N N 127 
GLY CA   C  N N 128 
GLY C    C  N N 129 
GLY O    O  N N 130 
GLY OXT  O  N N 131 
GLY H    H  N N 132 
GLY H2   H  N N 133 
GLY HA2  H  N N 134 
GLY HA3  H  N N 135 
GLY HXT  H  N N 136 
HIS N    N  N N 137 
HIS CA   C  N S 138 
HIS C    C  N N 139 
HIS O    O  N N 140 
HIS CB   C  N N 141 
HIS CG   C  Y N 142 
HIS ND1  N  Y N 143 
HIS CD2  C  Y N 144 
HIS CE1  C  Y N 145 
HIS NE2  N  Y N 146 
HIS OXT  O  N N 147 
HIS H    H  N N 148 
HIS H2   H  N N 149 
HIS HA   H  N N 150 
HIS HB2  H  N N 151 
HIS HB3  H  N N 152 
HIS HD1  H  N N 153 
HIS HD2  H  N N 154 
HIS HE1  H  N N 155 
HIS HE2  H  N N 156 
HIS HXT  H  N N 157 
HOH O    O  N N 158 
HOH H1   H  N N 159 
HOH H2   H  N N 160 
ILE N    N  N N 161 
ILE CA   C  N S 162 
ILE C    C  N N 163 
ILE O    O  N N 164 
ILE CB   C  N S 165 
ILE CG1  C  N N 166 
ILE CG2  C  N N 167 
ILE CD1  C  N N 168 
ILE OXT  O  N N 169 
ILE H    H  N N 170 
ILE H2   H  N N 171 
ILE HA   H  N N 172 
ILE HB   H  N N 173 
ILE HG12 H  N N 174 
ILE HG13 H  N N 175 
ILE HG21 H  N N 176 
ILE HG22 H  N N 177 
ILE HG23 H  N N 178 
ILE HD11 H  N N 179 
ILE HD12 H  N N 180 
ILE HD13 H  N N 181 
ILE HXT  H  N N 182 
LEU N    N  N N 183 
LEU CA   C  N S 184 
LEU C    C  N N 185 
LEU O    O  N N 186 
LEU CB   C  N N 187 
LEU CG   C  N N 188 
LEU CD1  C  N N 189 
LEU CD2  C  N N 190 
LEU OXT  O  N N 191 
LEU H    H  N N 192 
LEU H2   H  N N 193 
LEU HA   H  N N 194 
LEU HB2  H  N N 195 
LEU HB3  H  N N 196 
LEU HG   H  N N 197 
LEU HD11 H  N N 198 
LEU HD12 H  N N 199 
LEU HD13 H  N N 200 
LEU HD21 H  N N 201 
LEU HD22 H  N N 202 
LEU HD23 H  N N 203 
LEU HXT  H  N N 204 
LYS N    N  N N 205 
LYS CA   C  N S 206 
LYS C    C  N N 207 
LYS O    O  N N 208 
LYS CB   C  N N 209 
LYS CG   C  N N 210 
LYS CD   C  N N 211 
LYS CE   C  N N 212 
LYS NZ   N  N N 213 
LYS OXT  O  N N 214 
LYS H    H  N N 215 
LYS H2   H  N N 216 
LYS HA   H  N N 217 
LYS HB2  H  N N 218 
LYS HB3  H  N N 219 
LYS HG2  H  N N 220 
LYS HG3  H  N N 221 
LYS HD2  H  N N 222 
LYS HD3  H  N N 223 
LYS HE2  H  N N 224 
LYS HE3  H  N N 225 
LYS HZ1  H  N N 226 
LYS HZ2  H  N N 227 
LYS HZ3  H  N N 228 
LYS HXT  H  N N 229 
MET N    N  N N 230 
MET CA   C  N S 231 
MET C    C  N N 232 
MET O    O  N N 233 
MET CB   C  N N 234 
MET CG   C  N N 235 
MET SD   S  N N 236 
MET CE   C  N N 237 
MET OXT  O  N N 238 
MET H    H  N N 239 
MET H2   H  N N 240 
MET HA   H  N N 241 
MET HB2  H  N N 242 
MET HB3  H  N N 243 
MET HG2  H  N N 244 
MET HG3  H  N N 245 
MET HE1  H  N N 246 
MET HE2  H  N N 247 
MET HE3  H  N N 248 
MET HXT  H  N N 249 
MSE N    N  N N 250 
MSE CA   C  N S 251 
MSE C    C  N N 252 
MSE O    O  N N 253 
MSE OXT  O  N N 254 
MSE CB   C  N N 255 
MSE CG   C  N N 256 
MSE SE   SE N N 257 
MSE CE   C  N N 258 
MSE H    H  N N 259 
MSE H2   H  N N 260 
MSE HA   H  N N 261 
MSE HXT  H  N N 262 
MSE HB2  H  N N 263 
MSE HB3  H  N N 264 
MSE HG2  H  N N 265 
MSE HG3  H  N N 266 
MSE HE1  H  N N 267 
MSE HE2  H  N N 268 
MSE HE3  H  N N 269 
PHE N    N  N N 270 
PHE CA   C  N S 271 
PHE C    C  N N 272 
PHE O    O  N N 273 
PHE CB   C  N N 274 
PHE CG   C  Y N 275 
PHE CD1  C  Y N 276 
PHE CD2  C  Y N 277 
PHE CE1  C  Y N 278 
PHE CE2  C  Y N 279 
PHE CZ   C  Y N 280 
PHE OXT  O  N N 281 
PHE H    H  N N 282 
PHE H2   H  N N 283 
PHE HA   H  N N 284 
PHE HB2  H  N N 285 
PHE HB3  H  N N 286 
PHE HD1  H  N N 287 
PHE HD2  H  N N 288 
PHE HE1  H  N N 289 
PHE HE2  H  N N 290 
PHE HZ   H  N N 291 
PHE HXT  H  N N 292 
PRO N    N  N N 293 
PRO CA   C  N S 294 
PRO C    C  N N 295 
PRO O    O  N N 296 
PRO CB   C  N N 297 
PRO CG   C  N N 298 
PRO CD   C  N N 299 
PRO OXT  O  N N 300 
PRO H    H  N N 301 
PRO HA   H  N N 302 
PRO HB2  H  N N 303 
PRO HB3  H  N N 304 
PRO HG2  H  N N 305 
PRO HG3  H  N N 306 
PRO HD2  H  N N 307 
PRO HD3  H  N N 308 
PRO HXT  H  N N 309 
SER N    N  N N 310 
SER CA   C  N S 311 
SER C    C  N N 312 
SER O    O  N N 313 
SER CB   C  N N 314 
SER OG   O  N N 315 
SER OXT  O  N N 316 
SER H    H  N N 317 
SER H2   H  N N 318 
SER HA   H  N N 319 
SER HB2  H  N N 320 
SER HB3  H  N N 321 
SER HG   H  N N 322 
SER HXT  H  N N 323 
THR N    N  N N 324 
THR CA   C  N S 325 
THR C    C  N N 326 
THR O    O  N N 327 
THR CB   C  N R 328 
THR OG1  O  N N 329 
THR CG2  C  N N 330 
THR OXT  O  N N 331 
THR H    H  N N 332 
THR H2   H  N N 333 
THR HA   H  N N 334 
THR HB   H  N N 335 
THR HG1  H  N N 336 
THR HG21 H  N N 337 
THR HG22 H  N N 338 
THR HG23 H  N N 339 
THR HXT  H  N N 340 
TRP N    N  N N 341 
TRP CA   C  N S 342 
TRP C    C  N N 343 
TRP O    O  N N 344 
TRP CB   C  N N 345 
TRP CG   C  Y N 346 
TRP CD1  C  Y N 347 
TRP CD2  C  Y N 348 
TRP NE1  N  Y N 349 
TRP CE2  C  Y N 350 
TRP CE3  C  Y N 351 
TRP CZ2  C  Y N 352 
TRP CZ3  C  Y N 353 
TRP CH2  C  Y N 354 
TRP OXT  O  N N 355 
TRP H    H  N N 356 
TRP H2   H  N N 357 
TRP HA   H  N N 358 
TRP HB2  H  N N 359 
TRP HB3  H  N N 360 
TRP HD1  H  N N 361 
TRP HE1  H  N N 362 
TRP HE3  H  N N 363 
TRP HZ2  H  N N 364 
TRP HZ3  H  N N 365 
TRP HH2  H  N N 366 
TRP HXT  H  N N 367 
TYR N    N  N N 368 
TYR CA   C  N S 369 
TYR C    C  N N 370 
TYR O    O  N N 371 
TYR CB   C  N N 372 
TYR CG   C  Y N 373 
TYR CD1  C  Y N 374 
TYR CD2  C  Y N 375 
TYR CE1  C  Y N 376 
TYR CE2  C  Y N 377 
TYR CZ   C  Y N 378 
TYR OH   O  N N 379 
TYR OXT  O  N N 380 
TYR H    H  N N 381 
TYR H2   H  N N 382 
TYR HA   H  N N 383 
TYR HB2  H  N N 384 
TYR HB3  H  N N 385 
TYR HD1  H  N N 386 
TYR HD2  H  N N 387 
TYR HE1  H  N N 388 
TYR HE2  H  N N 389 
TYR HH   H  N N 390 
TYR HXT  H  N N 391 
VAL N    N  N N 392 
VAL CA   C  N S 393 
VAL C    C  N N 394 
VAL O    O  N N 395 
VAL CB   C  N N 396 
VAL CG1  C  N N 397 
VAL CG2  C  N N 398 
VAL OXT  O  N N 399 
VAL H    H  N N 400 
VAL H2   H  N N 401 
VAL HA   H  N N 402 
VAL HB   H  N N 403 
VAL HG11 H  N N 404 
VAL HG12 H  N N 405 
VAL HG13 H  N N 406 
VAL HG21 H  N N 407 
VAL HG22 H  N N 408 
VAL HG23 H  N N 409 
VAL HXT  H  N N 410 
# 
loop_
_chem_comp_bond.comp_id 
_chem_comp_bond.atom_id_1 
_chem_comp_bond.atom_id_2 
_chem_comp_bond.value_order 
_chem_comp_bond.pdbx_aromatic_flag 
_chem_comp_bond.pdbx_stereo_config 
_chem_comp_bond.pdbx_ordinal 
ALA N   CA   sing N N 1   
ALA N   H    sing N N 2   
ALA N   H2   sing N N 3   
ALA CA  C    sing N N 4   
ALA CA  CB   sing N N 5   
ALA CA  HA   sing N N 6   
ALA C   O    doub N N 7   
ALA C   OXT  sing N N 8   
ALA CB  HB1  sing N N 9   
ALA CB  HB2  sing N N 10  
ALA CB  HB3  sing N N 11  
ALA OXT HXT  sing N N 12  
ARG N   CA   sing N N 13  
ARG N   H    sing N N 14  
ARG N   H2   sing N N 15  
ARG CA  C    sing N N 16  
ARG CA  CB   sing N N 17  
ARG CA  HA   sing N N 18  
ARG C   O    doub N N 19  
ARG C   OXT  sing N N 20  
ARG CB  CG   sing N N 21  
ARG CB  HB2  sing N N 22  
ARG CB  HB3  sing N N 23  
ARG CG  CD   sing N N 24  
ARG CG  HG2  sing N N 25  
ARG CG  HG3  sing N N 26  
ARG CD  NE   sing N N 27  
ARG CD  HD2  sing N N 28  
ARG CD  HD3  sing N N 29  
ARG NE  CZ   sing N N 30  
ARG NE  HE   sing N N 31  
ARG CZ  NH1  sing N N 32  
ARG CZ  NH2  doub N N 33  
ARG NH1 HH11 sing N N 34  
ARG NH1 HH12 sing N N 35  
ARG NH2 HH21 sing N N 36  
ARG NH2 HH22 sing N N 37  
ARG OXT HXT  sing N N 38  
ASN N   CA   sing N N 39  
ASN N   H    sing N N 40  
ASN N   H2   sing N N 41  
ASN CA  C    sing N N 42  
ASN CA  CB   sing N N 43  
ASN CA  HA   sing N N 44  
ASN C   O    doub N N 45  
ASN C   OXT  sing N N 46  
ASN CB  CG   sing N N 47  
ASN CB  HB2  sing N N 48  
ASN CB  HB3  sing N N 49  
ASN CG  OD1  doub N N 50  
ASN CG  ND2  sing N N 51  
ASN ND2 HD21 sing N N 52  
ASN ND2 HD22 sing N N 53  
ASN OXT HXT  sing N N 54  
ASP N   CA   sing N N 55  
ASP N   H    sing N N 56  
ASP N   H2   sing N N 57  
ASP CA  C    sing N N 58  
ASP CA  CB   sing N N 59  
ASP CA  HA   sing N N 60  
ASP C   O    doub N N 61  
ASP C   OXT  sing N N 62  
ASP CB  CG   sing N N 63  
ASP CB  HB2  sing N N 64  
ASP CB  HB3  sing N N 65  
ASP CG  OD1  doub N N 66  
ASP CG  OD2  sing N N 67  
ASP OD2 HD2  sing N N 68  
ASP OXT HXT  sing N N 69  
CYS N   CA   sing N N 70  
CYS N   H    sing N N 71  
CYS N   H2   sing N N 72  
CYS CA  C    sing N N 73  
CYS CA  CB   sing N N 74  
CYS CA  HA   sing N N 75  
CYS C   O    doub N N 76  
CYS C   OXT  sing N N 77  
CYS CB  SG   sing N N 78  
CYS CB  HB2  sing N N 79  
CYS CB  HB3  sing N N 80  
CYS SG  HG   sing N N 81  
CYS OXT HXT  sing N N 82  
GLN N   CA   sing N N 83  
GLN N   H    sing N N 84  
GLN N   H2   sing N N 85  
GLN CA  C    sing N N 86  
GLN CA  CB   sing N N 87  
GLN CA  HA   sing N N 88  
GLN C   O    doub N N 89  
GLN C   OXT  sing N N 90  
GLN CB  CG   sing N N 91  
GLN CB  HB2  sing N N 92  
GLN CB  HB3  sing N N 93  
GLN CG  CD   sing N N 94  
GLN CG  HG2  sing N N 95  
GLN CG  HG3  sing N N 96  
GLN CD  OE1  doub N N 97  
GLN CD  NE2  sing N N 98  
GLN NE2 HE21 sing N N 99  
GLN NE2 HE22 sing N N 100 
GLN OXT HXT  sing N N 101 
GLU N   CA   sing N N 102 
GLU N   H    sing N N 103 
GLU N   H2   sing N N 104 
GLU CA  C    sing N N 105 
GLU CA  CB   sing N N 106 
GLU CA  HA   sing N N 107 
GLU C   O    doub N N 108 
GLU C   OXT  sing N N 109 
GLU CB  CG   sing N N 110 
GLU CB  HB2  sing N N 111 
GLU CB  HB3  sing N N 112 
GLU CG  CD   sing N N 113 
GLU CG  HG2  sing N N 114 
GLU CG  HG3  sing N N 115 
GLU CD  OE1  doub N N 116 
GLU CD  OE2  sing N N 117 
GLU OE2 HE2  sing N N 118 
GLU OXT HXT  sing N N 119 
GLY N   CA   sing N N 120 
GLY N   H    sing N N 121 
GLY N   H2   sing N N 122 
GLY CA  C    sing N N 123 
GLY CA  HA2  sing N N 124 
GLY CA  HA3  sing N N 125 
GLY C   O    doub N N 126 
GLY C   OXT  sing N N 127 
GLY OXT HXT  sing N N 128 
HIS N   CA   sing N N 129 
HIS N   H    sing N N 130 
HIS N   H2   sing N N 131 
HIS CA  C    sing N N 132 
HIS CA  CB   sing N N 133 
HIS CA  HA   sing N N 134 
HIS C   O    doub N N 135 
HIS C   OXT  sing N N 136 
HIS CB  CG   sing N N 137 
HIS CB  HB2  sing N N 138 
HIS CB  HB3  sing N N 139 
HIS CG  ND1  sing Y N 140 
HIS CG  CD2  doub Y N 141 
HIS ND1 CE1  doub Y N 142 
HIS ND1 HD1  sing N N 143 
HIS CD2 NE2  sing Y N 144 
HIS CD2 HD2  sing N N 145 
HIS CE1 NE2  sing Y N 146 
HIS CE1 HE1  sing N N 147 
HIS NE2 HE2  sing N N 148 
HIS OXT HXT  sing N N 149 
HOH O   H1   sing N N 150 
HOH O   H2   sing N N 151 
ILE N   CA   sing N N 152 
ILE N   H    sing N N 153 
ILE N   H2   sing N N 154 
ILE CA  C    sing N N 155 
ILE CA  CB   sing N N 156 
ILE CA  HA   sing N N 157 
ILE C   O    doub N N 158 
ILE C   OXT  sing N N 159 
ILE CB  CG1  sing N N 160 
ILE CB  CG2  sing N N 161 
ILE CB  HB   sing N N 162 
ILE CG1 CD1  sing N N 163 
ILE CG1 HG12 sing N N 164 
ILE CG1 HG13 sing N N 165 
ILE CG2 HG21 sing N N 166 
ILE CG2 HG22 sing N N 167 
ILE CG2 HG23 sing N N 168 
ILE CD1 HD11 sing N N 169 
ILE CD1 HD12 sing N N 170 
ILE CD1 HD13 sing N N 171 
ILE OXT HXT  sing N N 172 
LEU N   CA   sing N N 173 
LEU N   H    sing N N 174 
LEU N   H2   sing N N 175 
LEU CA  C    sing N N 176 
LEU CA  CB   sing N N 177 
LEU CA  HA   sing N N 178 
LEU C   O    doub N N 179 
LEU C   OXT  sing N N 180 
LEU CB  CG   sing N N 181 
LEU CB  HB2  sing N N 182 
LEU CB  HB3  sing N N 183 
LEU CG  CD1  sing N N 184 
LEU CG  CD2  sing N N 185 
LEU CG  HG   sing N N 186 
LEU CD1 HD11 sing N N 187 
LEU CD1 HD12 sing N N 188 
LEU CD1 HD13 sing N N 189 
LEU CD2 HD21 sing N N 190 
LEU CD2 HD22 sing N N 191 
LEU CD2 HD23 sing N N 192 
LEU OXT HXT  sing N N 193 
LYS N   CA   sing N N 194 
LYS N   H    sing N N 195 
LYS N   H2   sing N N 196 
LYS CA  C    sing N N 197 
LYS CA  CB   sing N N 198 
LYS CA  HA   sing N N 199 
LYS C   O    doub N N 200 
LYS C   OXT  sing N N 201 
LYS CB  CG   sing N N 202 
LYS CB  HB2  sing N N 203 
LYS CB  HB3  sing N N 204 
LYS CG  CD   sing N N 205 
LYS CG  HG2  sing N N 206 
LYS CG  HG3  sing N N 207 
LYS CD  CE   sing N N 208 
LYS CD  HD2  sing N N 209 
LYS CD  HD3  sing N N 210 
LYS CE  NZ   sing N N 211 
LYS CE  HE2  sing N N 212 
LYS CE  HE3  sing N N 213 
LYS NZ  HZ1  sing N N 214 
LYS NZ  HZ2  sing N N 215 
LYS NZ  HZ3  sing N N 216 
LYS OXT HXT  sing N N 217 
MET N   CA   sing N N 218 
MET N   H    sing N N 219 
MET N   H2   sing N N 220 
MET CA  C    sing N N 221 
MET CA  CB   sing N N 222 
MET CA  HA   sing N N 223 
MET C   O    doub N N 224 
MET C   OXT  sing N N 225 
MET CB  CG   sing N N 226 
MET CB  HB2  sing N N 227 
MET CB  HB3  sing N N 228 
MET CG  SD   sing N N 229 
MET CG  HG2  sing N N 230 
MET CG  HG3  sing N N 231 
MET SD  CE   sing N N 232 
MET CE  HE1  sing N N 233 
MET CE  HE2  sing N N 234 
MET CE  HE3  sing N N 235 
MET OXT HXT  sing N N 236 
MSE N   CA   sing N N 237 
MSE N   H    sing N N 238 
MSE N   H2   sing N N 239 
MSE CA  C    sing N N 240 
MSE CA  CB   sing N N 241 
MSE CA  HA   sing N N 242 
MSE C   O    doub N N 243 
MSE C   OXT  sing N N 244 
MSE OXT HXT  sing N N 245 
MSE CB  CG   sing N N 246 
MSE CB  HB2  sing N N 247 
MSE CB  HB3  sing N N 248 
MSE CG  SE   sing N N 249 
MSE CG  HG2  sing N N 250 
MSE CG  HG3  sing N N 251 
MSE SE  CE   sing N N 252 
MSE CE  HE1  sing N N 253 
MSE CE  HE2  sing N N 254 
MSE CE  HE3  sing N N 255 
PHE N   CA   sing N N 256 
PHE N   H    sing N N 257 
PHE N   H2   sing N N 258 
PHE CA  C    sing N N 259 
PHE CA  CB   sing N N 260 
PHE CA  HA   sing N N 261 
PHE C   O    doub N N 262 
PHE C   OXT  sing N N 263 
PHE CB  CG   sing N N 264 
PHE CB  HB2  sing N N 265 
PHE CB  HB3  sing N N 266 
PHE CG  CD1  doub Y N 267 
PHE CG  CD2  sing Y N 268 
PHE CD1 CE1  sing Y N 269 
PHE CD1 HD1  sing N N 270 
PHE CD2 CE2  doub Y N 271 
PHE CD2 HD2  sing N N 272 
PHE CE1 CZ   doub Y N 273 
PHE CE1 HE1  sing N N 274 
PHE CE2 CZ   sing Y N 275 
PHE CE2 HE2  sing N N 276 
PHE CZ  HZ   sing N N 277 
PHE OXT HXT  sing N N 278 
PRO N   CA   sing N N 279 
PRO N   CD   sing N N 280 
PRO N   H    sing N N 281 
PRO CA  C    sing N N 282 
PRO CA  CB   sing N N 283 
PRO CA  HA   sing N N 284 
PRO C   O    doub N N 285 
PRO C   OXT  sing N N 286 
PRO CB  CG   sing N N 287 
PRO CB  HB2  sing N N 288 
PRO CB  HB3  sing N N 289 
PRO CG  CD   sing N N 290 
PRO CG  HG2  sing N N 291 
PRO CG  HG3  sing N N 292 
PRO CD  HD2  sing N N 293 
PRO CD  HD3  sing N N 294 
PRO OXT HXT  sing N N 295 
SER N   CA   sing N N 296 
SER N   H    sing N N 297 
SER N   H2   sing N N 298 
SER CA  C    sing N N 299 
SER CA  CB   sing N N 300 
SER CA  HA   sing N N 301 
SER C   O    doub N N 302 
SER C   OXT  sing N N 303 
SER CB  OG   sing N N 304 
SER CB  HB2  sing N N 305 
SER CB  HB3  sing N N 306 
SER OG  HG   sing N N 307 
SER OXT HXT  sing N N 308 
THR N   CA   sing N N 309 
THR N   H    sing N N 310 
THR N   H2   sing N N 311 
THR CA  C    sing N N 312 
THR CA  CB   sing N N 313 
THR CA  HA   sing N N 314 
THR C   O    doub N N 315 
THR C   OXT  sing N N 316 
THR CB  OG1  sing N N 317 
THR CB  CG2  sing N N 318 
THR CB  HB   sing N N 319 
THR OG1 HG1  sing N N 320 
THR CG2 HG21 sing N N 321 
THR CG2 HG22 sing N N 322 
THR CG2 HG23 sing N N 323 
THR OXT HXT  sing N N 324 
TRP N   CA   sing N N 325 
TRP N   H    sing N N 326 
TRP N   H2   sing N N 327 
TRP CA  C    sing N N 328 
TRP CA  CB   sing N N 329 
TRP CA  HA   sing N N 330 
TRP C   O    doub N N 331 
TRP C   OXT  sing N N 332 
TRP CB  CG   sing N N 333 
TRP CB  HB2  sing N N 334 
TRP CB  HB3  sing N N 335 
TRP CG  CD1  doub Y N 336 
TRP CG  CD2  sing Y N 337 
TRP CD1 NE1  sing Y N 338 
TRP CD1 HD1  sing N N 339 
TRP CD2 CE2  doub Y N 340 
TRP CD2 CE3  sing Y N 341 
TRP NE1 CE2  sing Y N 342 
TRP NE1 HE1  sing N N 343 
TRP CE2 CZ2  sing Y N 344 
TRP CE3 CZ3  doub Y N 345 
TRP CE3 HE3  sing N N 346 
TRP CZ2 CH2  doub Y N 347 
TRP CZ2 HZ2  sing N N 348 
TRP CZ3 CH2  sing Y N 349 
TRP CZ3 HZ3  sing N N 350 
TRP CH2 HH2  sing N N 351 
TRP OXT HXT  sing N N 352 
TYR N   CA   sing N N 353 
TYR N   H    sing N N 354 
TYR N   H2   sing N N 355 
TYR CA  C    sing N N 356 
TYR CA  CB   sing N N 357 
TYR CA  HA   sing N N 358 
TYR C   O    doub N N 359 
TYR C   OXT  sing N N 360 
TYR CB  CG   sing N N 361 
TYR CB  HB2  sing N N 362 
TYR CB  HB3  sing N N 363 
TYR CG  CD1  doub Y N 364 
TYR CG  CD2  sing Y N 365 
TYR CD1 CE1  sing Y N 366 
TYR CD1 HD1  sing N N 367 
TYR CD2 CE2  doub Y N 368 
TYR CD2 HD2  sing N N 369 
TYR CE1 CZ   doub Y N 370 
TYR CE1 HE1  sing N N 371 
TYR CE2 CZ   sing Y N 372 
TYR CE2 HE2  sing N N 373 
TYR CZ  OH   sing N N 374 
TYR OH  HH   sing N N 375 
TYR OXT HXT  sing N N 376 
VAL N   CA   sing N N 377 
VAL N   H    sing N N 378 
VAL N   H2   sing N N 379 
VAL CA  C    sing N N 380 
VAL CA  CB   sing N N 381 
VAL CA  HA   sing N N 382 
VAL C   O    doub N N 383 
VAL C   OXT  sing N N 384 
VAL CB  CG1  sing N N 385 
VAL CB  CG2  sing N N 386 
VAL CB  HB   sing N N 387 
VAL CG1 HG11 sing N N 388 
VAL CG1 HG12 sing N N 389 
VAL CG1 HG13 sing N N 390 
VAL CG2 HG21 sing N N 391 
VAL CG2 HG22 sing N N 392 
VAL CG2 HG23 sing N N 393 
VAL OXT HXT  sing N N 394 
# 
_atom_sites.entry_id                    2HH6 
_atom_sites.fract_transf_matrix[1][1]   -0.00933723 
_atom_sites.fract_transf_matrix[1][2]   -0.00677348 
_atom_sites.fract_transf_matrix[1][3]   0.00439104 
_atom_sites.fract_transf_matrix[2][1]   0.00084990 
_atom_sites.fract_transf_matrix[2][2]   -0.01230968 
_atom_sites.fract_transf_matrix[2][3]   0.00015808 
_atom_sites.fract_transf_matrix[3][1]   0.00348218 
_atom_sites.fract_transf_matrix[3][2]   0.00034229 
_atom_sites.fract_transf_matrix[3][3]   0.00793260 
_atom_sites.fract_transf_vector[1]      0.393670 
_atom_sites.fract_transf_vector[2]      0.336440 
_atom_sites.fract_transf_vector[3]      0.027382 
# 
loop_
_atom_type.symbol 
C  
N  
O  
S  
SE 
# 
loop_
_atom_site.group_PDB 
_atom_site.id 
_atom_site.type_symbol 
_atom_site.label_atom_id 
_atom_site.label_alt_id 
_atom_site.label_comp_id 
_atom_site.label_asym_id 
_atom_site.label_entity_id 
_atom_site.label_seq_id 
_atom_site.pdbx_PDB_ins_code 
_atom_site.Cartn_x 
_atom_site.Cartn_y 
_atom_site.Cartn_z 
_atom_site.occupancy 
_atom_site.B_iso_or_equiv 
_atom_site.pdbx_formal_charge 
_atom_site.auth_seq_id 
_atom_site.auth_comp_id 
_atom_site.auth_asym_id 
_atom_site.auth_atom_id 
_atom_site.pdbx_PDB_model_num 
HETATM 1   N  N   . MSE A 1 2   ? 2.178   22.820  19.005  1.00 38.41 ? 1   MSE A N   1 
HETATM 2   C  CA  . MSE A 1 2   ? 1.216   21.960  19.764  1.00 38.73 ? 1   MSE A CA  1 
HETATM 3   C  C   . MSE A 1 2   ? 1.017   20.652  19.027  1.00 38.35 ? 1   MSE A C   1 
HETATM 4   O  O   . MSE A 1 2   ? 0.560   20.657  17.887  1.00 39.27 ? 1   MSE A O   1 
HETATM 5   C  CB  . MSE A 1 2   ? -0.146  22.648  19.916  1.00 37.80 ? 1   MSE A CB  1 
HETATM 6   C  CG  . MSE A 1 2   ? -0.070  24.084  20.340  1.00 39.73 ? 1   MSE A CG  1 
HETATM 7   SE SE  . MSE A 1 2   ? -1.622  24.609  21.370  0.75 39.92 ? 1   MSE A SE  1 
HETATM 8   C  CE  . MSE A 1 2   ? -2.668  25.229  20.031  1.00 44.05 ? 1   MSE A CE  1 
ATOM   9   N  N   . SER A 1 3   ? 1.337   19.531  19.672  1.00 37.84 ? 2   SER A N   1 
ATOM   10  C  CA  . SER A 1 3   ? 1.202   18.226  19.019  1.00 38.27 ? 2   SER A CA  1 
ATOM   11  C  C   . SER A 1 3   ? -0.249  17.934  18.642  1.00 34.64 ? 2   SER A C   1 
ATOM   12  O  O   . SER A 1 3   ? -0.495  17.279  17.640  1.00 33.96 ? 2   SER A O   1 
ATOM   13  C  CB  . SER A 1 3   ? 1.760   17.084  19.885  1.00 39.75 ? 2   SER A CB  1 
ATOM   14  O  OG  . SER A 1 3   ? 0.849   16.705  20.907  1.00 47.11 ? 2   SER A OG  1 
ATOM   15  N  N   . PHE A 1 4   ? -1.197  18.403  19.454  1.00 30.77 ? 3   PHE A N   1 
ATOM   16  C  CA  . PHE A 1 4   ? -2.624  18.228  19.155  1.00 29.14 ? 3   PHE A CA  1 
ATOM   17  C  C   . PHE A 1 4   ? -2.965  18.777  17.762  1.00 25.73 ? 3   PHE A C   1 
ATOM   18  O  O   . PHE A 1 4   ? -3.583  18.102  16.947  1.00 28.28 ? 3   PHE A O   1 
ATOM   19  C  CB  . PHE A 1 4   ? -3.479  18.918  20.227  1.00 27.92 ? 3   PHE A CB  1 
ATOM   20  C  CG  . PHE A 1 4   ? -4.954  18.897  19.934  1.00 29.36 ? 3   PHE A CG  1 
ATOM   21  C  CD1 . PHE A 1 4   ? -5.621  17.699  19.776  1.00 36.40 ? 3   PHE A CD1 1 
ATOM   22  C  CD2 . PHE A 1 4   ? -5.668  20.072  19.805  1.00 30.89 ? 3   PHE A CD2 1 
ATOM   23  C  CE1 . PHE A 1 4   ? -6.974  17.676  19.496  1.00 35.62 ? 3   PHE A CE1 1 
ATOM   24  C  CE2 . PHE A 1 4   ? -7.012  20.054  19.544  1.00 29.03 ? 3   PHE A CE2 1 
ATOM   25  C  CZ  . PHE A 1 4   ? -7.666  18.854  19.386  1.00 34.08 ? 3   PHE A CZ  1 
ATOM   26  N  N   . ILE A 1 5   ? -2.521  20.000  17.507  1.00 23.64 ? 4   ILE A N   1 
ATOM   27  C  CA  . ILE A 1 5   ? -2.704  20.668  16.225  1.00 24.89 ? 4   ILE A CA  1 
ATOM   28  C  C   . ILE A 1 5   ? -1.819  20.066  15.146  1.00 24.18 ? 4   ILE A C   1 
ATOM   29  O  O   . ILE A 1 5   ? -2.274  19.829  14.042  1.00 22.06 ? 4   ILE A O   1 
ATOM   30  C  CB  . ILE A 1 5   ? -2.424  22.189  16.374  1.00 24.19 ? 4   ILE A CB  1 
ATOM   31  C  CG1 . ILE A 1 5   ? -3.478  22.837  17.281  1.00 22.51 ? 4   ILE A CG1 1 
ATOM   32  C  CG2 . ILE A 1 5   ? -2.330  22.870  15.022  1.00 28.59 ? 4   ILE A CG2 1 
ATOM   33  C  CD1 . ILE A 1 5   ? -4.879  22.814  16.744  1.00 21.80 ? 4   ILE A CD1 1 
ATOM   34  N  N   . GLU A 1 6   ? -0.557  19.808  15.459  1.00 25.67 ? 5   GLU A N   1 
ATOM   35  C  CA  . GLU A 1 6   ? 0.361   19.236  14.473  1.00 27.67 ? 5   GLU A CA  1 
ATOM   36  C  C   . GLU A 1 6   ? -0.136  17.883  13.962  1.00 27.81 ? 5   GLU A C   1 
ATOM   37  O  O   . GLU A 1 6   ? -0.023  17.586  12.774  1.00 24.48 ? 5   GLU A O   1 
ATOM   38  C  CB  . GLU A 1 6   ? 1.768   19.098  15.064  1.00 29.09 ? 5   GLU A CB  1 
ATOM   39  C  CG  . GLU A 1 6   ? 2.479   20.431  15.303  1.00 31.48 ? 5   GLU A CG  1 
ATOM   40  C  CD  . GLU A 1 6   ? 3.772   20.289  16.112  1.00 34.96 ? 5   GLU A CD  1 
ATOM   41  O  OE1 . GLU A 1 6   ? 4.113   19.158  16.539  1.00 46.32 ? 5   GLU A OE1 1 
ATOM   42  O  OE2 . GLU A 1 6   ? 4.448   21.321  16.328  1.00 44.74 ? 5   GLU A OE2 1 
ATOM   43  N  N   . LYS A 1 7   ? -0.689  17.071  14.862  1.00 29.21 ? 6   LYS A N   1 
ATOM   44  C  CA  . LYS A 1 7   ? -1.272  15.773  14.487  1.00 29.73 ? 6   LYS A CA  1 
ATOM   45  C  C   . LYS A 1 7   ? -2.478  15.941  13.585  1.00 26.49 ? 6   LYS A C   1 
ATOM   46  O  O   . LYS A 1 7   ? -2.657  15.194  12.624  1.00 26.66 ? 6   LYS A O   1 
ATOM   47  C  CB  . LYS A 1 7   ? -1.678  14.974  15.740  1.00 31.84 ? 6   LYS A CB  1 
ATOM   48  C  CG  . LYS A 1 7   ? -0.507  14.336  16.490  1.00 35.45 ? 6   LYS A CG  1 
ATOM   49  C  CD  . LYS A 1 7   ? -0.881  13.933  17.922  1.00 34.62 ? 6   LYS A CD  1 
HETATM 50  N  N   . MSE A 1 8   ? -3.308  16.932  13.878  1.00 26.16 ? 7   MSE A N   1 
HETATM 51  C  CA  . MSE A 1 8   ? -4.484  17.197  13.050  1.00 25.59 ? 7   MSE A CA  1 
HETATM 52  C  C   . MSE A 1 8   ? -4.116  17.632  11.639  1.00 22.45 ? 7   MSE A C   1 
HETATM 53  O  O   . MSE A 1 8   ? -4.749  17.196  10.669  1.00 21.28 ? 7   MSE A O   1 
HETATM 54  C  CB  . MSE A 1 8   ? -5.351  18.247  13.707  1.00 26.49 ? 7   MSE A CB  1 
HETATM 55  C  CG  . MSE A 1 8   ? -6.027  17.728  14.926  1.00 25.91 ? 7   MSE A CG  1 
HETATM 56  SE SE  . MSE A 1 8   ? -7.107  19.095  15.702  0.75 34.70 ? 7   MSE A SE  1 
HETATM 57  C  CE  . MSE A 1 8   ? -8.474  19.024  14.383  1.00 26.08 ? 7   MSE A CE  1 
ATOM   58  N  N   . ILE A 1 9   ? -3.087  18.473  11.538  1.00 20.14 ? 8   ILE A N   1 
ATOM   59  C  CA  . ILE A 1 9   ? -2.563  18.945  10.253  1.00 21.76 ? 8   ILE A CA  1 
ATOM   60  C  C   . ILE A 1 9   ? -1.889  17.812  9.480   1.00 21.92 ? 8   ILE A C   1 
ATOM   61  O  O   . ILE A 1 9   ? -2.026  17.710  8.271   1.00 25.20 ? 8   ILE A O   1 
ATOM   62  C  CB  . ILE A 1 9   ? -1.565  20.118  10.441  1.00 21.30 ? 8   ILE A CB  1 
ATOM   63  C  CG1 . ILE A 1 9   ? -2.288  21.351  10.963  1.00 16.04 ? 8   ILE A CG1 1 
ATOM   64  C  CG2 . ILE A 1 9   ? -0.871  20.444  9.122   1.00 27.02 ? 8   ILE A CG2 1 
ATOM   65  C  CD1 . ILE A 1 9   ? -1.387  22.447  11.443  1.00 21.21 ? 8   ILE A CD1 1 
ATOM   66  N  N   . GLY A 1 10  ? -1.147  16.969  10.176  1.00 24.16 ? 9   GLY A N   1 
ATOM   67  C  CA  . GLY A 1 10  ? -0.547  15.798  9.554   1.00 24.44 ? 9   GLY A CA  1 
ATOM   68  C  C   . GLY A 1 10  ? -1.615  14.910  8.953   1.00 25.43 ? 9   GLY A C   1 
ATOM   69  O  O   . GLY A 1 10  ? -1.458  14.404  7.852   1.00 27.78 ? 9   GLY A O   1 
ATOM   70  N  N   . SER A 1 11  ? -2.717  14.732  9.670   1.00 26.01 ? 10  SER A N   1 
ATOM   71  C  CA  . SER A 1 11  ? -3.848  13.974  9.155   1.00 27.44 ? 10  SER A CA  1 
ATOM   72  C  C   . SER A 1 11  ? -4.508  14.628  7.919   1.00 26.77 ? 10  SER A C   1 
ATOM   73  O  O   . SER A 1 11  ? -4.832  13.951  6.938   1.00 27.78 ? 10  SER A O   1 
ATOM   74  C  CB  . SER A 1 11  ? -4.867  13.755  10.270  1.00 28.19 ? 10  SER A CB  1 
ATOM   75  O  OG  . SER A 1 11  ? -6.038  13.139  9.772   1.00 39.30 ? 10  SER A OG  1 
ATOM   76  N  N   . LEU A 1 12  ? -4.714  15.938  7.957   1.00 26.75 ? 11  LEU A N   1 
ATOM   77  C  CA  . LEU A 1 12  ? -5.188  16.655  6.775   1.00 26.63 ? 11  LEU A CA  1 
ATOM   78  C  C   . LEU A 1 12  ? -4.286  16.390  5.574   1.00 27.21 ? 11  LEU A C   1 
ATOM   79  O  O   . LEU A 1 12  ? -4.768  16.051  4.493   1.00 28.38 ? 11  LEU A O   1 
ATOM   80  C  CB  . LEU A 1 12  ? -5.267  18.151  7.058   1.00 29.42 ? 11  LEU A CB  1 
ATOM   81  C  CG  . LEU A 1 12  ? -6.410  18.582  7.970   1.00 25.96 ? 11  LEU A CG  1 
ATOM   82  C  CD1 . LEU A 1 12  ? -6.215  20.030  8.436   1.00 30.96 ? 11  LEU A CD1 1 
ATOM   83  C  CD2 . LEU A 1 12  ? -7.744  18.415  7.284   1.00 30.57 ? 11  LEU A CD2 1 
ATOM   84  N  N   . ASN A 1 13  ? -2.982  16.520  5.776   1.00 27.97 ? 12  ASN A N   1 
ATOM   85  C  CA  A ASN A 1 13  ? -2.002  16.298  4.710   0.50 29.17 ? 12  ASN A CA  1 
ATOM   86  C  CA  B ASN A 1 13  ? -2.011  16.292  4.704   0.50 29.79 ? 12  ASN A CA  1 
ATOM   87  C  C   . ASN A 1 13  ? -2.008  14.865  4.203   1.00 30.11 ? 12  ASN A C   1 
ATOM   88  O  O   . ASN A 1 13  ? -1.900  14.629  3.018   1.00 30.33 ? 12  ASN A O   1 
ATOM   89  C  CB  A ASN A 1 13  ? -0.588  16.653  5.180   0.50 29.61 ? 12  ASN A CB  1 
ATOM   90  C  CB  B ASN A 1 13  ? -0.593  16.669  5.136   0.50 30.70 ? 12  ASN A CB  1 
ATOM   91  C  CG  A ASN A 1 13  ? -0.466  18.094  5.657   0.50 31.40 ? 12  ASN A CG  1 
ATOM   92  C  CG  B ASN A 1 13  ? -0.114  17.942  4.487   0.50 35.66 ? 12  ASN A CG  1 
ATOM   93  O  OD1 A ASN A 1 13  ? -1.317  18.935  5.364   0.50 38.10 ? 12  ASN A OD1 1 
ATOM   94  O  OD1 B ASN A 1 13  ? 0.730   17.908  3.588   0.50 42.12 ? 12  ASN A OD1 1 
ATOM   95  N  ND2 A ASN A 1 13  ? 0.595   18.379  6.395   0.50 29.62 ? 12  ASN A ND2 1 
ATOM   96  N  ND2 B ASN A 1 13  ? -0.658  19.074  4.921   0.50 42.24 ? 12  ASN A ND2 1 
ATOM   97  N  N   . ASP A 1 14  ? -2.110  13.914  5.117   1.00 31.27 ? 13  ASP A N   1 
ATOM   98  C  CA  . ASP A 1 14  ? -2.119  12.515  4.733   1.00 29.74 ? 13  ASP A CA  1 
ATOM   99  C  C   . ASP A 1 14  ? -3.345  12.204  3.911   1.00 28.03 ? 13  ASP A C   1 
ATOM   100 O  O   . ASP A 1 14  ? -3.252  11.522  2.920   1.00 28.07 ? 13  ASP A O   1 
ATOM   101 C  CB  . ASP A 1 14  ? -2.086  11.609  5.971   1.00 30.28 ? 13  ASP A CB  1 
ATOM   102 C  CG  . ASP A 1 14  ? -0.774  11.665  6.701   1.00 29.53 ? 13  ASP A CG  1 
ATOM   103 O  OD1 . ASP A 1 14  ? 0.196   12.269  6.201   1.00 36.75 ? 13  ASP A OD1 1 
ATOM   104 O  OD2 . ASP A 1 14  ? -0.719  11.113  7.798   1.00 32.04 ? 13  ASP A OD2 1 
ATOM   105 N  N   . LYS A 1 15  ? -4.499  12.715  4.331   1.00 29.36 ? 14  LYS A N   1 
ATOM   106 C  CA  . LYS A 1 15  ? -5.754  12.436  3.663   1.00 30.05 ? 14  LYS A CA  1 
ATOM   107 C  C   . LYS A 1 15  ? -5.808  13.092  2.294   1.00 30.55 ? 14  LYS A C   1 
ATOM   108 O  O   . LYS A 1 15  ? -6.429  12.567  1.382   1.00 29.72 ? 14  LYS A O   1 
ATOM   109 C  CB  . LYS A 1 15  ? -6.939  12.865  4.525   1.00 30.78 ? 14  LYS A CB  1 
ATOM   110 C  CG  . LYS A 1 15  ? -7.096  12.016  5.762   1.00 34.00 ? 14  LYS A CG  1 
ATOM   111 C  CD  . LYS A 1 15  ? -8.299  12.444  6.592   1.00 37.69 ? 14  LYS A CD  1 
ATOM   112 C  CE  . LYS A 1 15  ? -8.354  11.709  7.947   1.00 43.84 ? 14  LYS A CE  1 
ATOM   113 N  N   . ARG A 1 16  ? -5.127  14.223  2.150   1.00 30.09 ? 15  ARG A N   1 
ATOM   114 C  CA  . ARG A 1 16  ? -5.028  14.912  0.880   1.00 34.40 ? 15  ARG A CA  1 
ATOM   115 C  C   . ARG A 1 16  ? -4.172  14.102  -0.104  1.00 32.74 ? 15  ARG A C   1 
ATOM   116 O  O   . ARG A 1 16  ? -4.519  13.948  -1.279  1.00 32.37 ? 15  ARG A O   1 
ATOM   117 C  CB  . ARG A 1 16  ? -4.438  16.304  1.111   1.00 32.48 ? 15  ARG A CB  1 
ATOM   118 C  CG  . ARG A 1 16  ? -4.630  17.260  -0.025  1.00 43.66 ? 15  ARG A CG  1 
ATOM   119 C  CD  . ARG A 1 16  ? -3.592  18.371  -0.020  1.00 45.78 ? 15  ARG A CD  1 
ATOM   120 N  NE  . ARG A 1 16  ? -2.242  17.807  -0.057  1.00 59.38 ? 15  ARG A NE  1 
ATOM   121 C  CZ  . ARG A 1 16  ? -1.258  18.104  0.787   1.00 61.71 ? 15  ARG A CZ  1 
ATOM   122 N  NH1 . ARG A 1 16  ? -1.428  19.015  1.747   1.00 67.29 ? 15  ARG A NH1 1 
ATOM   123 N  NH2 . ARG A 1 16  ? -0.082  17.497  0.648   1.00 61.49 ? 15  ARG A NH2 1 
ATOM   124 N  N   . GLU A 1 17  ? -3.063  13.562  0.381   1.00 31.62 ? 16  GLU A N   1 
ATOM   125 C  CA  . GLU A 1 17  ? -2.210  12.698  -0.437  1.00 33.01 ? 16  GLU A CA  1 
ATOM   126 C  C   . GLU A 1 17  ? -2.946  11.425  -0.856  1.00 30.91 ? 16  GLU A C   1 
ATOM   127 O  O   . GLU A 1 17  ? -2.843  11.008  -2.003  1.00 31.95 ? 16  GLU A O   1 
ATOM   128 C  CB  . GLU A 1 17  ? -0.910  12.361  0.305   1.00 32.10 ? 16  GLU A CB  1 
ATOM   129 C  CG  . GLU A 1 17  ? -0.032  13.589  0.546   1.00 34.84 ? 16  GLU A CG  1 
ATOM   130 C  CD  . GLU A 1 17  ? 1.155   13.322  1.458   1.00 38.45 ? 16  GLU A CD  1 
ATOM   131 O  OE1 . GLU A 1 17  ? 1.087   12.388  2.288   1.00 44.71 ? 16  GLU A OE1 1 
ATOM   132 O  OE2 . GLU A 1 17  ? 2.162   14.057  1.349   1.00 48.79 ? 16  GLU A OE2 1 
ATOM   133 N  N   . TRP A 1 18  ? -3.688  10.828  0.072   1.00 30.63 ? 17  TRP A N   1 
ATOM   134 C  CA  A TRP A 1 18  ? -4.559  9.675   -0.191  0.50 30.96 ? 17  TRP A CA  1 
ATOM   135 C  CA  B TRP A 1 18  ? -4.480  9.656   -0.261  0.50 30.79 ? 17  TRP A CA  1 
ATOM   136 C  C   . TRP A 1 18  ? -5.549  9.970   -1.311  1.00 30.46 ? 17  TRP A C   1 
ATOM   137 O  O   . TRP A 1 18  ? -5.708  9.198   -2.231  1.00 29.87 ? 17  TRP A O   1 
ATOM   138 C  CB  A TRP A 1 18  ? -5.340  9.303   1.089   0.50 31.69 ? 17  TRP A CB  1 
ATOM   139 C  CB  B TRP A 1 18  ? -5.102  9.022   0.984   0.50 31.79 ? 17  TRP A CB  1 
ATOM   140 C  CG  A TRP A 1 18  ? -6.353  8.169   0.941   0.50 32.84 ? 17  TRP A CG  1 
ATOM   141 C  CG  B TRP A 1 18  ? -5.700  7.649   0.737   0.50 34.18 ? 17  TRP A CG  1 
ATOM   142 C  CD1 A TRP A 1 18  ? -6.116  6.838   1.116   0.50 37.31 ? 17  TRP A CD1 1 
ATOM   143 C  CD1 B TRP A 1 18  ? -7.023  7.310   0.820   0.50 34.20 ? 17  TRP A CD1 1 
ATOM   144 C  CD2 A TRP A 1 18  ? -7.755  8.282   0.627   0.50 34.83 ? 17  TRP A CD2 1 
ATOM   145 C  CD2 B TRP A 1 18  ? -5.000  6.437   0.382   0.50 36.26 ? 17  TRP A CD2 1 
ATOM   146 N  NE1 A TRP A 1 18  ? -7.266  6.115   0.909   0.50 37.27 ? 17  TRP A NE1 1 
ATOM   147 N  NE1 B TRP A 1 18  ? -7.189  5.975   0.536   0.50 36.48 ? 17  TRP A NE1 1 
ATOM   148 C  CE2 A TRP A 1 18  ? -8.287  6.975   0.608   0.50 35.19 ? 17  TRP A CE2 1 
ATOM   149 C  CE2 B TRP A 1 18  ? -5.964  5.416   0.269   0.50 39.11 ? 17  TRP A CE2 1 
ATOM   150 C  CE3 A TRP A 1 18  ? -8.604  9.360   0.336   0.50 39.43 ? 17  TRP A CE3 1 
ATOM   151 C  CE3 B TRP A 1 18  ? -3.656  6.118   0.140   0.50 37.03 ? 17  TRP A CE3 1 
ATOM   152 C  CZ2 A TRP A 1 18  ? -9.631  6.714   0.322   0.50 34.65 ? 17  TRP A CZ2 1 
ATOM   153 C  CZ2 B TRP A 1 18  ? -5.626  4.097   -0.068  0.50 40.49 ? 17  TRP A CZ2 1 
ATOM   154 C  CZ3 A TRP A 1 18  ? -9.944  9.098   0.041   0.50 36.60 ? 17  TRP A CZ3 1 
ATOM   155 C  CZ3 B TRP A 1 18  ? -3.322  4.804   -0.202  0.50 36.44 ? 17  TRP A CZ3 1 
ATOM   156 C  CH2 A TRP A 1 18  ? -10.442 7.784   0.043   0.50 35.62 ? 17  TRP A CH2 1 
ATOM   157 C  CH2 B TRP A 1 18  ? -4.302  3.815   -0.306  0.50 34.26 ? 17  TRP A CH2 1 
ATOM   158 N  N   . LYS A 1 19  ? -6.256  11.095  -1.186  1.00 29.42 ? 18  LYS A N   1 
ATOM   159 C  CA  . LYS A 1 19  ? -7.221  11.535  -2.196  1.00 29.14 ? 18  LYS A CA  1 
ATOM   160 C  C   . LYS A 1 19  ? -6.602  11.612  -3.596  1.00 29.62 ? 18  LYS A C   1 
ATOM   161 O  O   . LYS A 1 19  ? -7.180  11.141  -4.594  1.00 31.02 ? 18  LYS A O   1 
ATOM   162 C  CB  . LYS A 1 19  ? -7.808  12.900  -1.811  1.00 29.34 ? 18  LYS A CB  1 
ATOM   163 C  CG  . LYS A 1 19  ? -8.904  13.395  -2.753  1.00 30.02 ? 18  LYS A CG  1 
ATOM   164 C  CD  . LYS A 1 19  ? -9.504  14.719  -2.320  1.00 29.75 ? 18  LYS A CD  1 
ATOM   165 C  CE  . LYS A 1 19  ? -10.661 15.064  -3.185  1.00 25.78 ? 18  LYS A CE  1 
ATOM   166 N  NZ  . LYS A 1 19  ? -11.417 16.270  -2.810  1.00 25.51 ? 18  LYS A NZ  1 
ATOM   167 N  N   . ALA A 1 20  ? -5.424  12.208  -3.671  1.00 29.31 ? 19  ALA A N   1 
ATOM   168 C  CA  . ALA A 1 20  ? -4.707  12.344  -4.914  1.00 28.87 ? 19  ALA A CA  1 
ATOM   169 C  C   . ALA A 1 20  ? -4.322  10.977  -5.477  1.00 30.31 ? 19  ALA A C   1 
ATOM   170 O  O   . ALA A 1 20  ? -4.360  10.777  -6.674  1.00 30.10 ? 19  ALA A O   1 
ATOM   171 C  CB  . ALA A 1 20  ? -3.480  13.178  -4.696  1.00 30.52 ? 19  ALA A CB  1 
HETATM 172 N  N   . MSE A 1 21  ? -3.928  10.056  -4.603  1.00 30.98 ? 20  MSE A N   1 
HETATM 173 C  CA  . MSE A 1 21  ? -3.563  8.714   -5.024  1.00 33.79 ? 20  MSE A CA  1 
HETATM 174 C  C   . MSE A 1 21  ? -4.775  7.959   -5.506  1.00 30.98 ? 20  MSE A C   1 
HETATM 175 O  O   . MSE A 1 21  ? -4.692  7.241   -6.486  1.00 28.81 ? 20  MSE A O   1 
HETATM 176 C  CB  . MSE A 1 21  ? -2.868  7.947   -3.899  1.00 35.03 ? 20  MSE A CB  1 
HETATM 177 C  CG  . MSE A 1 21  ? -1.427  8.306   -3.761  1.00 35.84 ? 20  MSE A CG  1 
HETATM 178 SE SE  . MSE A 1 21  ? -0.638  7.545   -2.148  0.75 44.73 ? 20  MSE A SE  1 
HETATM 179 C  CE  . MSE A 1 21  ? -0.205  5.927   -2.806  1.00 37.76 ? 20  MSE A CE  1 
ATOM   180 N  N   . GLU A 1 22  ? -5.908  8.138   -4.832  1.00 30.06 ? 21  GLU A N   1 
ATOM   181 C  CA  . GLU A 1 22  ? -7.152  7.559   -5.282  1.00 28.76 ? 21  GLU A CA  1 
ATOM   182 C  C   . GLU A 1 22  ? -7.523  8.043   -6.687  1.00 30.37 ? 21  GLU A C   1 
ATOM   183 O  O   . GLU A 1 22  ? -8.053  7.269   -7.484  1.00 31.04 ? 21  GLU A O   1 
ATOM   184 C  CB  . GLU A 1 22  ? -8.294  7.824   -4.288  1.00 29.45 ? 21  GLU A CB  1 
ATOM   185 C  CG  . GLU A 1 22  ? -8.170  7.050   -2.966  1.00 30.80 ? 21  GLU A CG  1 
ATOM   186 C  CD  . GLU A 1 22  ? -8.296  5.542   -3.147  1.00 29.16 ? 21  GLU A CD  1 
ATOM   187 O  OE1 . GLU A 1 22  ? -9.412  5.044   -3.373  1.00 40.96 ? 21  GLU A OE1 1 
ATOM   188 O  OE2 . GLU A 1 22  ? -7.275  4.859   -3.090  1.00 34.01 ? 21  GLU A OE2 1 
ATOM   189 N  N   . ALA A 1 23  ? -7.232  9.311   -6.981  1.00 29.72 ? 22  ALA A N   1 
ATOM   190 C  CA  . ALA A 1 23  ? -7.530  9.902   -8.269  1.00 30.18 ? 22  ALA A CA  1 
ATOM   191 C  C   . ALA A 1 23  ? -6.612  9.334   -9.336  1.00 27.91 ? 22  ALA A C   1 
ATOM   192 O  O   . ALA A 1 23  ? -7.047  9.069   -10.427 1.00 27.41 ? 22  ALA A O   1 
ATOM   193 C  CB  . ALA A 1 23  ? -7.398  11.405  -8.208  1.00 30.84 ? 22  ALA A CB  1 
ATOM   194 N  N   . ARG A 1 24  ? -5.335  9.155   -9.018  1.00 28.32 ? 23  ARG A N   1 
ATOM   195 C  CA  . ARG A 1 24  ? -4.410  8.513   -9.950  1.00 27.22 ? 23  ARG A CA  1 
ATOM   196 C  C   . ARG A 1 24  ? -4.901  7.136   -10.381 1.00 27.19 ? 23  ARG A C   1 
ATOM   197 O  O   . ARG A 1 24  ? -4.800  6.770   -11.546 1.00 28.99 ? 23  ARG A O   1 
ATOM   198 C  CB  . ARG A 1 24  ? -3.035  8.375   -9.324  1.00 27.62 ? 23  ARG A CB  1 
ATOM   199 C  CG  . ARG A 1 24  ? -2.236  9.637   -9.426  1.00 27.17 ? 23  ARG A CG  1 
ATOM   200 C  CD  . ARG A 1 24  ? -0.904  9.473   -8.792  1.00 19.58 ? 23  ARG A CD  1 
ATOM   201 N  NE  . ARG A 1 24  ? 0.046   8.705   -9.582  1.00 27.38 ? 23  ARG A NE  1 
ATOM   202 C  CZ  . ARG A 1 24  ? 1.189   8.244   -9.090  1.00 25.46 ? 23  ARG A CZ  1 
ATOM   203 N  NH1 . ARG A 1 24  ? 1.515   8.466   -7.825  1.00 35.65 ? 23  ARG A NH1 1 
ATOM   204 N  NH2 . ARG A 1 24  ? 2.020   7.574   -9.846  1.00 33.51 ? 23  ARG A NH2 1 
ATOM   205 N  N   . ALA A 1 25  ? -5.416  6.377   -9.427  1.00 27.34 ? 24  ALA A N   1 
ATOM   206 C  CA  . ALA A 1 25  ? -5.920  5.037   -9.700  1.00 26.44 ? 24  ALA A CA  1 
ATOM   207 C  C   . ALA A 1 25  ? -7.186  5.073   -10.513 1.00 28.75 ? 24  ALA A C   1 
ATOM   208 O  O   . ALA A 1 25  ? -7.384  4.226   -11.373 1.00 29.24 ? 24  ALA A O   1 
ATOM   209 C  CB  . ALA A 1 25  ? -6.155  4.291   -8.398  1.00 27.49 ? 24  ALA A CB  1 
ATOM   210 N  N   . LYS A 1 26  ? -8.059  6.048   -10.230 1.00 30.08 ? 25  LYS A N   1 
ATOM   211 C  CA  . LYS A 1 26  ? -9.319  6.199   -10.953 1.00 29.15 ? 25  LYS A CA  1 
ATOM   212 C  C   . LYS A 1 26  ? -9.087  6.607   -12.419 1.00 27.94 ? 25  LYS A C   1 
ATOM   213 O  O   . LYS A 1 26  ? -9.874  6.249   -13.303 1.00 25.57 ? 25  LYS A O   1 
ATOM   214 C  CB  . LYS A 1 26  ? -10.202 7.209   -10.220 1.00 30.63 ? 25  LYS A CB  1 
ATOM   215 C  CG  . LYS A 1 26  ? -11.574 7.460   -10.814 1.00 34.02 ? 25  LYS A CG  1 
ATOM   216 C  CD  . LYS A 1 26  ? -12.499 6.300   -10.609 1.00 41.71 ? 25  LYS A CD  1 
ATOM   217 C  CE  . LYS A 1 26  ? -13.928 6.666   -10.962 1.00 46.42 ? 25  LYS A CE  1 
ATOM   218 N  NZ  . LYS A 1 26  ? -14.633 5.518   -11.607 1.00 53.02 ? 25  LYS A NZ  1 
ATOM   219 N  N   . ALA A 1 27  ? -8.002  7.343   -12.672 1.00 26.69 ? 26  ALA A N   1 
ATOM   220 C  CA  . ALA A 1 27  ? -7.652  7.749   -14.015 1.00 25.64 ? 26  ALA A CA  1 
ATOM   221 C  C   . ALA A 1 27  ? -7.209  6.573   -14.882 1.00 25.38 ? 26  ALA A C   1 
ATOM   222 O  O   . ALA A 1 27  ? -7.272  6.662   -16.091 1.00 26.54 ? 26  ALA A O   1 
ATOM   223 C  CB  . ALA A 1 27  ? -6.584  8.801   -13.993 1.00 25.93 ? 26  ALA A CB  1 
ATOM   224 N  N   . LEU A 1 28  ? -6.787  5.477   -14.260 1.00 26.71 ? 27  LEU A N   1 
ATOM   225 C  CA  . LEU A 1 28  ? -6.346  4.302   -14.983 1.00 25.21 ? 27  LEU A CA  1 
ATOM   226 C  C   . LEU A 1 28  ? -7.516  3.581   -15.673 1.00 24.91 ? 27  LEU A C   1 
ATOM   227 O  O   . LEU A 1 28  ? -8.678  3.831   -15.353 1.00 26.22 ? 27  LEU A O   1 
ATOM   228 C  CB  . LEU A 1 28  ? -5.659  3.349   -14.034 1.00 27.42 ? 27  LEU A CB  1 
ATOM   229 C  CG  . LEU A 1 28  ? -4.342  3.793   -13.387 1.00 25.48 ? 27  LEU A CG  1 
ATOM   230 C  CD1 . LEU A 1 28  ? -3.931  2.803   -12.377 1.00 29.35 ? 27  LEU A CD1 1 
ATOM   231 C  CD2 . LEU A 1 28  ? -3.271  3.955   -14.441 1.00 26.19 ? 27  LEU A CD2 1 
ATOM   232 N  N   . PRO A 1 29  ? -7.214  2.701   -16.639 1.00 23.29 ? 28  PRO A N   1 
ATOM   233 C  CA  . PRO A 1 29  ? -8.320  1.915   -17.194 1.00 25.63 ? 28  PRO A CA  1 
ATOM   234 C  C   . PRO A 1 29  ? -8.985  1.047   -16.108 1.00 25.09 ? 28  PRO A C   1 
ATOM   235 O  O   . PRO A 1 29  ? -8.393  0.806   -15.070 1.00 25.29 ? 28  PRO A O   1 
ATOM   236 C  CB  . PRO A 1 29  ? -7.639  1.052   -18.264 1.00 22.64 ? 28  PRO A CB  1 
ATOM   237 C  CG  . PRO A 1 29  ? -6.356  1.735   -18.581 1.00 22.15 ? 28  PRO A CG  1 
ATOM   238 C  CD  . PRO A 1 29  ? -5.938  2.426   -17.324 1.00 22.38 ? 28  PRO A CD  1 
ATOM   239 N  N   . LYS A 1 30  ? -10.196 0.582   -16.380 1.00 27.00 ? 29  LYS A N   1 
ATOM   240 C  CA  . LYS A 1 30  ? -11.021 -0.193  -15.447 1.00 29.32 ? 29  LYS A CA  1 
ATOM   241 C  C   . LYS A 1 30  ? -10.275 -1.332  -14.786 1.00 31.56 ? 29  LYS A C   1 
ATOM   242 O  O   . LYS A 1 30  ? -10.353 -1.506  -13.563 1.00 32.84 ? 29  LYS A O   1 
ATOM   243 C  CB  . LYS A 1 30  ? -12.239 -0.762  -16.185 1.00 31.93 ? 29  LYS A CB  1 
ATOM   244 C  CG  . LYS A 1 30  ? -13.321 -1.366  -15.296 1.00 35.82 ? 29  LYS A CG  1 
ATOM   245 C  CD  . LYS A 1 30  ? -14.548 -1.789  -16.132 1.00 35.78 ? 29  LYS A CD  1 
ATOM   246 N  N   . GLU A 1 31  ? -9.542  -2.095  -15.586 1.00 30.39 ? 30  GLU A N   1 
ATOM   247 C  CA  . GLU A 1 31  ? -8.892  -3.308  -15.105 1.00 31.31 ? 30  GLU A CA  1 
ATOM   248 C  C   . GLU A 1 31  ? -7.783  -2.972  -14.114 1.00 29.14 ? 30  GLU A C   1 
ATOM   249 O  O   . GLU A 1 31  ? -7.573  -3.684  -13.151 1.00 31.65 ? 30  GLU A O   1 
ATOM   250 C  CB  . GLU A 1 31  ? -8.322  -4.121  -16.279 1.00 31.71 ? 30  GLU A CB  1 
ATOM   251 C  CG  . GLU A 1 31  ? -9.369  -4.798  -17.151 1.00 38.35 ? 30  GLU A CG  1 
ATOM   252 C  CD  . GLU A 1 31  ? -10.199 -3.824  -17.994 1.00 45.67 ? 30  GLU A CD  1 
ATOM   253 O  OE1 . GLU A 1 31  ? -9.714  -2.696  -18.302 1.00 33.50 ? 30  GLU A OE1 1 
ATOM   254 O  OE2 . GLU A 1 31  ? -11.346 -4.201  -18.346 1.00 44.46 ? 30  GLU A OE2 1 
ATOM   255 N  N   . TYR A 1 32  ? -7.077  -1.882  -14.385 1.00 28.25 ? 31  TYR A N   1 
ATOM   256 C  CA  . TYR A 1 32  ? -6.011  -1.379  -13.543 1.00 27.32 ? 31  TYR A CA  1 
ATOM   257 C  C   . TYR A 1 32  ? -6.562  -0.799  -12.243 1.00 25.15 ? 31  TYR A C   1 
ATOM   258 O  O   . TYR A 1 32  ? -6.031  -1.048  -11.189 1.00 27.97 ? 31  TYR A O   1 
ATOM   259 C  CB  . TYR A 1 32  ? -5.240  -0.291  -14.277 1.00 26.74 ? 31  TYR A CB  1 
ATOM   260 C  CG  . TYR A 1 32  ? -4.178  -0.796  -15.195 1.00 23.96 ? 31  TYR A CG  1 
ATOM   261 C  CD1 . TYR A 1 32  ? -4.468  -1.136  -16.529 1.00 25.24 ? 31  TYR A CD1 1 
ATOM   262 C  CD2 . TYR A 1 32  ? -2.880  -0.940  -14.743 1.00 24.82 ? 31  TYR A CD2 1 
ATOM   263 C  CE1 . TYR A 1 32  ? -3.481  -1.598  -17.371 1.00 27.89 ? 31  TYR A CE1 1 
ATOM   264 C  CE2 . TYR A 1 32  ? -1.895  -1.403  -15.567 1.00 36.64 ? 31  TYR A CE2 1 
ATOM   265 C  CZ  . TYR A 1 32  ? -2.198  -1.723  -16.887 1.00 30.03 ? 31  TYR A CZ  1 
ATOM   266 O  OH  . TYR A 1 32  ? -1.191  -2.181  -17.674 1.00 29.70 ? 31  TYR A OH  1 
ATOM   267 N  N   . HIS A 1 33  ? -7.625  -0.008  -12.343 1.00 27.66 ? 32  HIS A N   1 
ATOM   268 C  CA  . HIS A 1 33  ? -8.305  0.522   -11.173 1.00 27.43 ? 32  HIS A CA  1 
ATOM   269 C  C   . HIS A 1 33  ? -8.845  -0.604  -10.290 1.00 27.29 ? 32  HIS A C   1 
ATOM   270 O  O   . HIS A 1 33  ? -8.739  -0.550  -9.080  1.00 28.56 ? 32  HIS A O   1 
ATOM   271 C  CB  . HIS A 1 33  ? -9.424  1.471   -11.600 1.00 28.42 ? 32  HIS A CB  1 
ATOM   272 C  CG  . HIS A 1 33  ? -10.133 2.137   -10.461 1.00 28.85 ? 32  HIS A CG  1 
ATOM   273 N  ND1 . HIS A 1 33  ? -11.501 2.108   -10.325 1.00 34.26 ? 32  HIS A ND1 1 
ATOM   274 C  CD2 . HIS A 1 33  ? -9.670  2.845   -9.407  1.00 38.84 ? 32  HIS A CD2 1 
ATOM   275 C  CE1 . HIS A 1 33  ? -11.852 2.759   -9.233  1.00 30.52 ? 32  HIS A CE1 1 
ATOM   276 N  NE2 . HIS A 1 33  ? -10.762 3.228   -8.664  1.00 26.76 ? 32  HIS A NE2 1 
ATOM   277 N  N   . HIS A 1 34  ? -9.417  -1.618  -10.911 1.00 29.39 ? 33  HIS A N   1 
ATOM   278 C  CA  . HIS A 1 34  ? -9.919  -2.779  -10.195 1.00 28.72 ? 33  HIS A CA  1 
ATOM   279 C  C   . HIS A 1 34  ? -8.761  -3.507  -9.525  1.00 26.45 ? 33  HIS A C   1 
ATOM   280 O  O   . HIS A 1 34  ? -8.825  -3.832  -8.350  1.00 31.55 ? 33  HIS A O   1 
ATOM   281 C  CB  . HIS A 1 34  ? -10.683 -3.691  -11.144 1.00 28.04 ? 33  HIS A CB  1 
ATOM   282 C  CG  . HIS A 1 34  ? -11.135 -4.969  -10.517 1.00 33.03 ? 33  HIS A CG  1 
ATOM   283 N  ND1 . HIS A 1 34  ? -10.423 -6.142  -10.630 1.00 36.49 ? 33  HIS A ND1 1 
ATOM   284 C  CD2 . HIS A 1 34  ? -12.228 -5.259  -9.777  1.00 33.70 ? 33  HIS A CD2 1 
ATOM   285 C  CE1 . HIS A 1 34  ? -11.059 -7.101  -9.982  1.00 36.88 ? 33  HIS A CE1 1 
ATOM   286 N  NE2 . HIS A 1 34  ? -12.158 -6.593  -9.461  1.00 37.58 ? 33  HIS A NE2 1 
ATOM   287 N  N   . ALA A 1 35  ? -7.672  -3.716  -10.247 1.00 27.90 ? 34  ALA A N   1 
ATOM   288 C  CA  . ALA A 1 35  ? -6.512  -4.376  -9.669  1.00 27.45 ? 34  ALA A CA  1 
ATOM   289 C  C   . ALA A 1 35  ? -5.937  -3.619  -8.459  1.00 28.64 ? 34  ALA A C   1 
ATOM   290 O  O   . ALA A 1 35  ? -5.548  -4.230  -7.465  1.00 28.55 ? 34  ALA A O   1 
ATOM   291 C  CB  . ALA A 1 35  ? -5.453  -4.608  -10.715 1.00 28.44 ? 34  ALA A CB  1 
ATOM   292 N  N   . TYR A 1 36  ? -5.914  -2.292  -8.538  1.00 27.01 ? 35  TYR A N   1 
ATOM   293 C  CA  . TYR A 1 36  ? -5.393  -1.454  -7.470  1.00 27.24 ? 35  TYR A CA  1 
ATOM   294 C  C   . TYR A 1 36  ? -6.252  -1.603  -6.202  1.00 28.33 ? 35  TYR A C   1 
ATOM   295 O  O   . TYR A 1 36  ? -5.742  -1.765  -5.107  1.00 28.52 ? 35  TYR A O   1 
ATOM   296 C  CB  . TYR A 1 36  ? -5.396  -0.002  -7.936  1.00 26.92 ? 35  TYR A CB  1 
ATOM   297 C  CG  . TYR A 1 36  ? -4.782  0.975   -6.977  1.00 26.69 ? 35  TYR A CG  1 
ATOM   298 C  CD1 . TYR A 1 36  ? -3.407  1.105   -6.874  1.00 29.76 ? 35  TYR A CD1 1 
ATOM   299 C  CD2 . TYR A 1 36  ? -5.571  1.784   -6.185  1.00 25.95 ? 35  TYR A CD2 1 
ATOM   300 C  CE1 . TYR A 1 36  ? -2.851  2.011   -6.022  1.00 30.66 ? 35  TYR A CE1 1 
ATOM   301 C  CE2 . TYR A 1 36  ? -5.016  2.699   -5.334  1.00 24.37 ? 35  TYR A CE2 1 
ATOM   302 C  CZ  . TYR A 1 36  ? -3.657  2.815   -5.262  1.00 26.36 ? 35  TYR A CZ  1 
ATOM   303 O  OH  . TYR A 1 36  ? -3.092  3.715   -4.398  1.00 28.60 ? 35  TYR A OH  1 
ATOM   304 N  N   . LYS A 1 37  ? -7.560  -1.552  -6.392  1.00 28.10 ? 36  LYS A N   1 
ATOM   305 C  CA  A LYS A 1 37  ? -8.505  -1.752  -5.302  0.50 29.74 ? 36  LYS A CA  1 
ATOM   306 C  CA  B LYS A 1 37  ? -8.514  -1.760  -5.308  0.50 29.02 ? 36  LYS A CA  1 
ATOM   307 C  C   . LYS A 1 37  ? -8.381  -3.162  -4.711  1.00 29.76 ? 36  LYS A C   1 
ATOM   308 O  O   . LYS A 1 37  ? -8.472  -3.332  -3.513  1.00 31.05 ? 36  LYS A O   1 
ATOM   309 C  CB  A LYS A 1 37  ? -9.933  -1.468  -5.785  0.50 29.28 ? 36  LYS A CB  1 
ATOM   310 C  CB  B LYS A 1 37  ? -9.941  -1.539  -5.807  0.50 28.02 ? 36  LYS A CB  1 
ATOM   311 C  CG  A LYS A 1 37  ? -10.378 -0.018  -5.653  0.50 32.28 ? 36  LYS A CG  1 
ATOM   312 C  CG  B LYS A 1 37  ? -10.270 -0.114  -6.166  0.50 25.44 ? 36  LYS A CG  1 
ATOM   313 C  CD  A LYS A 1 37  ? -9.277  0.984   -5.963  0.50 39.29 ? 36  LYS A CD  1 
ATOM   314 C  CD  B LYS A 1 37  ? -11.734 0.013   -6.583  0.50 29.72 ? 36  LYS A CD  1 
ATOM   315 N  N   . ALA A 1 38  ? -8.144  -4.165  -5.556  1.00 30.20 ? 37  ALA A N   1 
ATOM   316 C  CA  . ALA A 1 38  ? -7.949  -5.536  -5.071  1.00 29.32 ? 37  ALA A CA  1 
ATOM   317 C  C   . ALA A 1 38  ? -6.678  -5.644  -4.218  1.00 28.84 ? 37  ALA A C   1 
ATOM   318 O  O   . ALA A 1 38  ? -6.672  -6.300  -3.183  1.00 27.20 ? 37  ALA A O   1 
ATOM   319 C  CB  . ALA A 1 38  ? -7.891  -6.501  -6.211  1.00 30.64 ? 37  ALA A CB  1 
ATOM   320 N  N   . ILE A 1 39  ? -5.608  -4.997  -4.668  1.00 27.40 ? 38  ILE A N   1 
ATOM   321 C  CA  . ILE A 1 39  ? -4.358  -4.964  -3.927  1.00 26.72 ? 38  ILE A CA  1 
ATOM   322 C  C   . ILE A 1 39  ? -4.514  -4.188  -2.612  1.00 27.94 ? 38  ILE A C   1 
ATOM   323 O  O   . ILE A 1 39  ? -3.911  -4.554  -1.626  1.00 27.39 ? 38  ILE A O   1 
ATOM   324 C  CB  . ILE A 1 39  ? -3.209  -4.395  -4.774  1.00 26.24 ? 38  ILE A CB  1 
ATOM   325 C  CG1 . ILE A 1 39  ? -2.915  -5.338  -5.960  1.00 29.02 ? 38  ILE A CG1 1 
ATOM   326 C  CG2 . ILE A 1 39  ? -1.958  -4.213  -3.948  1.00 31.99 ? 38  ILE A CG2 1 
ATOM   327 C  CD1 . ILE A 1 39  ? -1.808  -4.881  -6.884  1.00 27.99 ? 38  ILE A CD1 1 
ATOM   328 N  N   . GLN A 1 40  ? -5.298  -3.111  -2.608  1.00 29.51 ? 39  GLN A N   1 
ATOM   329 C  CA  . GLN A 1 40  ? -5.576  -2.370  -1.386  1.00 31.35 ? 39  GLN A CA  1 
ATOM   330 C  C   . GLN A 1 40  ? -6.213  -3.295  -0.362  1.00 32.11 ? 39  GLN A C   1 
ATOM   331 O  O   . GLN A 1 40  ? -5.770  -3.359  0.757   1.00 31.14 ? 39  GLN A O   1 
ATOM   332 C  CB  . GLN A 1 40  ? -6.517  -1.200  -1.657  1.00 31.89 ? 39  GLN A CB  1 
ATOM   333 C  CG  . GLN A 1 40  ? -5.837  0.047   -2.134  1.00 34.93 ? 39  GLN A CG  1 
ATOM   334 C  CD  . GLN A 1 40  ? -6.823  1.174   -2.394  1.00 33.37 ? 39  GLN A CD  1 
ATOM   335 O  OE1 . GLN A 1 40  ? -7.948  0.943   -2.817  1.00 36.48 ? 39  GLN A OE1 1 
ATOM   336 N  NE2 . GLN A 1 40  ? -6.393  2.389   -2.160  1.00 35.68 ? 39  GLN A NE2 1 
ATOM   337 N  N   . LYS A 1 41  ? -7.247  -4.033  -0.759  1.00 32.90 ? 40  LYS A N   1 
ATOM   338 C  CA  . LYS A 1 41  ? -7.911  -4.950  0.167   1.00 34.36 ? 40  LYS A CA  1 
ATOM   339 C  C   . LYS A 1 41  ? -6.897  -5.941  0.733   1.00 30.23 ? 40  LYS A C   1 
ATOM   340 O  O   . LYS A 1 41  ? -6.878  -6.192  1.926   1.00 29.54 ? 40  LYS A O   1 
ATOM   341 C  CB  . LYS A 1 41  ? -9.071  -5.689  -0.512  1.00 34.93 ? 40  LYS A CB  1 
ATOM   342 C  CG  . LYS A 1 41  ? -10.252 -4.770  -0.899  1.00 41.66 ? 40  LYS A CG  1 
ATOM   343 C  CD  . LYS A 1 41  ? -11.322 -5.521  -1.724  1.00 41.43 ? 40  LYS A CD  1 
ATOM   344 C  CE  . LYS A 1 41  ? -12.504 -4.621  -2.143  1.00 47.47 ? 40  LYS A CE  1 
ATOM   345 N  N   . TYR A 1 42  ? -6.046  -6.477  -0.133  1.00 28.66 ? 41  TYR A N   1 
ATOM   346 C  CA  . TYR A 1 42  ? -5.032  -7.443  0.268   1.00 28.28 ? 41  TYR A CA  1 
ATOM   347 C  C   . TYR A 1 42  ? -4.056  -6.828  1.269   1.00 28.48 ? 41  TYR A C   1 
ATOM   348 O  O   . TYR A 1 42  ? -3.750  -7.432  2.270   1.00 29.57 ? 41  TYR A O   1 
ATOM   349 C  CB  . TYR A 1 42  ? -4.293  -7.973  -0.957  1.00 26.25 ? 41  TYR A CB  1 
ATOM   350 C  CG  . TYR A 1 42  ? -3.152  -8.899  -0.657  1.00 24.68 ? 41  TYR A CG  1 
ATOM   351 C  CD1 . TYR A 1 42  ? -3.371  -10.223 -0.317  1.00 31.85 ? 41  TYR A CD1 1 
ATOM   352 C  CD2 . TYR A 1 42  ? -1.845  -8.457  -0.717  1.00 28.92 ? 41  TYR A CD2 1 
ATOM   353 C  CE1 . TYR A 1 42  ? -2.322  -11.079 -0.036  1.00 27.00 ? 41  TYR A CE1 1 
ATOM   354 C  CE2 . TYR A 1 42  ? -0.792  -9.304  -0.438  1.00 28.87 ? 41  TYR A CE2 1 
ATOM   355 C  CZ  . TYR A 1 42  ? -1.037  -10.617 -0.097  1.00 29.51 ? 41  TYR A CZ  1 
ATOM   356 O  OH  . TYR A 1 42  ? 0.021   -11.459 0.171   1.00 30.27 ? 41  TYR A OH  1 
HETATM 357 N  N   . MSE A 1 43  ? -3.597  -5.618  0.993   1.00 31.50 ? 42  MSE A N   1 
HETATM 358 C  CA  . MSE A 1 43  ? -2.714  -4.902  1.882   1.00 33.52 ? 42  MSE A CA  1 
HETATM 359 C  C   . MSE A 1 43  ? -3.389  -4.436  3.167   1.00 35.81 ? 42  MSE A C   1 
HETATM 360 O  O   . MSE A 1 43  ? -2.687  -4.223  4.137   1.00 37.34 ? 42  MSE A O   1 
HETATM 361 C  CB  . MSE A 1 43  ? -2.113  -3.668  1.201   1.00 31.25 ? 42  MSE A CB  1 
HETATM 362 C  CG  . MSE A 1 43  ? -1.177  -3.942  0.048   1.00 32.36 ? 42  MSE A CG  1 
HETATM 363 SE SE  . MSE A 1 43  ? 0.339   -5.092  0.436   0.75 37.25 ? 42  MSE A SE  1 
HETATM 364 C  CE  . MSE A 1 43  ? 1.434   -4.620  -1.171  1.00 31.92 ? 42  MSE A CE  1 
ATOM   365 N  N   . TRP A 1 44  ? -4.709  -4.252  3.200   1.00 38.67 ? 43  TRP A N   1 
ATOM   366 C  CA  . TRP A 1 44  ? -5.365  -3.798  4.442   1.00 42.74 ? 43  TRP A CA  1 
ATOM   367 C  C   . TRP A 1 44  ? -5.576  -4.987  5.356   1.00 44.64 ? 43  TRP A C   1 
ATOM   368 O  O   . TRP A 1 44  ? -6.566  -5.084  6.074   1.00 49.73 ? 43  TRP A O   1 
ATOM   369 C  CB  . TRP A 1 44  ? -6.697  -3.077  4.213   1.00 47.17 ? 43  TRP A CB  1 
ATOM   370 C  CG  . TRP A 1 44  ? -6.664  -1.846  3.317   1.00 53.29 ? 43  TRP A CG  1 
ATOM   371 C  CD1 . TRP A 1 44  ? -7.731  -1.324  2.623   1.00 53.62 ? 43  TRP A CD1 1 
ATOM   372 C  CD2 . TRP A 1 44  ? -5.532  -1.005  2.998   1.00 59.31 ? 43  TRP A CD2 1 
ATOM   373 N  NE1 . TRP A 1 44  ? -7.336  -0.214  1.902   1.00 62.00 ? 43  TRP A NE1 1 
ATOM   374 C  CE2 . TRP A 1 44  ? -5.998  0.005   2.117   1.00 62.50 ? 43  TRP A CE2 1 
ATOM   375 C  CE3 . TRP A 1 44  ? -4.177  -0.998  3.378   1.00 63.00 ? 43  TRP A CE3 1 
ATOM   376 C  CZ2 . TRP A 1 44  ? -5.156  1.004   1.599   1.00 61.17 ? 43  TRP A CZ2 1 
ATOM   377 C  CZ3 . TRP A 1 44  ? -3.342  0.001   2.870   1.00 60.60 ? 43  TRP A CZ3 1 
ATOM   378 C  CH2 . TRP A 1 44  ? -3.838  0.986   1.986   1.00 60.11 ? 43  TRP A CH2 1 
ATOM   379 N  N   . THR A 1 45  ? -4.633  -5.906  5.315   1.00 43.07 ? 44  THR A N   1 
ATOM   380 C  CA  . THR A 1 45  ? -4.631  -7.035  6.185   1.00 41.75 ? 44  THR A CA  1 
ATOM   381 C  C   . THR A 1 45  ? -3.289  -6.982  6.891   1.00 43.44 ? 44  THR A C   1 
ATOM   382 O  O   . THR A 1 45  ? -2.574  -5.969  6.861   1.00 44.72 ? 44  THR A O   1 
ATOM   383 C  CB  . THR A 1 45  ? -4.778  -8.348  5.405   1.00 39.57 ? 44  THR A CB  1 
ATOM   384 O  OG1 . THR A 1 45  ? -3.560  -8.621  4.693   1.00 32.50 ? 44  THR A OG1 1 
ATOM   385 C  CG2 . THR A 1 45  ? -5.961  -8.293  4.428   1.00 39.76 ? 44  THR A CG2 1 
ATOM   386 N  N   . SER A 1 46  ? -2.926  -8.091  7.504   1.00 44.62 ? 45  SER A N   1 
ATOM   387 C  CA  A SER A 1 46  ? -1.732  -8.103  8.320   0.50 44.88 ? 45  SER A CA  1 
ATOM   388 C  CA  B SER A 1 46  ? -1.730  -8.169  8.314   0.50 44.96 ? 45  SER A CA  1 
ATOM   389 C  C   . SER A 1 46  ? -0.462  -8.223  7.473   1.00 44.24 ? 45  SER A C   1 
ATOM   390 O  O   . SER A 1 46  ? 0.640   -7.976  7.963   1.00 46.77 ? 45  SER A O   1 
ATOM   391 C  CB  A SER A 1 46  ? -1.814  -9.209  9.366   0.50 45.33 ? 45  SER A CB  1 
ATOM   392 C  CB  B SER A 1 46  ? -1.809  -9.408  9.196   0.50 45.48 ? 45  SER A CB  1 
ATOM   393 O  OG  A SER A 1 46  ? -2.988  -9.096  10.161  0.50 43.96 ? 45  SER A OG  1 
ATOM   394 O  OG  B SER A 1 46  ? -1.674  -10.603 8.433   0.50 44.28 ? 45  SER A OG  1 
ATOM   395 N  N   . GLY A 1 47  ? -0.617  -8.571  6.207   1.00 42.47 ? 46  GLY A N   1 
ATOM   396 C  CA  . GLY A 1 47  ? 0.511   -8.577  5.287   1.00 41.75 ? 46  GLY A CA  1 
ATOM   397 C  C   . GLY A 1 47  ? 0.867   -7.197  4.752   1.00 39.49 ? 46  GLY A C   1 
ATOM   398 O  O   . GLY A 1 47  ? 1.798   -7.075  3.950   1.00 38.42 ? 46  GLY A O   1 
ATOM   399 N  N   . GLY A 1 48  ? 0.152   -6.164  5.215   1.00 37.96 ? 47  GLY A N   1 
ATOM   400 C  CA  . GLY A 1 48  ? 0.295   -4.808  4.691   1.00 35.98 ? 47  GLY A CA  1 
ATOM   401 C  C   . GLY A 1 48  ? 1.150   -3.873  5.528   1.00 34.09 ? 47  GLY A C   1 
ATOM   402 O  O   . GLY A 1 48  ? 1.560   -4.226  6.621   1.00 34.90 ? 47  GLY A O   1 
ATOM   403 N  N   . PRO A 1 49  ? 1.443   -2.671  4.994   1.00 32.10 ? 48  PRO A N   1 
ATOM   404 C  CA  . PRO A 1 49  ? 2.272   -1.682  5.679   1.00 30.92 ? 48  PRO A CA  1 
ATOM   405 C  C   . PRO A 1 49  ? 1.615   -1.076  6.912   1.00 31.55 ? 48  PRO A C   1 
ATOM   406 O  O   . PRO A 1 49  ? 0.411   -1.163  7.081   1.00 31.11 ? 48  PRO A O   1 
ATOM   407 C  CB  . PRO A 1 49  ? 2.558   -0.627  4.598   1.00 31.06 ? 48  PRO A CB  1 
ATOM   408 C  CG  . PRO A 1 49  ? 1.543   -0.827  3.565   1.00 30.91 ? 48  PRO A CG  1 
ATOM   409 C  CD  . PRO A 1 49  ? 1.028   -2.218  3.650   1.00 33.38 ? 48  PRO A CD  1 
ATOM   410 N  N   . THR A 1 50  ? 2.423   -0.490  7.789   1.00 33.51 ? 49  THR A N   1 
ATOM   411 C  CA  . THR A 1 50  ? 1.956   -0.178  9.134   1.00 33.84 ? 49  THR A CA  1 
ATOM   412 C  C   . THR A 1 50  ? 1.902   1.305   9.427   1.00 33.41 ? 49  THR A C   1 
ATOM   413 O  O   . THR A 1 50  ? 1.423   1.700   10.475  1.00 33.57 ? 49  THR A O   1 
ATOM   414 C  CB  . THR A 1 50  ? 2.836   -0.868  10.195  1.00 32.19 ? 49  THR A CB  1 
ATOM   415 O  OG1 . THR A 1 50  ? 4.162   -0.337  10.142  1.00 29.13 ? 49  THR A OG1 1 
ATOM   416 C  CG2 . THR A 1 50  ? 2.890   -2.356  9.938   1.00 36.18 ? 49  THR A CG2 1 
ATOM   417 N  N   . ASP A 1 51  ? 2.391   2.137   8.516   1.00 34.54 ? 50  ASP A N   1 
ATOM   418 C  CA  . ASP A 1 51  ? 2.310   3.571   8.730   1.00 33.66 ? 50  ASP A CA  1 
ATOM   419 C  C   . ASP A 1 51  ? 2.082   4.269   7.402   1.00 33.18 ? 50  ASP A C   1 
ATOM   420 O  O   . ASP A 1 51  ? 2.122   3.640   6.360   1.00 34.79 ? 50  ASP A O   1 
ATOM   421 C  CB  . ASP A 1 51  ? 3.528   4.100   9.514   1.00 32.85 ? 50  ASP A CB  1 
ATOM   422 C  CG  . ASP A 1 51  ? 4.841   3.974   8.759   1.00 33.28 ? 50  ASP A CG  1 
ATOM   423 O  OD1 . ASP A 1 51  ? 4.838   3.702   7.553   1.00 34.48 ? 50  ASP A OD1 1 
ATOM   424 O  OD2 . ASP A 1 51  ? 5.904   4.147   9.389   1.00 34.57 ? 50  ASP A OD2 1 
ATOM   425 N  N   . TRP A 1 52  ? 1.792   5.556   7.457   1.00 31.41 ? 51  TRP A N   1 
ATOM   426 C  CA  . TRP A 1 52  ? 1.465   6.300   6.274   1.00 33.81 ? 51  TRP A CA  1 
ATOM   427 C  C   . TRP A 1 52  ? 2.653   6.430   5.319   1.00 33.86 ? 51  TRP A C   1 
ATOM   428 O  O   . TRP A 1 52  ? 2.485   6.330   4.107   1.00 32.14 ? 51  TRP A O   1 
ATOM   429 C  CB  . TRP A 1 52  ? 0.914   7.671   6.626   1.00 34.79 ? 51  TRP A CB  1 
ATOM   430 C  CG  . TRP A 1 52  ? 0.667   8.469   5.390   1.00 35.41 ? 51  TRP A CG  1 
ATOM   431 C  CD1 . TRP A 1 52  ? 1.304   9.615   5.019   1.00 35.33 ? 51  TRP A CD1 1 
ATOM   432 C  CD2 . TRP A 1 52  ? -0.225  8.144   4.328   1.00 36.35 ? 51  TRP A CD2 1 
ATOM   433 N  NE1 . TRP A 1 52  ? 0.851   10.032  3.809   1.00 36.89 ? 51  TRP A NE1 1 
ATOM   434 C  CE2 . TRP A 1 52  ? -0.095  9.151   3.359   1.00 33.21 ? 51  TRP A CE2 1 
ATOM   435 C  CE3 . TRP A 1 52  ? -1.131  7.102   4.101   1.00 40.71 ? 51  TRP A CE3 1 
ATOM   436 C  CZ2 . TRP A 1 52  ? -0.828  9.155   2.187   1.00 41.55 ? 51  TRP A CZ2 1 
ATOM   437 C  CZ3 . TRP A 1 52  ? -1.865  7.106   2.929   1.00 38.71 ? 51  TRP A CZ3 1 
ATOM   438 C  CH2 . TRP A 1 52  ? -1.704  8.124   1.986   1.00 38.13 ? 51  TRP A CH2 1 
ATOM   439 N  N   . GLN A 1 53  ? 3.842   6.656   5.869   1.00 32.73 ? 52  GLN A N   1 
ATOM   440 C  CA  . GLN A 1 53  ? 5.057   6.793   5.079   1.00 32.65 ? 52  GLN A CA  1 
ATOM   441 C  C   . GLN A 1 53  ? 5.259   5.584   4.170   1.00 29.75 ? 52  GLN A C   1 
ATOM   442 O  O   . GLN A 1 53  ? 5.568   5.726   2.997   1.00 32.74 ? 52  GLN A O   1 
ATOM   443 C  CB  . GLN A 1 53  ? 6.277   6.983   6.017   1.00 35.23 ? 52  GLN A CB  1 
ATOM   444 C  CG  . GLN A 1 53  ? 7.599   7.311   5.285   1.00 38.27 ? 52  GLN A CG  1 
ATOM   445 C  CD  . GLN A 1 53  ? 8.804   7.466   6.221   1.00 40.40 ? 52  GLN A CD  1 
ATOM   446 O  OE1 . GLN A 1 53  ? 8.883   6.834   7.286   1.00 54.19 ? 52  GLN A OE1 1 
ATOM   447 N  NE2 . GLN A 1 53  ? 9.753   8.311   5.817   1.00 52.60 ? 52  GLN A NE2 1 
ATOM   448 N  N   . ASP A 1 54  ? 5.077   4.385   4.709   1.00 29.94 ? 53  ASP A N   1 
ATOM   449 C  CA  . ASP A 1 54  ? 5.313   3.170   3.952   1.00 28.42 ? 53  ASP A CA  1 
ATOM   450 C  C   . ASP A 1 54  ? 4.168   2.876   2.998   1.00 28.16 ? 53  ASP A C   1 
ATOM   451 O  O   . ASP A 1 54  ? 4.389   2.378   1.919   1.00 31.16 ? 53  ASP A O   1 
ATOM   452 C  CB  . ASP A 1 54  ? 5.478   1.968   4.882   1.00 30.19 ? 53  ASP A CB  1 
ATOM   453 C  CG  . ASP A 1 54  ? 6.794   1.976   5.658   1.00 29.34 ? 53  ASP A CG  1 
ATOM   454 O  OD1 . ASP A 1 54  ? 7.752   2.668   5.275   1.00 33.05 ? 53  ASP A OD1 1 
ATOM   455 O  OD2 . ASP A 1 54  ? 6.852   1.247   6.652   1.00 27.64 ? 53  ASP A OD2 1 
ATOM   456 N  N   . THR A 1 55  ? 2.940   3.129   3.432   1.00 28.55 ? 54  THR A N   1 
ATOM   457 C  CA  . THR A 1 55  ? 1.765   3.047   2.567   1.00 26.97 ? 54  THR A CA  1 
ATOM   458 C  C   . THR A 1 55  ? 1.904   3.947   1.337   1.00 28.35 ? 54  THR A C   1 
ATOM   459 O  O   . THR A 1 55  ? 1.658   3.525   0.205   1.00 30.04 ? 54  THR A O   1 
ATOM   460 C  CB  . THR A 1 55  ? 0.505   3.434   3.372   1.00 26.09 ? 54  THR A CB  1 
ATOM   461 O  OG1 . THR A 1 55  ? 0.338   2.518   4.461   1.00 30.21 ? 54  THR A OG1 1 
ATOM   462 C  CG2 . THR A 1 55  ? -0.742  3.419   2.504   1.00 33.78 ? 54  THR A CG2 1 
ATOM   463 N  N   . LYS A 1 56  ? 2.309   5.189   1.564   1.00 27.41 ? 55  LYS A N   1 
ATOM   464 C  CA  . LYS A 1 56  ? 2.562   6.148   0.490   1.00 29.50 ? 55  LYS A CA  1 
ATOM   465 C  C   . LYS A 1 56  ? 3.620   5.634   -0.484  1.00 30.66 ? 55  LYS A C   1 
ATOM   466 O  O   . LYS A 1 56  ? 3.441   5.705   -1.694  1.00 29.28 ? 55  LYS A O   1 
ATOM   467 C  CB  . LYS A 1 56  ? 3.039   7.445   1.114   1.00 29.55 ? 55  LYS A CB  1 
ATOM   468 C  CG  . LYS A 1 56  ? 2.858   8.692   0.345   1.00 38.27 ? 55  LYS A CG  1 
ATOM   469 C  CD  . LYS A 1 56  ? 2.907   9.883   1.304   1.00 46.02 ? 55  LYS A CD  1 
ATOM   470 C  CE  . LYS A 1 56  ? 4.317   10.409  1.574   1.00 54.09 ? 55  LYS A CE  1 
ATOM   471 N  NZ  . LYS A 1 56  ? 4.714   11.488  0.595   1.00 54.74 ? 55  LYS A NZ  1 
ATOM   472 N  N   . ARG A 1 57  ? 4.724   5.118   0.044   1.00 31.38 ? 56  ARG A N   1 
ATOM   473 C  CA  . ARG A 1 57  ? 5.808   4.606   -0.802  1.00 33.71 ? 56  ARG A CA  1 
ATOM   474 C  C   . ARG A 1 57  ? 5.364   3.411   -1.656  1.00 30.56 ? 56  ARG A C   1 
ATOM   475 O  O   . ARG A 1 57  ? 5.665   3.328   -2.836  1.00 29.52 ? 56  ARG A O   1 
ATOM   476 C  CB  . ARG A 1 57  ? 7.000   4.205   0.056   1.00 33.61 ? 56  ARG A CB  1 
ATOM   477 C  CG  . ARG A 1 57  ? 8.282   4.017   -0.720  1.00 41.41 ? 56  ARG A CG  1 
ATOM   478 C  CD  . ARG A 1 57  ? 9.518   3.921   0.210   1.00 45.12 ? 56  ARG A CD  1 
ATOM   479 N  NE  . ARG A 1 57  ? 9.953   2.534   0.397   1.00 57.50 ? 56  ARG A NE  1 
ATOM   480 C  CZ  . ARG A 1 57  ? 9.575   1.724   1.389   1.00 66.33 ? 56  ARG A CZ  1 
ATOM   481 N  NH1 . ARG A 1 57  ? 8.744   2.129   2.353   1.00 68.44 ? 56  ARG A NH1 1 
ATOM   482 N  NH2 . ARG A 1 57  ? 10.052  0.483   1.425   1.00 68.99 ? 56  ARG A NH2 1 
ATOM   483 N  N   . ILE A 1 58  ? 4.637   2.496   -1.038  1.00 30.77 ? 57  ILE A N   1 
ATOM   484 C  CA  . ILE A 1 58  ? 4.244   1.229   -1.664  1.00 28.94 ? 57  ILE A CA  1 
ATOM   485 C  C   . ILE A 1 58  ? 3.196   1.443   -2.748  1.00 29.66 ? 57  ILE A C   1 
ATOM   486 O  O   . ILE A 1 58  ? 3.353   0.970   -3.869  1.00 30.46 ? 57  ILE A O   1 
ATOM   487 C  CB  . ILE A 1 58  ? 3.694   0.256   -0.602  1.00 27.54 ? 57  ILE A CB  1 
ATOM   488 C  CG1 . ILE A 1 58  ? 4.810   -0.204  0.368   1.00 27.88 ? 57  ILE A CG1 1 
ATOM   489 C  CG2 . ILE A 1 58  ? 2.982   -0.931  -1.238  1.00 26.91 ? 57  ILE A CG2 1 
ATOM   490 C  CD1 . ILE A 1 58  ? 5.834   -1.110  -0.189  1.00 33.76 ? 57  ILE A CD1 1 
ATOM   491 N  N   . PHE A 1 59  ? 2.136   2.159   -2.405  1.00 29.77 ? 58  PHE A N   1 
ATOM   492 C  CA  . PHE A 1 59  ? 1.052   2.423   -3.337  1.00 29.92 ? 58  PHE A CA  1 
ATOM   493 C  C   . PHE A 1 59  ? 1.423   3.433   -4.410  1.00 30.56 ? 58  PHE A C   1 
ATOM   494 O  O   . PHE A 1 59  ? 1.028   3.274   -5.555  1.00 33.81 ? 58  PHE A O   1 
ATOM   495 C  CB  . PHE A 1 59  ? -0.221  2.775   -2.589  1.00 29.53 ? 58  PHE A CB  1 
ATOM   496 C  CG  . PHE A 1 59  ? -0.879  1.595   -1.993  1.00 30.18 ? 58  PHE A CG  1 
ATOM   497 C  CD1 . PHE A 1 59  ? -1.660  0.758   -2.781  1.00 34.81 ? 58  PHE A CD1 1 
ATOM   498 C  CD2 . PHE A 1 59  ? -0.680  1.263   -0.666  1.00 35.90 ? 58  PHE A CD2 1 
ATOM   499 C  CE1 . PHE A 1 59  ? -2.264  -0.359  -2.244  1.00 27.86 ? 58  PHE A CE1 1 
ATOM   500 C  CE2 . PHE A 1 59  ? -1.275  0.137   -0.121  1.00 34.85 ? 58  PHE A CE2 1 
ATOM   501 C  CZ  . PHE A 1 59  ? -2.067  -0.679  -0.917  1.00 35.49 ? 58  PHE A CZ  1 
ATOM   502 N  N   . GLY A 1 60  ? 2.223   4.434   -4.066  1.00 28.09 ? 59  GLY A N   1 
ATOM   503 C  CA  . GLY A 1 60  ? 2.805   5.311   -5.070  1.00 27.82 ? 59  GLY A CA  1 
ATOM   504 C  C   . GLY A 1 60  ? 3.659   4.560   -6.085  1.00 27.15 ? 59  GLY A C   1 
ATOM   505 O  O   . GLY A 1 60  ? 3.630   4.855   -7.269  1.00 27.65 ? 59  GLY A O   1 
ATOM   506 N  N   . GLY A 1 61  ? 4.442   3.590   -5.628  1.00 29.10 ? 60  GLY A N   1 
ATOM   507 C  CA  . GLY A 1 61  ? 5.172   2.722   -6.550  1.00 27.32 ? 60  GLY A CA  1 
ATOM   508 C  C   . GLY A 1 61  ? 4.263   1.868   -7.428  1.00 26.79 ? 60  GLY A C   1 
ATOM   509 O  O   . GLY A 1 61  ? 4.501   1.698   -8.618  1.00 29.54 ? 60  GLY A O   1 
ATOM   510 N  N   . ILE A 1 62  ? 3.223   1.298   -6.846  1.00 26.16 ? 61  ILE A N   1 
ATOM   511 C  CA  . ILE A 1 62  ? 2.255   0.561   -7.645  1.00 26.63 ? 61  ILE A CA  1 
ATOM   512 C  C   . ILE A 1 62  ? 1.659   1.481   -8.715  1.00 27.90 ? 61  ILE A C   1 
ATOM   513 O  O   . ILE A 1 62  ? 1.511   1.096   -9.873  1.00 28.92 ? 61  ILE A O   1 
ATOM   514 C  CB  . ILE A 1 62  ? 1.162   -0.078  -6.786  1.00 27.31 ? 61  ILE A CB  1 
ATOM   515 C  CG1 . ILE A 1 62  ? 1.767   -1.180  -5.917  1.00 26.19 ? 61  ILE A CG1 1 
ATOM   516 C  CG2 . ILE A 1 62  ? 0.043   -0.648  -7.683  1.00 28.61 ? 61  ILE A CG2 1 
ATOM   517 C  CD1 . ILE A 1 62  ? 0.836   -1.766  -4.876  1.00 26.54 ? 61  ILE A CD1 1 
ATOM   518 N  N   . LEU A 1 63  ? 1.350   2.712   -8.341  1.00 29.47 ? 62  LEU A N   1 
ATOM   519 C  CA  . LEU A 1 63  ? 0.766   3.643   -9.285  1.00 29.10 ? 62  LEU A CA  1 
ATOM   520 C  C   . LEU A 1 63  ? 1.749   3.979   -10.417 1.00 28.65 ? 62  LEU A C   1 
ATOM   521 O  O   . LEU A 1 63  ? 1.354   4.006   -11.558 1.00 28.05 ? 62  LEU A O   1 
ATOM   522 C  CB  . LEU A 1 63  ? 0.255   4.893   -8.573  1.00 30.49 ? 62  LEU A CB  1 
ATOM   523 C  CG  . LEU A 1 63  ? -1.007  4.652   -7.731  1.00 24.73 ? 62  LEU A CG  1 
ATOM   524 C  CD1 . LEU A 1 63  ? -1.281  5.814   -6.771  1.00 34.42 ? 62  LEU A CD1 1 
ATOM   525 C  CD2 . LEU A 1 63  ? -2.207  4.386   -8.627  1.00 27.95 ? 62  LEU A CD2 1 
ATOM   526 N  N   . ASP A 1 64  ? 3.016   4.221   -10.097 1.00 27.47 ? 63  ASP A N   1 
ATOM   527 C  CA  . ASP A 1 64  ? 4.023   4.497   -11.110 1.00 27.66 ? 63  ASP A CA  1 
ATOM   528 C  C   . ASP A 1 64  ? 4.097   3.352   -12.131 1.00 28.89 ? 63  ASP A C   1 
ATOM   529 O  O   . ASP A 1 64  ? 4.113   3.584   -13.331 1.00 30.85 ? 63  ASP A O   1 
ATOM   530 C  CB  . ASP A 1 64  ? 5.407   4.686   -10.480 1.00 29.36 ? 63  ASP A CB  1 
ATOM   531 C  CG  . ASP A 1 64  ? 5.510   5.935   -9.623  1.00 28.27 ? 63  ASP A CG  1 
ATOM   532 O  OD1 . ASP A 1 64  ? 4.626   6.810   -9.698  1.00 34.90 ? 63  ASP A OD1 1 
ATOM   533 O  OD2 . ASP A 1 64  ? 6.478   6.037   -8.863  1.00 32.65 ? 63  ASP A OD2 1 
ATOM   534 N  N   . LEU A 1 65  ? 4.151   2.126   -11.635 1.00 27.48 ? 64  LEU A N   1 
ATOM   535 C  CA  . LEU A 1 65  ? 4.197   0.948   -12.483 1.00 27.03 ? 64  LEU A CA  1 
ATOM   536 C  C   . LEU A 1 65  ? 2.945   0.840   -13.346 1.00 28.49 ? 64  LEU A C   1 
ATOM   537 O  O   . LEU A 1 65  ? 3.033   0.613   -14.546 1.00 30.76 ? 64  LEU A O   1 
ATOM   538 C  CB  . LEU A 1 65  ? 4.368   -0.298  -11.632 1.00 25.10 ? 64  LEU A CB  1 
ATOM   539 C  CG  . LEU A 1 65  ? 4.391   -1.606  -12.389 1.00 21.80 ? 64  LEU A CG  1 
ATOM   540 C  CD1 . LEU A 1 65  ? 5.624   -1.659  -13.289 1.00 25.14 ? 64  LEU A CD1 1 
ATOM   541 C  CD2 . LEU A 1 65  ? 4.314   -2.749  -11.429 1.00 24.26 ? 64  LEU A CD2 1 
ATOM   542 N  N   . PHE A 1 66  ? 1.781   1.021   -12.725 1.00 29.00 ? 65  PHE A N   1 
ATOM   543 C  CA  . PHE A 1 66  ? 0.512   0.899   -13.414 1.00 25.74 ? 65  PHE A CA  1 
ATOM   544 C  C   . PHE A 1 66  ? 0.349   1.962   -14.508 1.00 27.82 ? 65  PHE A C   1 
ATOM   545 O  O   . PHE A 1 66  ? -0.166  1.670   -15.563 1.00 27.91 ? 65  PHE A O   1 
ATOM   546 C  CB  . PHE A 1 66  ? -0.651  0.926   -12.414 1.00 27.95 ? 65  PHE A CB  1 
ATOM   547 C  CG  . PHE A 1 66  ? -0.907  -0.408  -11.699 1.00 24.69 ? 65  PHE A CG  1 
ATOM   548 C  CD1 . PHE A 1 66  ? 0.006   -1.433  -11.710 1.00 25.48 ? 65  PHE A CD1 1 
ATOM   549 C  CD2 . PHE A 1 66  ? -2.097  -0.613  -11.018 1.00 21.54 ? 65  PHE A CD2 1 
ATOM   550 C  CE1 . PHE A 1 66  ? -0.250  -2.630  -11.053 1.00 25.82 ? 65  PHE A CE1 1 
ATOM   551 C  CE2 . PHE A 1 66  ? -2.356  -1.809  -10.370 1.00 19.61 ? 65  PHE A CE2 1 
ATOM   552 C  CZ  . PHE A 1 66  ? -1.448  -2.812  -10.390 1.00 25.73 ? 65  PHE A CZ  1 
ATOM   553 N  N   . GLU A 1 67  ? 0.826   3.179   -14.263 1.00 30.24 ? 66  GLU A N   1 
ATOM   554 C  CA  . GLU A 1 67  ? 0.726   4.268   -15.232 1.00 28.99 ? 66  GLU A CA  1 
ATOM   555 C  C   . GLU A 1 67  ? 1.588   3.991   -16.457 1.00 32.10 ? 66  GLU A C   1 
ATOM   556 O  O   . GLU A 1 67  ? 1.170   4.215   -17.568 1.00 35.52 ? 66  GLU A O   1 
ATOM   557 C  CB  . GLU A 1 67  ? 1.058   5.610   -14.561 1.00 29.70 ? 66  GLU A CB  1 
ATOM   558 C  CG  . GLU A 1 67  ? -0.048  6.041   -13.596 1.00 28.16 ? 66  GLU A CG  1 
ATOM   559 C  CD  . GLU A 1 67  ? 0.242   7.286   -12.758 1.00 30.88 ? 66  GLU A CD  1 
ATOM   560 O  OE1 . GLU A 1 67  ? 1.384   7.785   -12.721 1.00 35.03 ? 66  GLU A OE1 1 
ATOM   561 O  OE2 . GLU A 1 67  ? -0.703  7.776   -12.118 1.00 32.36 ? 66  GLU A OE2 1 
ATOM   562 N  N   . GLU A 1 68  ? 2.772   3.454   -16.254 1.00 32.31 ? 67  GLU A N   1 
ATOM   563 C  CA  . GLU A 1 68  ? 3.601   3.065   -17.361 1.00 34.05 ? 67  GLU A CA  1 
ATOM   564 C  C   . GLU A 1 68  ? 2.958   1.935   -18.174 1.00 33.35 ? 67  GLU A C   1 
ATOM   565 O  O   . GLU A 1 68  ? 2.876   2.023   -19.384 1.00 33.80 ? 67  GLU A O   1 
ATOM   566 C  CB  . GLU A 1 68  ? 5.000   2.685   -16.888 1.00 32.21 ? 67  GLU A CB  1 
ATOM   567 C  CG  . GLU A 1 68  ? 5.983   2.401   -18.053 1.00 44.21 ? 67  GLU A CG  1 
ATOM   568 C  CD  . GLU A 1 68  ? 5.861   3.414   -19.208 1.00 50.41 ? 67  GLU A CD  1 
ATOM   569 O  OE1 . GLU A 1 68  ? 5.800   4.632   -18.937 1.00 57.55 ? 67  GLU A OE1 1 
ATOM   570 O  OE2 . GLU A 1 68  ? 5.815   2.996   -20.384 1.00 51.74 ? 67  GLU A OE2 1 
ATOM   571 N  N   . GLY A 1 69  ? 2.461   0.910   -17.500 1.00 30.21 ? 68  GLY A N   1 
ATOM   572 C  CA  . GLY A 1 69  ? 1.828   -0.214  -18.168 1.00 30.33 ? 68  GLY A CA  1 
ATOM   573 C  C   . GLY A 1 69  ? 0.555   0.124   -18.917 1.00 31.03 ? 68  GLY A C   1 
ATOM   574 O  O   . GLY A 1 69  ? 0.363   -0.316  -20.043 1.00 33.99 ? 68  GLY A O   1 
ATOM   575 N  N   . ALA A 1 70  ? -0.317  0.907   -18.298 1.00 32.10 ? 69  ALA A N   1 
ATOM   576 C  CA  . ALA A 1 70  ? -1.539  1.370   -18.946 1.00 31.05 ? 69  ALA A CA  1 
ATOM   577 C  C   . ALA A 1 70  ? -1.264  2.210   -20.185 1.00 32.71 ? 69  ALA A C   1 
ATOM   578 O  O   . ALA A 1 70  ? -2.016  2.157   -21.151 1.00 34.43 ? 69  ALA A O   1 
ATOM   579 C  CB  . ALA A 1 70  ? -2.378  2.156   -17.965 1.00 33.77 ? 69  ALA A CB  1 
ATOM   580 N  N   . ALA A 1 71  ? -0.197  2.989   -20.137 1.00 35.73 ? 70  ALA A N   1 
ATOM   581 C  CA  . ALA A 1 71  ? 0.231   3.811   -21.250 1.00 34.77 ? 70  ALA A CA  1 
ATOM   582 C  C   . ALA A 1 71  ? 0.728   2.969   -22.421 1.00 38.17 ? 70  ALA A C   1 
ATOM   583 O  O   . ALA A 1 71  ? 0.621   3.388   -23.576 1.00 40.42 ? 70  ALA A O   1 
ATOM   584 C  CB  . ALA A 1 71  ? 1.311   4.757   -20.794 1.00 36.41 ? 70  ALA A CB  1 
ATOM   585 N  N   . GLU A 1 72  ? 1.247   1.779   -22.137 1.00 37.81 ? 71  GLU A N   1 
ATOM   586 C  CA  . GLU A 1 72  ? 1.659   0.860   -23.188 1.00 36.16 ? 71  GLU A CA  1 
ATOM   587 C  C   . GLU A 1 72  ? 0.591   -0.150  -23.583 1.00 37.00 ? 71  GLU A C   1 
ATOM   588 O  O   . GLU A 1 72  ? 0.852   -1.035  -24.391 1.00 41.70 ? 71  GLU A O   1 
ATOM   589 C  CB  . GLU A 1 72  ? 2.889   0.101   -22.759 1.00 35.67 ? 71  GLU A CB  1 
ATOM   590 C  CG  . GLU A 1 72  ? 4.028   0.997   -22.400 1.00 40.21 ? 71  GLU A CG  1 
ATOM   591 C  CD  . GLU A 1 72  ? 5.250   0.224   -22.036 1.00 40.12 ? 71  GLU A CD  1 
ATOM   592 O  OE1 . GLU A 1 72  ? 5.290   -0.976  -22.382 1.00 46.90 ? 71  GLU A OE1 1 
ATOM   593 O  OE2 . GLU A 1 72  ? 6.175   0.811   -21.424 1.00 47.32 ? 71  GLU A OE2 1 
ATOM   594 N  N   . GLY A 1 73  ? -0.603  -0.016  -23.030 1.00 36.19 ? 72  GLY A N   1 
ATOM   595 C  CA  . GLY A 1 73  ? -1.687  -0.928  -23.327 1.00 35.31 ? 72  GLY A CA  1 
ATOM   596 C  C   . GLY A 1 73  ? -1.435  -2.331  -22.830 1.00 34.12 ? 72  GLY A C   1 
ATOM   597 O  O   . GLY A 1 73  ? -2.042  -3.280  -23.332 1.00 36.96 ? 72  GLY A O   1 
ATOM   598 N  N   . LYS A 1 74  ? -0.534  -2.466  -21.855 1.00 31.53 ? 73  LYS A N   1 
ATOM   599 C  CA  . LYS A 1 74  ? -0.194  -3.750  -21.287 1.00 31.31 ? 73  LYS A CA  1 
ATOM   600 C  C   . LYS A 1 74  ? -1.335  -4.179  -20.384 1.00 31.32 ? 73  LYS A C   1 
ATOM   601 O  O   . LYS A 1 74  ? -2.070  -3.344  -19.852 1.00 30.94 ? 73  LYS A O   1 
ATOM   602 C  CB  . LYS A 1 74  ? 1.084   -3.655  -20.445 1.00 32.84 ? 73  LYS A CB  1 
ATOM   603 C  CG  . LYS A 1 74  ? 2.376   -3.415  -21.218 1.00 37.77 ? 73  LYS A CG  1 
ATOM   604 C  CD  . LYS A 1 74  ? 3.109   -4.707  -21.476 1.00 43.72 ? 73  LYS A CD  1 
ATOM   605 C  CE  . LYS A 1 74  ? 4.203   -4.521  -22.497 1.00 46.38 ? 73  LYS A CE  1 
ATOM   606 N  NZ  . LYS A 1 74  ? 4.957   -5.787  -22.701 1.00 47.67 ? 73  LYS A NZ  1 
ATOM   607 N  N   . LYS A 1 75  ? -1.477  -5.483  -20.202 1.00 29.73 ? 74  LYS A N   1 
ATOM   608 C  CA  . LYS A 1 75  ? -2.340  -6.004  -19.154 1.00 31.32 ? 74  LYS A CA  1 
ATOM   609 C  C   . LYS A 1 75  ? -1.672  -5.864  -17.789 1.00 30.09 ? 74  LYS A C   1 
ATOM   610 O  O   . LYS A 1 75  ? -0.450  -5.910  -17.683 1.00 29.84 ? 74  LYS A O   1 
ATOM   611 C  CB  . LYS A 1 75  ? -2.659  -7.468  -19.424 1.00 32.55 ? 74  LYS A CB  1 
ATOM   612 C  CG  . LYS A 1 75  ? -3.487  -7.660  -20.650 1.00 37.90 ? 74  LYS A CG  1 
ATOM   613 C  CD  . LYS A 1 75  ? -3.518  -9.107  -21.079 1.00 49.05 ? 74  LYS A CD  1 
ATOM   614 C  CE  . LYS A 1 75  ? -4.154  -9.978  -20.039 1.00 50.78 ? 74  LYS A CE  1 
ATOM   615 N  NZ  . LYS A 1 75  ? -4.758  -11.210 -20.620 1.00 54.81 ? 74  LYS A NZ  1 
ATOM   616 N  N   . VAL A 1 76  ? -2.486  -5.728  -16.745 1.00 30.67 ? 75  VAL A N   1 
ATOM   617 C  CA  . VAL A 1 76  ? -1.999  -5.666  -15.380 1.00 29.42 ? 75  VAL A CA  1 
ATOM   618 C  C   . VAL A 1 76  ? -1.095  -6.845  -15.062 1.00 29.34 ? 75  VAL A C   1 
ATOM   619 O  O   . VAL A 1 76  ? -0.012  -6.676  -14.502 1.00 29.57 ? 75  VAL A O   1 
ATOM   620 C  CB  . VAL A 1 76  ? -3.139  -5.663  -14.339 1.00 30.67 ? 75  VAL A CB  1 
ATOM   621 C  CG1 . VAL A 1 76  ? -2.566  -5.415  -12.974 1.00 35.87 ? 75  VAL A CG1 1 
ATOM   622 C  CG2 . VAL A 1 76  ? -4.177  -4.611  -14.647 1.00 33.86 ? 75  VAL A CG2 1 
ATOM   623 N  N   . THR A 1 77  ? -1.534  -8.038  -15.434 1.00 27.62 ? 76  THR A N   1 
ATOM   624 C  CA  . THR A 1 77  ? -0.800  -9.243  -15.106 1.00 28.93 ? 76  THR A CA  1 
ATOM   625 C  C   . THR A 1 77  ? 0.445   -9.428  -15.967 1.00 29.80 ? 76  THR A C   1 
ATOM   626 O  O   . THR A 1 77  ? 1.283   -10.259 -15.644 1.00 30.24 ? 76  THR A O   1 
ATOM   627 C  CB  . THR A 1 77  ? -1.697  -10.496 -15.155 1.00 29.73 ? 76  THR A CB  1 
ATOM   628 O  OG1 . THR A 1 77  ? -2.466  -10.507 -16.355 1.00 31.28 ? 76  THR A OG1 1 
ATOM   629 C  CG2 . THR A 1 77  ? -2.639  -10.512 -13.948 1.00 32.68 ? 76  THR A CG2 1 
ATOM   630 N  N   . ASP A 1 78  ? 0.581   -8.655  -17.047 1.00 28.62 ? 77  ASP A N   1 
ATOM   631 C  CA  . ASP A 1 78  ? 1.859   -8.577  -17.750 1.00 29.27 ? 77  ASP A CA  1 
ATOM   632 C  C   . ASP A 1 78  ? 2.925   -7.892  -16.890 1.00 29.10 ? 77  ASP A C   1 
ATOM   633 O  O   . ASP A 1 78  ? 4.100   -8.164  -17.037 1.00 31.60 ? 77  ASP A O   1 
ATOM   634 C  CB  . ASP A 1 78  ? 1.738   -7.772  -19.042 1.00 30.00 ? 77  ASP A CB  1 
ATOM   635 C  CG  . ASP A 1 78  ? 0.878   -8.438  -20.087 1.00 30.63 ? 77  ASP A CG  1 
ATOM   636 O  OD1 . ASP A 1 78  ? 0.692   -9.679  -20.063 1.00 35.67 ? 77  ASP A OD1 1 
ATOM   637 O  OD2 . ASP A 1 78  ? 0.398   -7.686  -20.949 1.00 36.84 ? 77  ASP A OD2 1 
ATOM   638 N  N   . LEU A 1 79  ? 2.506   -6.977  -16.024 1.00 31.46 ? 78  LEU A N   1 
ATOM   639 C  CA  . LEU A 1 79  ? 3.416   -6.256  -15.131 1.00 31.34 ? 78  LEU A CA  1 
ATOM   640 C  C   . LEU A 1 79  ? 3.737   -7.045  -13.876 1.00 34.08 ? 78  LEU A C   1 
ATOM   641 O  O   . LEU A 1 79  ? 4.899   -7.179  -13.482 1.00 37.29 ? 78  LEU A O   1 
ATOM   642 C  CB  . LEU A 1 79  ? 2.779   -4.936  -14.693 1.00 30.94 ? 78  LEU A CB  1 
ATOM   643 C  CG  . LEU A 1 79  ? 2.226   -4.051  -15.788 1.00 30.88 ? 78  LEU A CG  1 
ATOM   644 C  CD1 . LEU A 1 79  ? 1.691   -2.791  -15.178 1.00 33.25 ? 78  LEU A CD1 1 
ATOM   645 C  CD2 . LEU A 1 79  ? 3.288   -3.764  -16.834 1.00 28.40 ? 78  LEU A CD2 1 
ATOM   646 N  N   . THR A 1 80  ? 2.687   -7.548  -13.233 1.00 33.09 ? 79  THR A N   1 
ATOM   647 C  CA  . THR A 1 80  ? 2.799   -8.135  -11.919 1.00 31.77 ? 79  THR A CA  1 
ATOM   648 C  C   . THR A 1 80  ? 3.011   -9.628  -11.975 1.00 31.64 ? 79  THR A C   1 
ATOM   649 O  O   . THR A 1 80  ? 3.456   -10.214 -10.995 1.00 31.20 ? 79  THR A O   1 
ATOM   650 C  CB  . THR A 1 80  ? 1.508   -7.926  -11.117 1.00 30.88 ? 79  THR A CB  1 
ATOM   651 O  OG1 . THR A 1 80  ? 0.428   -8.591  -11.782 1.00 30.63 ? 79  THR A OG1 1 
ATOM   652 C  CG2 . THR A 1 80  ? 1.205   -6.470  -10.988 1.00 30.75 ? 79  THR A CG2 1 
ATOM   653 N  N   . GLY A 1 81  ? 2.664   -10.238 -13.106 1.00 29.91 ? 80  GLY A N   1 
ATOM   654 C  CA  . GLY A 1 81  ? 2.514   -11.684 -13.198 1.00 28.95 ? 80  GLY A CA  1 
ATOM   655 C  C   . GLY A 1 81  ? 1.114   -12.068 -12.755 1.00 28.75 ? 80  GLY A C   1 
ATOM   656 O  O   . GLY A 1 81  ? 0.419   -11.282 -12.124 1.00 27.34 ? 80  GLY A O   1 
ATOM   657 N  N   . GLU A 1 82  ? 0.689   -13.278 -13.086 1.00 30.05 ? 81  GLU A N   1 
ATOM   658 C  CA  . GLU A 1 82  ? -0.638  -13.726 -12.693 1.00 32.06 ? 81  GLU A CA  1 
ATOM   659 C  C   . GLU A 1 82  ? -0.714  -13.993 -11.204 1.00 29.77 ? 81  GLU A C   1 
ATOM   660 O  O   . GLU A 1 82  ? -1.772  -13.840 -10.617 1.00 30.40 ? 81  GLU A O   1 
ATOM   661 C  CB  . GLU A 1 82  ? -1.058  -14.964 -13.474 1.00 32.90 ? 81  GLU A CB  1 
ATOM   662 C  CG  . GLU A 1 82  ? -1.428  -14.660 -14.915 1.00 36.13 ? 81  GLU A CG  1 
ATOM   663 C  CD  . GLU A 1 82  ? -2.111  -15.819 -15.599 1.00 36.70 ? 81  GLU A CD  1 
ATOM   664 O  OE1 . GLU A 1 82  ? -2.241  -16.894 -14.977 1.00 46.23 ? 81  GLU A OE1 1 
ATOM   665 O  OE2 . GLU A 1 82  ? -2.521  -15.653 -16.768 1.00 49.62 ? 81  GLU A OE2 1 
ATOM   666 N  N   . ASP A 1 83  ? 0.407   -14.385 -10.598 1.00 29.61 ? 82  ASP A N   1 
ATOM   667 C  CA  . ASP A 1 83  ? 0.507   -14.461 -9.155  1.00 27.58 ? 82  ASP A CA  1 
ATOM   668 C  C   . ASP A 1 83  ? 0.759   -13.069 -8.578  1.00 26.86 ? 82  ASP A C   1 
ATOM   669 O  O   . ASP A 1 83  ? 1.893   -12.713 -8.211  1.00 24.35 ? 82  ASP A O   1 
ATOM   670 C  CB  . ASP A 1 83  ? 1.619   -15.421 -8.741  1.00 30.08 ? 82  ASP A CB  1 
ATOM   671 C  CG  . ASP A 1 83  ? 1.583   -15.748 -7.267  1.00 28.26 ? 82  ASP A CG  1 
ATOM   672 O  OD1 . ASP A 1 83  ? 0.837   -15.080 -6.530  1.00 30.65 ? 82  ASP A OD1 1 
ATOM   673 O  OD2 . ASP A 1 83  ? 2.297   -16.683 -6.847  1.00 37.37 ? 82  ASP A OD2 1 
ATOM   674 N  N   . VAL A 1 84  ? -0.318  -12.299 -8.465  1.00 25.18 ? 83  VAL A N   1 
ATOM   675 C  CA  . VAL A 1 84  ? -0.236  -10.920 -7.982  1.00 26.95 ? 83  VAL A CA  1 
ATOM   676 C  C   . VAL A 1 84  ? 0.211   -10.824 -6.519  1.00 27.15 ? 83  VAL A C   1 
ATOM   677 O  O   . VAL A 1 84  ? 0.887   -9.872  -6.115  1.00 28.90 ? 83  VAL A O   1 
ATOM   678 C  CB  . VAL A 1 84  ? -1.591  -10.199 -8.148  1.00 26.64 ? 83  VAL A CB  1 
ATOM   679 C  CG1 . VAL A 1 84  ? -1.424  -8.687  -7.898  1.00 30.80 ? 83  VAL A CG1 1 
ATOM   680 C  CG2 . VAL A 1 84  ? -2.153  -10.451 -9.516  1.00 32.52 ? 83  VAL A CG2 1 
ATOM   681 N  N   . ALA A 1 85  ? -0.168  -11.821 -5.725  1.00 29.04 ? 84  ALA A N   1 
ATOM   682 C  CA  . ALA A 1 85  ? 0.218   -11.884 -4.328  1.00 26.18 ? 84  ALA A CA  1 
ATOM   683 C  C   . ALA A 1 85  ? 1.737   -12.005 -4.189  1.00 28.16 ? 84  ALA A C   1 
ATOM   684 O  O   . ALA A 1 85  ? 2.333   -11.396 -3.299  1.00 29.78 ? 84  ALA A O   1 
ATOM   685 C  CB  . ALA A 1 85  ? -0.477  -13.037 -3.663  1.00 26.64 ? 84  ALA A CB  1 
ATOM   686 N  N   . ALA A 1 86  ? 2.365   -12.776 -5.075  1.00 29.53 ? 85  ALA A N   1 
ATOM   687 C  CA  . ALA A 1 86  ? 3.818   -12.909 -5.061  1.00 29.27 ? 85  ALA A CA  1 
ATOM   688 C  C   . ALA A 1 86  ? 4.488   -11.579 -5.400  1.00 31.08 ? 85  ALA A C   1 
ATOM   689 O  O   . ALA A 1 86  ? 5.521   -11.243 -4.832  1.00 30.36 ? 85  ALA A O   1 
ATOM   690 C  CB  . ALA A 1 86  ? 4.259   -13.979 -6.005  1.00 30.87 ? 85  ALA A CB  1 
ATOM   691 N  N   . PHE A 1 87  ? 3.896   -10.826 -6.330  1.00 29.19 ? 86  PHE A N   1 
ATOM   692 C  CA  . PHE A 1 87  ? 4.357   -9.482  -6.649  1.00 28.17 ? 86  PHE A CA  1 
ATOM   693 C  C   . PHE A 1 87  ? 4.306   -8.593  -5.404  1.00 28.15 ? 86  PHE A C   1 
ATOM   694 O  O   . PHE A 1 87  ? 5.255   -7.897  -5.113  1.00 26.06 ? 86  PHE A O   1 
ATOM   695 C  CB  . PHE A 1 87  ? 3.501   -8.892  -7.782  1.00 27.81 ? 86  PHE A CB  1 
ATOM   696 C  CG  . PHE A 1 87  ? 3.593   -7.410  -7.918  1.00 26.92 ? 86  PHE A CG  1 
ATOM   697 C  CD1 . PHE A 1 87  ? 4.653   -6.831  -8.591  1.00 30.64 ? 86  PHE A CD1 1 
ATOM   698 C  CD2 . PHE A 1 87  ? 2.597   -6.593  -7.416  1.00 33.47 ? 86  PHE A CD2 1 
ATOM   699 C  CE1 . PHE A 1 87  ? 4.748   -5.473  -8.706  1.00 28.91 ? 86  PHE A CE1 1 
ATOM   700 C  CE2 . PHE A 1 87  ? 2.684   -5.229  -7.537  1.00 30.83 ? 86  PHE A CE2 1 
ATOM   701 C  CZ  . PHE A 1 87  ? 3.764   -4.666  -8.186  1.00 29.45 ? 86  PHE A CZ  1 
ATOM   702 N  N   . CYS A 1 88  ? 3.193   -8.608  -4.686  1.00 29.69 ? 87  CYS A N   1 
ATOM   703 C  CA  . CYS A 1 88  ? 3.069   -7.806  -3.465  1.00 31.99 ? 87  CYS A CA  1 
ATOM   704 C  C   . CYS A 1 88  ? 4.150   -8.170  -2.432  1.00 31.40 ? 87  CYS A C   1 
ATOM   705 O  O   . CYS A 1 88  ? 4.633   -7.288  -1.719  1.00 32.37 ? 87  CYS A O   1 
ATOM   706 C  CB  . CYS A 1 88  ? 1.684   -7.960  -2.860  1.00 31.63 ? 87  CYS A CB  1 
ATOM   707 S  SG  . CYS A 1 88  ? 0.393   -7.310  -3.876  1.00 30.43 ? 87  CYS A SG  1 
ATOM   708 N  N   . ASP A 1 89  ? 4.551   -9.446  -2.404  1.00 32.30 ? 88  ASP A N   1 
ATOM   709 C  CA  . ASP A 1 89  ? 5.634   -9.940  -1.535  1.00 34.77 ? 88  ASP A CA  1 
ATOM   710 C  C   . ASP A 1 89  ? 6.983   -9.344  -1.854  1.00 36.32 ? 88  ASP A C   1 
ATOM   711 O  O   . ASP A 1 89  ? 7.708   -8.928  -0.950  1.00 38.77 ? 88  ASP A O   1 
ATOM   712 C  CB  . ASP A 1 89  ? 5.811   -11.456 -1.674  1.00 36.64 ? 88  ASP A CB  1 
ATOM   713 C  CG  . ASP A 1 89  ? 4.705   -12.245 -1.030  1.00 40.35 ? 88  ASP A CG  1 
ATOM   714 O  OD1 . ASP A 1 89  ? 3.851   -11.652 -0.319  1.00 33.52 ? 88  ASP A OD1 1 
ATOM   715 O  OD2 . ASP A 1 89  ? 4.705   -13.477 -1.261  1.00 43.26 ? 88  ASP A OD2 1 
ATOM   716 N  N   . GLU A 1 90  ? 7.363   -9.374  -3.123  1.00 36.55 ? 89  GLU A N   1 
ATOM   717 C  CA  . GLU A 1 90  ? 8.613   -8.745  -3.539  1.00 38.77 ? 89  GLU A CA  1 
ATOM   718 C  C   . GLU A 1 90  ? 8.564   -7.255  -3.241  1.00 37.89 ? 89  GLU A C   1 
ATOM   719 O  O   . GLU A 1 90  ? 9.558   -6.644  -2.836  1.00 38.47 ? 89  GLU A O   1 
ATOM   720 C  CB  . GLU A 1 90  ? 8.877   -8.968  -5.030  1.00 40.39 ? 89  GLU A CB  1 
ATOM   721 C  CG  . GLU A 1 90  ? 9.663   -10.224 -5.325  1.00 49.12 ? 89  GLU A CG  1 
ATOM   722 C  CD  . GLU A 1 90  ? 10.994  -10.232 -4.594  1.00 56.49 ? 89  GLU A CD  1 
ATOM   723 O  OE1 . GLU A 1 90  ? 11.749  -9.239  -4.735  1.00 61.21 ? 89  GLU A OE1 1 
ATOM   724 O  OE2 . GLU A 1 90  ? 11.266  -11.213 -3.863  1.00 61.28 ? 89  GLU A OE2 1 
ATOM   725 N  N   . LEU A 1 91  ? 7.389   -6.682  -3.455  1.00 36.03 ? 90  LEU A N   1 
ATOM   726 C  CA  . LEU A 1 91  ? 7.177   -5.270  -3.240  1.00 36.21 ? 90  LEU A CA  1 
ATOM   727 C  C   . LEU A 1 91  ? 7.418   -4.950  -1.767  1.00 34.22 ? 90  LEU A C   1 
ATOM   728 O  O   . LEU A 1 91  ? 8.099   -4.003  -1.456  1.00 35.27 ? 90  LEU A O   1 
ATOM   729 C  CB  . LEU A 1 91  ? 5.752   -4.906  -3.656  1.00 37.90 ? 90  LEU A CB  1 
ATOM   730 C  CG  . LEU A 1 91  ? 5.341   -3.450  -3.778  1.00 37.63 ? 90  LEU A CG  1 
ATOM   731 C  CD1 . LEU A 1 91  ? 6.217   -2.726  -4.765  1.00 47.61 ? 90  LEU A CD1 1 
ATOM   732 C  CD2 . LEU A 1 91  ? 3.903   -3.390  -4.217  1.00 37.71 ? 90  LEU A CD2 1 
HETATM 733 N  N   . MSE A 1 92  ? 6.882   -5.776  -0.881  1.00 33.91 ? 91  MSE A N   1 
HETATM 734 C  CA  . MSE A 1 92  ? 6.928   -5.545  0.571   1.00 34.54 ? 91  MSE A CA  1 
HETATM 735 C  C   . MSE A 1 92  ? 8.126   -6.133  1.319   1.00 38.39 ? 91  MSE A C   1 
HETATM 736 O  O   . MSE A 1 92  ? 8.178   -6.019  2.539   1.00 39.53 ? 91  MSE A O   1 
HETATM 737 C  CB  . MSE A 1 92  ? 5.681   -6.143  1.211   1.00 31.56 ? 91  MSE A CB  1 
HETATM 738 C  CG  . MSE A 1 92  ? 4.416   -5.441  0.894   1.00 35.44 ? 91  MSE A CG  1 
HETATM 739 SE SE  . MSE A 1 92  ? 4.301   -3.774  1.816   0.75 38.62 ? 91  MSE A SE  1 
HETATM 740 C  CE  . MSE A 1 92  ? 4.368   -4.455  3.655   1.00 40.61 ? 91  MSE A CE  1 
ATOM   741 N  N   . LYS A 1 93  ? 9.077   -6.754  0.624   1.00 41.65 ? 92  LYS A N   1 
ATOM   742 C  CA  . LYS A 1 93  ? 10.071  -7.595  1.299   1.00 45.62 ? 92  LYS A CA  1 
ATOM   743 C  C   . LYS A 1 93  ? 10.925  -6.862  2.345   1.00 46.99 ? 92  LYS A C   1 
ATOM   744 O  O   . LYS A 1 93  ? 11.387  -7.486  3.318   1.00 48.04 ? 92  LYS A O   1 
ATOM   745 C  CB  . LYS A 1 93  ? 10.969  -8.341  0.288   1.00 46.03 ? 92  LYS A CB  1 
ATOM   746 C  CG  . LYS A 1 93  ? 11.991  -7.480  -0.471  1.00 50.73 ? 92  LYS A CG  1 
ATOM   747 C  CD  . LYS A 1 93  ? 12.948  -8.346  -1.311  1.00 48.23 ? 92  LYS A CD  1 
ATOM   748 N  N   . ASP A 1 94  ? 11.128  -5.558  2.152   1.00 46.16 ? 93  ASP A N   1 
ATOM   749 C  CA  . ASP A 1 94  ? 11.945  -4.760  3.069   1.00 46.91 ? 93  ASP A CA  1 
ATOM   750 C  C   . ASP A 1 94  ? 11.114  -3.718  3.806   1.00 42.56 ? 93  ASP A C   1 
ATOM   751 O  O   . ASP A 1 94  ? 11.641  -2.750  4.345   1.00 43.19 ? 93  ASP A O   1 
ATOM   752 C  CB  . ASP A 1 94  ? 13.090  -4.092  2.298   1.00 49.04 ? 93  ASP A CB  1 
ATOM   753 C  CG  . ASP A 1 94  ? 14.097  -5.102  1.760   1.00 55.12 ? 93  ASP A CG  1 
ATOM   754 O  OD1 . ASP A 1 94  ? 14.593  -5.933  2.556   1.00 57.93 ? 93  ASP A OD1 1 
ATOM   755 O  OD2 . ASP A 1 94  ? 14.388  -5.062  0.542   1.00 59.72 ? 93  ASP A OD2 1 
ATOM   756 N  N   . THR A 1 95  ? 9.808   -3.928  3.829   1.00 39.17 ? 94  THR A N   1 
ATOM   757 C  CA  . THR A 1 95  ? 8.889   -3.027  4.501   1.00 35.19 ? 94  THR A CA  1 
ATOM   758 C  C   . THR A 1 95  ? 8.240   -3.789  5.646   1.00 33.84 ? 94  THR A C   1 
ATOM   759 O  O   . THR A 1 95  ? 7.821   -4.942  5.493   1.00 33.30 ? 94  THR A O   1 
ATOM   760 C  CB  . THR A 1 95  ? 7.830   -2.507  3.520   1.00 35.37 ? 94  THR A CB  1 
ATOM   761 O  OG1 . THR A 1 95  ? 8.476   -1.727  2.518   1.00 31.56 ? 94  THR A OG1 1 
ATOM   762 C  CG2 . THR A 1 95  ? 6.795   -1.646  4.207   1.00 33.61 ? 94  THR A CG2 1 
ATOM   763 N  N   . LYS A 1 96  ? 8.161   -3.131  6.791   1.00 33.79 ? 95  LYS A N   1 
ATOM   764 C  CA  . LYS A 1 96  ? 7.553   -3.704  7.975   1.00 34.29 ? 95  LYS A CA  1 
ATOM   765 C  C   . LYS A 1 96  ? 6.076   -3.906  7.716   1.00 32.85 ? 95  LYS A C   1 
ATOM   766 O  O   . LYS A 1 96  ? 5.400   -2.997  7.230   1.00 31.17 ? 95  LYS A O   1 
ATOM   767 C  CB  . LYS A 1 96  ? 7.750   -2.773  9.180   1.00 34.27 ? 95  LYS A CB  1 
ATOM   768 C  CG  . LYS A 1 96  ? 7.317   -3.380  10.522  1.00 37.28 ? 95  LYS A CG  1 
ATOM   769 C  CD  . LYS A 1 96  ? 7.546   -2.407  11.702  1.00 41.53 ? 95  LYS A CD  1 
ATOM   770 C  CE  . LYS A 1 96  ? 9.018   -2.313  12.132  1.00 45.78 ? 95  LYS A CE  1 
ATOM   771 N  N   . THR A 1 97  ? 5.603   -5.115  8.024   1.00 31.90 ? 96  THR A N   1 
ATOM   772 C  CA  . THR A 1 97  ? 4.190   -5.477  7.959   1.00 30.63 ? 96  THR A CA  1 
ATOM   773 C  C   . THR A 1 97  ? 3.592   -5.486  9.354   1.00 31.49 ? 96  THR A C   1 
ATOM   774 O  O   . THR A 1 97  ? 4.317   -5.543  10.361  1.00 33.06 ? 96  THR A O   1 
ATOM   775 C  CB  . THR A 1 97  ? 3.974   -6.898  7.378   1.00 28.04 ? 96  THR A CB  1 
ATOM   776 O  OG1 . THR A 1 97  ? 4.395   -7.884  8.325   1.00 31.89 ? 96  THR A OG1 1 
ATOM   777 C  CG2 . THR A 1 97  ? 4.732   -7.099  6.115   1.00 32.24 ? 96  THR A CG2 1 
ATOM   778 N  N   . TRP A 1 98  ? 2.268   -5.454  9.431   1.00 33.28 ? 97  TRP A N   1 
ATOM   779 C  CA  . TRP A 1 98  ? 1.598   -5.622  10.724  1.00 33.87 ? 97  TRP A CA  1 
ATOM   780 C  C   . TRP A 1 98  ? 1.938   -6.979  11.330  1.00 33.61 ? 97  TRP A C   1 
ATOM   781 O  O   . TRP A 1 98  ? 2.080   -7.094  12.540  1.00 32.02 ? 97  TRP A O   1 
ATOM   782 C  CB  . TRP A 1 98  ? 0.085   -5.472  10.595  1.00 37.55 ? 97  TRP A CB  1 
ATOM   783 C  CG  . TRP A 1 98  ? -0.360  -4.076  10.424  1.00 38.14 ? 97  TRP A CG  1 
ATOM   784 C  CD1 . TRP A 1 98  ? -0.861  -3.515  9.297   1.00 46.10 ? 97  TRP A CD1 1 
ATOM   785 C  CD2 . TRP A 1 98  ? -0.346  -3.046  11.417  1.00 40.82 ? 97  TRP A CD2 1 
ATOM   786 N  NE1 . TRP A 1 98  ? -1.161  -2.192  9.522   1.00 44.73 ? 97  TRP A NE1 1 
ATOM   787 C  CE2 . TRP A 1 98  ? -0.852  -1.881  10.815  1.00 44.39 ? 97  TRP A CE2 1 
ATOM   788 C  CE3 . TRP A 1 98  ? 0.046   -2.998  12.755  1.00 44.61 ? 97  TRP A CE3 1 
ATOM   789 C  CZ2 . TRP A 1 98  ? -0.981  -0.677  11.504  1.00 47.86 ? 97  TRP A CZ2 1 
ATOM   790 C  CZ3 . TRP A 1 98  ? -0.079  -1.803  13.441  1.00 47.24 ? 97  TRP A CZ3 1 
ATOM   791 C  CH2 . TRP A 1 98  ? -0.589  -0.657  12.812  1.00 44.54 ? 97  TRP A CH2 1 
HETATM 792 N  N   . MSE A 1 99  ? 2.086   -8.008  10.500  1.00 34.15 ? 98  MSE A N   1 
HETATM 793 C  CA  . MSE A 1 99  ? 2.498   -9.321  11.022  1.00 34.48 ? 98  MSE A CA  1 
HETATM 794 C  C   . MSE A 1 99  ? 3.847   -9.255  11.732  1.00 33.24 ? 98  MSE A C   1 
HETATM 795 O  O   . MSE A 1 99  ? 3.999   -9.804  12.821  1.00 33.08 ? 98  MSE A O   1 
HETATM 796 C  CB  . MSE A 1 99  ? 2.557   -10.373 9.919   1.00 34.22 ? 98  MSE A CB  1 
HETATM 797 C  CG  . MSE A 1 99  ? 1.239   -11.038 9.630   1.00 43.91 ? 98  MSE A CG  1 
HETATM 798 SE SE  . MSE A 1 99  ? 0.426   -12.003 11.129  0.75 53.31 ? 98  MSE A SE  1 
HETATM 799 C  CE  . MSE A 1 99  ? -0.834  -11.022 11.577  1.00 51.60 ? 98  MSE A CE  1 
ATOM   800 N  N   . ASP A 1 100 ? 4.812   -8.574  11.122  1.00 33.30 ? 99  ASP A N   1 
ATOM   801 C  CA  . ASP A 1 100 ? 6.101   -8.297  11.761  1.00 33.73 ? 99  ASP A CA  1 
ATOM   802 C  C   . ASP A 1 100 ? 5.929   -7.698  13.154  1.00 34.74 ? 99  ASP A C   1 
ATOM   803 O  O   . ASP A 1 100 ? 6.578   -8.132  14.107  1.00 35.02 ? 99  ASP A O   1 
ATOM   804 C  CB  . ASP A 1 100 ? 6.939   -7.341  10.915  1.00 35.22 ? 99  ASP A CB  1 
ATOM   805 C  CG  . ASP A 1 100 ? 7.397   -7.949  9.633   1.00 34.57 ? 99  ASP A CG  1 
ATOM   806 O  OD1 . ASP A 1 100 ? 7.494   -9.188  9.568   1.00 42.89 ? 99  ASP A OD1 1 
ATOM   807 O  OD2 . ASP A 1 100 ? 7.660   -7.193  8.684   1.00 38.20 ? 99  ASP A OD2 1 
ATOM   808 N  N   . LYS A 1 101 ? 5.059   -6.697  13.263  1.00 35.24 ? 100 LYS A N   1 
ATOM   809 C  CA  . LYS A 1 101 ? 4.762   -6.070  14.546  1.00 34.99 ? 100 LYS A CA  1 
ATOM   810 C  C   . LYS A 1 101 ? 4.102   -7.037  15.523  1.00 33.61 ? 100 LYS A C   1 
ATOM   811 O  O   . LYS A 1 101 ? 4.381   -6.994  16.716  1.00 32.95 ? 100 LYS A O   1 
ATOM   812 C  CB  . LYS A 1 101 ? 3.863   -4.849  14.360  1.00 34.52 ? 100 LYS A CB  1 
ATOM   813 C  CG  . LYS A 1 101 ? 4.533   -3.701  13.627  1.00 39.09 ? 100 LYS A CG  1 
ATOM   814 C  CD  . LYS A 1 101 ? 3.629   -2.468  13.562  1.00 40.95 ? 100 LYS A CD  1 
ATOM   815 C  CE  . LYS A 1 101 ? 3.640   -1.674  14.872  1.00 50.03 ? 100 LYS A CE  1 
ATOM   816 N  NZ  . LYS A 1 101 ? 4.942   -0.972  15.092  1.00 54.27 ? 100 LYS A NZ  1 
ATOM   817 N  N   . TYR A 1 102 ? 3.219   -7.904  15.036  1.00 32.39 ? 101 TYR A N   1 
ATOM   818 C  CA  . TYR A 1 102 ? 2.545   -8.847  15.934  1.00 30.79 ? 101 TYR A CA  1 
ATOM   819 C  C   . TYR A 1 102 ? 3.481   -9.934  16.444  1.00 29.75 ? 101 TYR A C   1 
ATOM   820 O  O   . TYR A 1 102 ? 3.299   -10.430 17.552  1.00 30.23 ? 101 TYR A O   1 
ATOM   821 C  CB  . TYR A 1 102 ? 1.335   -9.489  15.262  1.00 32.13 ? 101 TYR A CB  1 
ATOM   822 C  CG  . TYR A 1 102 ? 0.273   -8.527  14.794  1.00 31.19 ? 101 TYR A CG  1 
ATOM   823 C  CD1 . TYR A 1 102 ? -0.012  -7.349  15.473  1.00 38.63 ? 101 TYR A CD1 1 
ATOM   824 C  CD2 . TYR A 1 102 ? -0.463  -8.816  13.683  1.00 36.94 ? 101 TYR A CD2 1 
ATOM   825 C  CE1 . TYR A 1 102 ? -0.997  -6.488  15.013  1.00 35.68 ? 101 TYR A CE1 1 
ATOM   826 C  CE2 . TYR A 1 102 ? -1.442  -7.977  13.221  1.00 40.45 ? 101 TYR A CE2 1 
ATOM   827 C  CZ  . TYR A 1 102 ? -1.707  -6.817  13.902  1.00 37.15 ? 101 TYR A CZ  1 
ATOM   828 O  OH  . TYR A 1 102 ? -2.687  -5.980  13.427  1.00 45.56 ? 101 TYR A OH  1 
ATOM   829 N  N   . ARG A 1 103 ? 4.455   -10.322 15.631  1.00 30.12 ? 102 ARG A N   1 
ATOM   830 C  CA  . ARG A 1 103 ? 5.490   -11.269 16.059  1.00 32.81 ? 102 ARG A CA  1 
ATOM   831 C  C   . ARG A 1 103 ? 6.280   -10.683 17.227  1.00 32.57 ? 102 ARG A C   1 
ATOM   832 O  O   . ARG A 1 103 ? 6.540   -11.362 18.218  1.00 33.70 ? 102 ARG A O   1 
ATOM   833 C  CB  . ARG A 1 103 ? 6.450   -11.603 14.918  1.00 30.52 ? 102 ARG A CB  1 
ATOM   834 C  CG  . ARG A 1 103 ? 5.815   -12.316 13.739  1.00 36.74 ? 102 ARG A CG  1 
ATOM   835 C  CD  . ARG A 1 103 ? 6.768   -12.383 12.556  1.00 38.87 ? 102 ARG A CD  1 
ATOM   836 N  NE  . ARG A 1 103 ? 7.809   -13.390 12.752  1.00 47.84 ? 102 ARG A NE  1 
ATOM   837 C  CZ  . ARG A 1 103 ? 7.643   -14.701 12.563  1.00 51.44 ? 102 ARG A CZ  1 
ATOM   838 N  NH1 . ARG A 1 103 ? 6.465   -15.182 12.165  1.00 51.73 ? 102 ARG A NH1 1 
ATOM   839 N  NH2 . ARG A 1 103 ? 8.664   -15.534 12.777  1.00 47.97 ? 102 ARG A NH2 1 
ATOM   840 N  N   . THR A 1 104 ? 6.647   -9.413  17.101  1.00 31.99 ? 103 THR A N   1 
ATOM   841 C  CA  . THR A 1 104 ? 7.313   -8.700  18.176  1.00 32.98 ? 103 THR A CA  1 
ATOM   842 C  C   . THR A 1 104 ? 6.440   -8.634  19.422  1.00 31.55 ? 103 THR A C   1 
ATOM   843 O  O   . THR A 1 104 ? 6.908   -8.931  20.511  1.00 32.89 ? 103 THR A O   1 
ATOM   844 C  CB  . THR A 1 104 ? 7.688   -7.282  17.727  1.00 32.92 ? 103 THR A CB  1 
ATOM   845 O  OG1 . THR A 1 104 ? 8.490   -7.379  16.551  1.00 37.14 ? 103 THR A OG1 1 
ATOM   846 C  CG2 . THR A 1 104 ? 8.473   -6.537  18.812  1.00 36.26 ? 103 THR A CG2 1 
ATOM   847 N  N   . LYS A 1 105 ? 5.176   -8.248  19.268  1.00 31.00 ? 104 LYS A N   1 
ATOM   848 C  CA  . LYS A 1 105 ? 4.259   -8.196  20.415  1.00 30.69 ? 104 LYS A CA  1 
ATOM   849 C  C   . LYS A 1 105 ? 4.195   -9.556  21.143  1.00 29.22 ? 104 LYS A C   1 
ATOM   850 O  O   . LYS A 1 105 ? 4.306   -9.625  22.353  1.00 29.34 ? 104 LYS A O   1 
ATOM   851 C  CB  . LYS A 1 105 ? 2.862   -7.742  19.971  1.00 30.03 ? 104 LYS A CB  1 
ATOM   852 C  CG  . LYS A 1 105 ? 1.909   -7.434  21.134  1.00 34.55 ? 104 LYS A CG  1 
ATOM   853 C  CD  . LYS A 1 105 ? 0.590   -6.820  20.657  1.00 35.65 ? 104 LYS A CD  1 
ATOM   854 N  N   . LEU A 1 106 ? 4.050   -10.640 20.387  1.00 27.90 ? 105 LEU A N   1 
ATOM   855 C  CA  . LEU A 1 106 ? 3.982   -11.980 20.964  1.00 26.95 ? 105 LEU A CA  1 
ATOM   856 C  C   . LEU A 1 106 ? 5.257   -12.300 21.754  1.00 27.25 ? 105 LEU A C   1 
ATOM   857 O  O   . LEU A 1 106 ? 5.214   -12.678 22.935  1.00 27.62 ? 105 LEU A O   1 
ATOM   858 C  CB  . LEU A 1 106 ? 3.782   -13.008 19.845  1.00 25.67 ? 105 LEU A CB  1 
ATOM   859 C  CG  . LEU A 1 106 ? 3.768   -14.474 20.303  1.00 23.98 ? 105 LEU A CG  1 
ATOM   860 C  CD1 . LEU A 1 106 ? 2.655   -14.713 21.275  1.00 24.38 ? 105 LEU A CD1 1 
ATOM   861 C  CD2 . LEU A 1 106 ? 3.659   -15.377 19.135  1.00 25.14 ? 105 LEU A CD2 1 
ATOM   862 N  N   . ASN A 1 107 ? 6.396   -12.135 21.091  1.00 28.03 ? 106 ASN A N   1 
ATOM   863 C  CA  . ASN A 1 107 ? 7.692   -12.422 21.702  1.00 27.86 ? 106 ASN A CA  1 
ATOM   864 C  C   . ASN A 1 107 ? 7.979   -11.561 22.934  1.00 28.77 ? 106 ASN A C   1 
ATOM   865 O  O   . ASN A 1 107 ? 8.472   -12.058 23.928  1.00 30.29 ? 106 ASN A O   1 
ATOM   866 C  CB  . ASN A 1 107 ? 8.803   -12.267 20.663  1.00 27.66 ? 106 ASN A CB  1 
ATOM   867 C  CG  . ASN A 1 107 ? 8.735   -13.322 19.553  1.00 21.81 ? 106 ASN A CG  1 
ATOM   868 O  OD1 . ASN A 1 107 ? 8.030   -14.336 19.652  1.00 27.46 ? 106 ASN A OD1 1 
ATOM   869 N  ND2 . ASN A 1 107 ? 9.500   -13.095 18.503  1.00 24.33 ? 106 ASN A ND2 1 
ATOM   870 N  N   . ASP A 1 108 ? 7.645   -10.278 22.871  1.00 30.67 ? 107 ASP A N   1 
ATOM   871 C  CA  . ASP A 1 108 ? 7.825   -9.382  24.017  1.00 31.92 ? 107 ASP A CA  1 
ATOM   872 C  C   . ASP A 1 108 ? 6.866   -9.730  25.148  1.00 30.76 ? 107 ASP A C   1 
ATOM   873 O  O   . ASP A 1 108 ? 7.215   -9.645  26.325  1.00 32.73 ? 107 ASP A O   1 
ATOM   874 C  CB  . ASP A 1 108 ? 7.621   -7.915  23.598  1.00 33.42 ? 107 ASP A CB  1 
ATOM   875 C  CG  . ASP A 1 108 ? 8.741   -7.393  22.698  1.00 38.96 ? 107 ASP A CG  1 
ATOM   876 O  OD1 . ASP A 1 108 ? 9.745   -8.115  22.489  1.00 44.00 ? 107 ASP A OD1 1 
ATOM   877 O  OD2 . ASP A 1 108 ? 8.612   -6.254  22.192  1.00 48.45 ? 107 ASP A OD2 1 
ATOM   878 N  N   . SER A 1 109 ? 5.650   -10.111 24.796  1.00 28.53 ? 108 SER A N   1 
ATOM   879 C  CA  . SER A 1 109 ? 4.655   -10.497 25.792  1.00 27.05 ? 108 SER A CA  1 
ATOM   880 C  C   . SER A 1 109 ? 5.096   -11.689 26.622  1.00 25.32 ? 108 SER A C   1 
ATOM   881 O  O   . SER A 1 109 ? 4.988   -11.689 27.840  1.00 28.26 ? 108 SER A O   1 
ATOM   882 C  CB  . SER A 1 109 ? 3.329   -10.809 25.093  1.00 25.50 ? 108 SER A CB  1 
ATOM   883 O  OG  . SER A 1 109 ? 2.346   -11.123 26.051  1.00 34.06 ? 108 SER A OG  1 
ATOM   884 N  N   . ILE A 1 110 ? 5.602   -12.714 25.964  1.00 26.19 ? 109 ILE A N   1 
ATOM   885 C  CA  . ILE A 1 110 ? 5.987   -13.933 26.653  1.00 24.67 ? 109 ILE A CA  1 
ATOM   886 C  C   . ILE A 1 110 ? 7.350   -13.758 27.320  1.00 26.64 ? 109 ILE A C   1 
ATOM   887 O  O   . ILE A 1 110 ? 7.588   -14.286 28.400  1.00 26.66 ? 109 ILE A O   1 
ATOM   888 C  CB  . ILE A 1 110 ? 5.924   -15.148 25.715  1.00 23.16 ? 109 ILE A CB  1 
ATOM   889 C  CG1 . ILE A 1 110 ? 4.460   -15.520 25.487  1.00 22.99 ? 109 ILE A CG1 1 
ATOM   890 C  CG2 . ILE A 1 110 ? 6.631   -16.388 26.314  1.00 18.50 ? 109 ILE A CG2 1 
ATOM   891 C  CD1 . ILE A 1 110 ? 4.233   -16.421 24.340  1.00 26.16 ? 109 ILE A CD1 1 
ATOM   892 N  N   . GLY A 1 111 ? 8.231   -12.996 26.682  1.00 30.57 ? 110 GLY A N   1 
ATOM   893 C  CA  . GLY A 1 111 ? 9.530   -12.687 27.268  1.00 34.63 ? 110 GLY A CA  1 
ATOM   894 C  C   . GLY A 1 111 ? 10.317  -13.951 27.537  1.00 37.64 ? 110 GLY A C   1 
ATOM   895 O  O   . GLY A 1 111 ? 10.436  -14.813 26.658  1.00 37.86 ? 110 GLY A O   1 
ATOM   896 N  N   . ARG A 1 112 ? 10.841  -14.071 28.755  1.00 39.35 ? 111 ARG A N   1 
ATOM   897 C  CA  . ARG A 1 112 ? 11.587  -15.257 29.154  1.00 41.63 ? 111 ARG A CA  1 
ATOM   898 C  C   . ARG A 1 112 ? 10.742  -16.192 30.033  1.00 41.63 ? 111 ARG A C   1 
ATOM   899 O  O   . ARG A 1 112 ? 11.298  -16.994 30.770  1.00 40.43 ? 111 ARG A O   1 
ATOM   900 C  CB  . ARG A 1 112 ? 12.884  -14.848 29.881  1.00 42.34 ? 111 ARG A CB  1 
ATOM   901 C  CG  . ARG A 1 112 ? 13.787  -13.905 29.070  1.00 43.56 ? 111 ARG A CG  1 
ATOM   902 C  CD  . ARG A 1 112 ? 15.156  -13.723 29.720  1.00 42.51 ? 111 ARG A CD  1 
ATOM   903 N  N   . ASP A 1 113 ? 9.410   -16.105 29.937  1.00 42.85 ? 112 ASP A N   1 
ATOM   904 C  CA  . ASP A 1 113 ? 8.496   -16.963 30.741  1.00 43.33 ? 112 ASP A CA  1 
ATOM   905 C  C   . ASP A 1 113 ? 8.596   -18.461 30.396  1.00 41.50 ? 112 ASP A C   1 
ATOM   906 O  O   . ASP A 1 113 ? 8.175   -19.322 31.186  1.00 42.84 ? 112 ASP A O   1 
ATOM   907 C  CB  . ASP A 1 113 ? 7.023   -16.514 30.579  1.00 44.78 ? 112 ASP A CB  1 
ATOM   908 C  CG  . ASP A 1 113 ? 6.696   -15.217 31.328  1.00 48.61 ? 112 ASP A CG  1 
ATOM   909 O  OD1 . ASP A 1 113 ? 7.479   -14.800 32.221  1.00 48.26 ? 112 ASP A OD1 1 
ATOM   910 O  OD2 . ASP A 1 113 ? 5.635   -14.621 31.020  1.00 46.38 ? 112 ASP A OD2 1 
ATOM   911 O  OXT . ASP A 1 113 ? 9.088   -18.851 29.336  1.00 37.27 ? 112 ASP A OXT 1 
HETATM 912 O  O   . HOH B 2 .   ? -3.297  7.824   -12.977 1.00 30.74 ? 113 HOH A O   1 
HETATM 913 O  O   . HOH B 2 .   ? 1.443   13.754  4.861   1.00 62.95 ? 114 HOH A O   1 
HETATM 914 O  O   . HOH B 2 .   ? -4.088  12.825  -8.456  1.00 33.35 ? 115 HOH A O   1 
HETATM 915 O  O   . HOH B 2 .   ? 3.702   -15.996 29.527  1.00 38.01 ? 116 HOH A O   1 
HETATM 916 O  O   . HOH B 2 .   ? 7.277   -2.192  -22.745 1.00 39.69 ? 117 HOH A O   1 
HETATM 917 O  O   . HOH B 2 .   ? -9.005  10.707  -11.487 1.00 27.96 ? 118 HOH A O   1 
HETATM 918 O  O   . HOH B 2 .   ? -9.875  11.284  -5.247  1.00 30.11 ? 119 HOH A O   1 
HETATM 919 O  O   . HOH B 2 .   ? -5.990  15.773  -2.893  1.00 40.81 ? 120 HOH A O   1 
HETATM 920 O  O   . HOH B 2 .   ? -4.756  5.050   -2.985  1.00 37.79 ? 121 HOH A O   1 
HETATM 921 O  O   . HOH B 2 .   ? -7.312  16.678  11.191  1.00 42.08 ? 122 HOH A O   1 
HETATM 922 O  O   . HOH B 2 .   ? -10.119 18.362  -1.915  1.00 45.58 ? 123 HOH A O   1 
HETATM 923 O  O   . HOH B 2 .   ? 9.226   -0.374  6.896   1.00 46.57 ? 124 HOH A O   1 
HETATM 924 O  O   . HOH B 2 .   ? 7.059   4.973   -4.191  1.00 35.30 ? 125 HOH A O   1 
HETATM 925 O  O   . HOH B 2 .   ? -7.576  9.279   -17.367 1.00 48.50 ? 126 HOH A O   1 
HETATM 926 O  O   . HOH B 2 .   ? 9.630   -3.057  0.778   1.00 45.27 ? 127 HOH A O   1 
HETATM 927 O  O   . HOH B 2 .   ? 1.283   10.309  -12.242 1.00 57.55 ? 128 HOH A O   1 
HETATM 928 O  O   . HOH B 2 .   ? -9.720  5.286   -6.900  1.00 40.77 ? 129 HOH A O   1 
HETATM 929 O  O   . HOH B 2 .   ? 3.683   7.692   -13.868 1.00 46.71 ? 130 HOH A O   1 
HETATM 930 O  O   . HOH B 2 .   ? 2.189   -2.840  -25.438 1.00 40.44 ? 131 HOH A O   1 
HETATM 931 O  O   . HOH B 2 .   ? -1.003  5.771   -17.792 1.00 38.79 ? 132 HOH A O   1 
HETATM 932 O  O   . HOH B 2 .   ? 3.900   -12.310 -9.781  1.00 50.94 ? 133 HOH A O   1 
HETATM 933 O  O   . HOH B 2 .   ? 7.396   -4.594  -22.338 1.00 53.61 ? 134 HOH A O   1 
HETATM 934 O  O   . HOH B 2 .   ? 6.897   7.551   1.850   1.00 52.54 ? 135 HOH A O   1 
HETATM 935 O  O   . HOH B 2 .   ? 5.212   5.629   -14.185 1.00 52.35 ? 136 HOH A O   1 
HETATM 936 O  O   . HOH B 2 .   ? -10.889 11.121  -9.656  0.50 28.79 ? 137 HOH A O   1 
HETATM 937 O  O   . HOH B 2 .   ? -7.426  12.416  -12.005 1.00 32.20 ? 138 HOH A O   1 
HETATM 938 O  O   . HOH B 2 .   ? -0.109  10.590  -5.781  1.00 49.53 ? 139 HOH A O   1 
HETATM 939 O  O   . HOH B 2 .   ? -7.321  14.921  -5.640  1.00 30.85 ? 140 HOH A O   1 
HETATM 940 O  O   . HOH B 2 .   ? -10.781 9.535   -7.330  1.00 31.84 ? 141 HOH A O   1 
HETATM 941 O  O   . HOH B 2 .   ? -9.607  13.659  -6.146  1.00 33.48 ? 142 HOH A O   1 
HETATM 942 O  O   . HOH B 2 .   ? -4.868  11.773  -11.106 1.00 33.67 ? 143 HOH A O   1 
HETATM 943 O  O   . HOH B 2 .   ? 2.334   -10.117 0.424   1.00 42.73 ? 144 HOH A O   1 
HETATM 944 O  O   . HOH B 2 .   ? -1.011  5.019   -24.484 0.50 43.10 ? 145 HOH A O   1 
HETATM 945 O  O   . HOH B 2 .   ? -3.143  10.460  -12.955 1.00 37.47 ? 146 HOH A O   1 
HETATM 946 O  O   . HOH B 2 .   ? -3.917  17.094  -3.925  1.00 52.85 ? 147 HOH A O   1 
HETATM 947 O  O   . HOH B 2 .   ? -0.900  11.678  -12.158 1.00 55.77 ? 148 HOH A O   1 
HETATM 948 O  O   . HOH B 2 .   ? 3.138   -14.903 -11.827 1.00 62.60 ? 149 HOH A O   1 
HETATM 949 O  O   . HOH B 2 .   ? 4.570   -13.212 10.449  1.00 66.08 ? 150 HOH A O   1 
HETATM 950 O  O   . HOH B 2 .   ? -3.131  7.747   -15.809 1.00 41.89 ? 151 HOH A O   1 
HETATM 951 O  O   . HOH B 2 .   ? -1.999  -1.817  5.848   1.00 47.26 ? 152 HOH A O   1 
HETATM 952 O  O   . HOH B 2 .   ? 3.150   -8.708  2.452   1.00 45.05 ? 153 HOH A O   1 
HETATM 953 O  O   . HOH B 2 .   ? -10.977 10.069  -3.204  1.00 49.00 ? 154 HOH A O   1 
HETATM 954 O  O   . HOH B 2 .   ? -10.967 3.936   -13.646 1.00 46.69 ? 155 HOH A O   1 
HETATM 955 O  O   . HOH B 2 .   ? 0.229   -16.603 -4.171  1.00 59.13 ? 156 HOH A O   1 
HETATM 956 O  O   . HOH B 2 .   ? 5.804   -8.997  2.848   1.00 61.10 ? 157 HOH A O   1 
HETATM 957 O  O   . HOH B 2 .   ? -7.813  14.668  9.190   1.00 58.17 ? 158 HOH A O   1 
HETATM 958 O  O   . HOH B 2 .   ? -8.133  -8.801  -2.798  1.00 46.63 ? 159 HOH A O   1 
HETATM 959 O  O   . HOH B 2 .   ? -10.326 -8.802  -3.882  1.00 58.70 ? 160 HOH A O   1 
HETATM 960 O  O   . HOH B 2 .   ? 6.492   5.748   -16.648 1.00 58.63 ? 161 HOH A O   1 
HETATM 961 O  O   . HOH B 2 .   ? -0.636  11.762  -3.099  1.00 49.05 ? 162 HOH A O   1 
HETATM 962 O  O   . HOH B 2 .   ? -7.205  14.580  13.385  1.00 56.47 ? 163 HOH A O   1 
HETATM 963 O  O   . HOH B 2 .   ? -0.259  14.383  -3.443  1.00 57.22 ? 164 HOH A O   1 
HETATM 964 O  O   . HOH B 2 .   ? 8.597   4.475   -8.645  1.00 56.50 ? 165 HOH A O   1 
HETATM 965 O  O   . HOH B 2 .   ? -11.690 7.520   -6.740  1.00 41.42 ? 166 HOH A O   1 
HETATM 966 O  O   . HOH B 2 .   ? 10.452  -14.134 24.106  1.00 47.41 ? 167 HOH A O   1 
HETATM 967 O  O   . HOH B 2 .   ? -7.748  17.526  -0.750  1.00 53.75 ? 168 HOH A O   1 
HETATM 968 O  O   . HOH B 2 .   ? 2.613   -15.132 -14.951 1.00 68.04 ? 169 HOH A O   1 
HETATM 969 O  O   . HOH B 2 .   ? -1.321  12.903  12.172  1.00 54.80 ? 170 HOH A O   1 
HETATM 970 O  O   . HOH B 2 .   ? -10.103 15.124  7.678   1.00 60.26 ? 171 HOH A O   1 
HETATM 971 O  O   . HOH B 2 .   ? -10.766 -1.176  -20.198 1.00 45.60 ? 172 HOH A O   1 
HETATM 972 O  O   . HOH B 2 .   ? -10.004 -1.030  -2.080  1.00 58.97 ? 173 HOH A O   1 
HETATM 973 O  O   . HOH B 2 .   ? 7.962   -7.674  5.018   1.00 57.60 ? 174 HOH A O   1 
HETATM 974 O  O   . HOH B 2 .   ? 5.349   -0.400  7.616   1.00 35.75 ? 175 HOH A O   1 
HETATM 975 O  O   . HOH B 2 .   ? 10.125  -12.302 30.869  1.00 65.48 ? 176 HOH A O   1 
HETATM 976 O  O   . HOH B 2 .   ? 3.248   -14.421 32.844  1.00 56.54 ? 177 HOH A O   1 
HETATM 977 O  O   . HOH B 2 .   ? -14.502 -6.492  -11.949 1.00 61.96 ? 178 HOH A O   1 
HETATM 978 O  O   . HOH B 2 .   ? 4.149   -7.990  -21.600 1.00 64.79 ? 179 HOH A O   1 
HETATM 979 O  O   . HOH B 2 .   ? -4.989  -1.697  -23.934 1.00 48.61 ? 180 HOH A O   1 
HETATM 980 O  O   . HOH B 2 .   ? -0.262  8.729   -16.238 1.00 63.62 ? 181 HOH A O   1 
HETATM 981 O  O   . HOH B 2 .   ? 2.530   7.830   -17.722 1.00 68.73 ? 182 HOH A O   1 
HETATM 982 O  O   . HOH B 2 .   ? -6.225  19.912  -0.873  1.00 70.38 ? 183 HOH A O   1 
HETATM 983 O  O   . HOH B 2 .   ? -7.326  -10.346 -0.722  1.00 40.64 ? 184 HOH A O   1 
HETATM 984 O  O   . HOH B 2 .   ? -8.486  -9.933  1.204   1.00 45.87 ? 185 HOH A O   1 
HETATM 985 O  O   . HOH B 2 .   ? 6.987   8.081   -1.114  1.00 57.07 ? 186 HOH A O   1 
HETATM 986 O  O   . HOH B 2 .   ? 6.261   6.837   -5.810  1.00 50.89 ? 187 HOH A O   1 
HETATM 987 O  O   . HOH B 2 .   ? -5.994  14.745  -7.824  1.00 51.38 ? 188 HOH A O   1 
HETATM 988 O  O   . HOH B 2 .   ? 3.262   8.309   -3.274  1.00 56.15 ? 189 HOH A O   1 
HETATM 989 O  O   . HOH B 2 .   ? 9.530   6.647   2.507   1.00 69.11 ? 190 HOH A O   1 
# 
